data_2D4V
#
_entry.id   2D4V
#
_cell.length_a   125.981
_cell.length_b   125.981
_cell.length_c   267.774
_cell.angle_alpha   90.00
_cell.angle_beta   90.00
_cell.angle_gamma   90.00
#
_symmetry.space_group_name_H-M   'P 43 21 2'
#
loop_
_entity.id
_entity.type
_entity.pdbx_description
1 polymer 'isocitrate dehydrogenase'
2 non-polymer 'CITRATE ANION'
3 non-polymer NICOTINAMIDE-ADENINE-DINUCLEOTIDE
4 water water
#
_entity_poly.entity_id   1
_entity_poly.type   'polypeptide(L)'
_entity_poly.pdbx_seq_one_letter_code
;MTTHIQKPATGSPLTLLNGVLQVPDQPIIPFIEGDGIGCDVTPAMRSVVDAAVAKVYGGQRQIAWMELFAGQKAVQLYGE
GQYLPDETMAAIREYKVAIKGPLETPVGGGIRSLNVAMRQDLDLYVCLRPVRYFEGTPSPMRHPEKVDMVIFRENSEDIY
AGIEWPAGSPEAEKIIRFLREEMGVTKIRFPDSSAIGIKPVSTEGSERLIRRTIQYALEHGKPSVSLVHKGNIMKFTEGG
FRDWGYALAEREFAGRVFTWRQKAAISKAEGKAAGQKAEQQAIADGKLIIKDVIADNFLQQILLRPEDYSVVATLNLNGD
YVSDALAAEVGGIGMAPGANLSDTHAIFEATHGTAPDIAGQGKANPSSLILSAVMMLEHLGWGEAAQAIVAAMNATIAAG
EVTGDLAALRGDVPALSTTEFTAALIRRF
;
_entity_poly.pdbx_strand_id   A,B,C,D
#
# COMPACT_ATOMS: atom_id res chain seq x y z
N THR A 3 2.53 -55.42 -4.79
CA THR A 3 1.43 -54.45 -5.02
C THR A 3 0.08 -55.04 -4.68
N HIS A 4 -0.77 -54.15 -4.19
CA HIS A 4 -2.11 -54.49 -3.79
C HIS A 4 -3.08 -53.44 -4.33
N ILE A 5 -2.59 -52.60 -5.22
CA ILE A 5 -3.44 -51.60 -5.86
C ILE A 5 -3.58 -51.91 -7.33
N GLN A 6 -4.73 -51.54 -7.89
CA GLN A 6 -5.02 -51.82 -9.29
C GLN A 6 -5.49 -50.57 -10.03
N LYS A 7 -4.74 -50.19 -11.06
CA LYS A 7 -5.11 -49.06 -11.90
C LYS A 7 -6.40 -49.38 -12.66
N PRO A 8 -7.37 -48.47 -12.63
CA PRO A 8 -8.64 -48.69 -13.33
C PRO A 8 -8.42 -48.96 -14.83
N ALA A 9 -9.27 -49.81 -15.38
CA ALA A 9 -9.18 -50.24 -16.77
C ALA A 9 -9.55 -49.18 -17.79
N THR A 10 -10.47 -48.28 -17.44
CA THR A 10 -10.91 -47.26 -18.39
C THR A 10 -10.46 -45.85 -18.03
N GLY A 11 -9.68 -45.72 -16.99
CA GLY A 11 -9.25 -44.38 -16.61
C GLY A 11 -8.00 -43.88 -17.28
N SER A 12 -7.79 -42.58 -17.17
CA SER A 12 -6.58 -41.93 -17.64
C SER A 12 -6.15 -40.95 -16.54
N PRO A 13 -4.87 -40.94 -16.21
CA PRO A 13 -4.34 -40.07 -15.14
C PRO A 13 -4.46 -38.58 -15.45
N LEU A 14 -4.57 -37.77 -14.41
CA LEU A 14 -4.46 -36.32 -14.56
C LEU A 14 -2.99 -36.05 -14.82
N THR A 15 -2.68 -35.00 -15.57
CA THR A 15 -1.32 -34.58 -15.85
C THR A 15 -1.18 -33.06 -15.75
N LEU A 16 0.06 -32.61 -15.67
CA LEU A 16 0.38 -31.19 -15.58
C LEU A 16 1.18 -30.78 -16.82
N LEU A 17 0.65 -29.83 -17.59
CA LEU A 17 1.26 -29.40 -18.86
C LEU A 17 1.38 -27.87 -18.97
N ASN A 18 2.63 -27.39 -18.95
CA ASN A 18 2.95 -25.95 -18.96
C ASN A 18 1.98 -25.15 -18.10
N GLY A 19 1.91 -25.47 -16.81
CA GLY A 19 1.04 -24.74 -15.91
C GLY A 19 -0.26 -25.47 -15.58
N VAL A 20 -1.09 -25.70 -16.60
CA VAL A 20 -2.43 -26.29 -16.46
C VAL A 20 -2.53 -27.79 -16.09
N LEU A 21 -3.49 -28.09 -15.23
CA LEU A 21 -3.80 -29.45 -14.85
C LEU A 21 -4.73 -30.00 -15.93
N GLN A 22 -4.31 -31.05 -16.61
CA GLN A 22 -5.11 -31.67 -17.66
C GLN A 22 -6.04 -32.70 -17.05
N VAL A 23 -7.32 -32.59 -17.34
CA VAL A 23 -8.32 -33.46 -16.74
C VAL A 23 -9.08 -34.30 -17.76
N PRO A 24 -8.71 -35.55 -17.94
CA PRO A 24 -9.43 -36.43 -18.86
C PRO A 24 -10.90 -36.59 -18.43
N ASP A 25 -11.76 -36.97 -19.37
CA ASP A 25 -13.19 -37.16 -19.07
C ASP A 25 -13.44 -38.35 -18.16
N GLN A 26 -12.50 -39.28 -18.14
CA GLN A 26 -12.55 -40.41 -17.22
C GLN A 26 -11.26 -40.42 -16.40
N PRO A 27 -11.13 -39.44 -15.50
CA PRO A 27 -9.91 -39.29 -14.69
C PRO A 27 -9.80 -40.36 -13.63
N ILE A 28 -8.58 -40.81 -13.41
CA ILE A 28 -8.31 -41.72 -12.34
C ILE A 28 -8.17 -40.89 -11.06
N ILE A 29 -9.00 -41.19 -10.08
CA ILE A 29 -9.00 -40.47 -8.80
C ILE A 29 -8.83 -41.48 -7.69
N PRO A 30 -7.64 -41.48 -7.10
CA PRO A 30 -7.35 -42.33 -5.96
C PRO A 30 -8.21 -41.95 -4.77
N PHE A 31 -8.64 -42.94 -4.01
CA PHE A 31 -9.37 -42.67 -2.77
C PHE A 31 -8.91 -43.62 -1.68
N ILE A 32 -8.95 -43.13 -0.44
CA ILE A 32 -8.61 -43.93 0.73
C ILE A 32 -9.87 -43.97 1.59
N GLU A 33 -10.28 -45.17 1.97
CA GLU A 33 -11.52 -45.38 2.72
C GLU A 33 -11.53 -44.63 4.05
N GLY A 34 -10.50 -44.87 4.84
CA GLY A 34 -10.37 -44.25 6.16
C GLY A 34 -10.74 -45.22 7.27
N ASP A 35 -10.22 -44.98 8.46
CA ASP A 35 -10.54 -45.79 9.65
C ASP A 35 -11.94 -45.41 10.17
N GLY A 36 -12.49 -46.23 11.06
CA GLY A 36 -13.79 -45.96 11.67
C GLY A 36 -14.90 -45.58 10.69
N ILE A 37 -15.48 -44.39 10.84
CA ILE A 37 -16.58 -43.98 9.98
C ILE A 37 -16.19 -43.76 8.53
N GLY A 38 -14.90 -43.87 8.22
CA GLY A 38 -14.50 -43.87 6.83
C GLY A 38 -15.28 -44.93 6.06
N CYS A 39 -15.59 -46.05 6.72
CA CYS A 39 -16.33 -47.12 6.03
C CYS A 39 -17.79 -46.71 5.70
N ASP A 40 -18.27 -45.64 6.32
CA ASP A 40 -19.63 -45.17 6.07
C ASP A 40 -19.60 -44.01 5.13
N VAL A 41 -18.68 -43.07 5.38
CA VAL A 41 -18.69 -41.83 4.62
C VAL A 41 -18.06 -41.92 3.23
N THR A 42 -17.06 -42.78 3.05
CA THR A 42 -16.43 -42.87 1.73
C THR A 42 -17.37 -43.44 0.65
N PRO A 43 -18.03 -44.57 0.92
CA PRO A 43 -18.98 -45.13 -0.05
C PRO A 43 -20.12 -44.15 -0.32
N ALA A 44 -20.58 -43.46 0.72
CA ALA A 44 -21.64 -42.48 0.53
C ALA A 44 -21.16 -41.39 -0.42
N MET A 45 -19.95 -40.88 -0.18
CA MET A 45 -19.40 -39.83 -1.02
C MET A 45 -19.30 -40.29 -2.47
N ARG A 46 -18.75 -41.47 -2.68
CA ARG A 46 -18.63 -41.97 -4.06
C ARG A 46 -20.00 -42.11 -4.75
N SER A 47 -20.99 -42.65 -4.03
CA SER A 47 -22.36 -42.78 -4.58
C SER A 47 -22.93 -41.44 -4.99
N VAL A 48 -22.75 -40.43 -4.15
CA VAL A 48 -23.28 -39.11 -4.41
C VAL A 48 -22.56 -38.45 -5.59
N VAL A 49 -21.23 -38.53 -5.57
CA VAL A 49 -20.45 -37.92 -6.64
C VAL A 49 -20.84 -38.56 -7.98
N ASP A 50 -20.87 -39.88 -8.01
CA ASP A 50 -21.21 -40.62 -9.24
C ASP A 50 -22.58 -40.23 -9.77
N ALA A 51 -23.54 -40.06 -8.87
CA ALA A 51 -24.90 -39.70 -9.28
C ALA A 51 -24.94 -38.30 -9.89
N ALA A 52 -24.24 -37.37 -9.25
CA ALA A 52 -24.21 -36.00 -9.73
C ALA A 52 -23.56 -35.92 -11.11
N VAL A 53 -22.41 -36.57 -11.22
CA VAL A 53 -21.66 -36.55 -12.46
C VAL A 53 -22.47 -37.16 -13.60
N ALA A 54 -23.14 -38.27 -13.33
CA ALA A 54 -23.96 -38.93 -14.36
C ALA A 54 -25.10 -38.04 -14.80
N LYS A 55 -25.69 -37.35 -13.82
CA LYS A 55 -26.82 -36.47 -14.07
C LYS A 55 -26.45 -35.27 -14.93
N VAL A 56 -25.40 -34.54 -14.55
CA VAL A 56 -25.04 -33.32 -15.26
C VAL A 56 -24.30 -33.49 -16.59
N TYR A 57 -23.64 -34.62 -16.80
CA TYR A 57 -22.86 -34.79 -18.03
C TYR A 57 -23.33 -35.93 -18.93
N GLY A 58 -24.34 -36.69 -18.49
CA GLY A 58 -24.95 -37.73 -19.28
C GLY A 58 -24.13 -38.97 -19.54
N GLY A 59 -23.01 -39.09 -18.84
CA GLY A 59 -22.12 -40.21 -19.03
C GLY A 59 -20.88 -39.88 -19.86
N GLN A 60 -20.80 -38.67 -20.41
CA GLN A 60 -19.63 -38.22 -21.20
C GLN A 60 -18.38 -38.23 -20.31
N ARG A 61 -18.64 -38.10 -19.01
CA ARG A 61 -17.62 -38.05 -17.99
C ARG A 61 -17.94 -39.05 -16.88
N GLN A 62 -16.90 -39.60 -16.29
CA GLN A 62 -17.08 -40.55 -15.19
C GLN A 62 -15.78 -40.71 -14.44
N ILE A 63 -15.83 -40.47 -13.13
CA ILE A 63 -14.66 -40.68 -12.31
C ILE A 63 -14.27 -42.15 -12.28
N ALA A 64 -12.99 -42.42 -12.54
CA ALA A 64 -12.46 -43.76 -12.44
C ALA A 64 -11.77 -43.91 -11.08
N TRP A 65 -12.55 -44.34 -10.08
CA TRP A 65 -12.05 -44.48 -8.73
C TRP A 65 -10.96 -45.56 -8.61
N MET A 66 -9.94 -45.27 -7.83
CA MET A 66 -8.87 -46.25 -7.62
C MET A 66 -8.54 -46.29 -6.14
N GLU A 67 -8.78 -47.43 -5.52
CA GLU A 67 -8.55 -47.51 -4.08
C GLU A 67 -7.06 -47.61 -3.76
N LEU A 68 -6.63 -46.80 -2.79
CA LEU A 68 -5.29 -46.83 -2.19
C LEU A 68 -5.52 -47.17 -0.71
N PHE A 69 -4.49 -47.61 0.00
CA PHE A 69 -4.71 -48.02 1.38
C PHE A 69 -3.85 -47.28 2.38
N ALA A 70 -4.40 -47.08 3.57
CA ALA A 70 -3.71 -46.46 4.70
C ALA A 70 -4.43 -46.82 5.98
N GLY A 71 -3.74 -46.75 7.12
CA GLY A 71 -4.37 -47.09 8.39
C GLY A 71 -4.60 -48.60 8.57
N GLN A 72 -5.62 -48.97 9.34
CA GLN A 72 -5.93 -50.37 9.62
C GLN A 72 -6.10 -51.24 8.37
N LYS A 73 -6.78 -50.70 7.36
CA LYS A 73 -7.03 -51.43 6.12
C LYS A 73 -5.71 -51.77 5.43
N ALA A 74 -4.74 -50.86 5.53
CA ALA A 74 -3.41 -51.11 4.98
C ALA A 74 -2.66 -52.19 5.77
N VAL A 75 -2.71 -52.10 7.09
CA VAL A 75 -2.05 -53.08 7.95
C VAL A 75 -2.57 -54.48 7.68
N GLN A 76 -3.88 -54.60 7.55
CA GLN A 76 -4.50 -55.89 7.30
C GLN A 76 -4.09 -56.47 5.96
N LEU A 77 -3.88 -55.59 5.00
CA LEU A 77 -3.54 -56.01 3.65
C LEU A 77 -2.05 -56.08 3.36
N TYR A 78 -1.25 -55.26 4.05
CA TYR A 78 0.19 -55.20 3.81
C TYR A 78 1.05 -55.82 4.90
N GLY A 79 0.51 -55.94 6.11
CA GLY A 79 1.27 -56.48 7.23
C GLY A 79 1.51 -55.46 8.33
N GLU A 80 2.05 -55.90 9.46
CA GLU A 80 2.30 -55.03 10.62
C GLU A 80 3.21 -53.87 10.31
N GLY A 81 2.87 -52.72 10.89
CA GLY A 81 3.62 -51.49 10.71
C GLY A 81 3.47 -50.85 9.35
N GLN A 82 2.68 -51.47 8.48
CA GLN A 82 2.49 -50.91 7.15
C GLN A 82 1.26 -50.00 7.10
N TYR A 83 1.27 -48.97 7.94
CA TYR A 83 0.16 -48.02 8.04
C TYR A 83 0.08 -47.11 6.82
N LEU A 84 1.23 -46.87 6.21
CA LEU A 84 1.30 -46.00 5.04
C LEU A 84 2.27 -46.57 4.00
N PRO A 85 1.81 -47.55 3.23
CA PRO A 85 2.68 -48.20 2.23
C PRO A 85 3.26 -47.20 1.25
N ASP A 86 4.49 -47.43 0.81
CA ASP A 86 5.14 -46.55 -0.16
C ASP A 86 4.33 -46.38 -1.43
N GLU A 87 3.69 -47.44 -1.90
CA GLU A 87 2.97 -47.34 -3.15
C GLU A 87 1.77 -46.38 -3.04
N THR A 88 1.27 -46.20 -1.83
CA THR A 88 0.15 -45.27 -1.62
C THR A 88 0.63 -43.85 -1.93
N MET A 89 1.77 -43.51 -1.34
CA MET A 89 2.32 -42.18 -1.51
C MET A 89 2.77 -41.99 -2.95
N ALA A 90 3.38 -43.02 -3.53
CA ALA A 90 3.78 -42.90 -4.94
C ALA A 90 2.59 -42.68 -5.87
N ALA A 91 1.48 -43.37 -5.61
CA ALA A 91 0.30 -43.24 -6.46
C ALA A 91 -0.30 -41.85 -6.35
N ILE A 92 -0.31 -41.29 -5.14
CA ILE A 92 -0.87 -39.94 -5.00
C ILE A 92 0.00 -38.92 -5.75
N ARG A 93 1.32 -39.12 -5.72
CA ARG A 93 2.25 -38.25 -6.44
C ARG A 93 1.97 -38.31 -7.94
N GLU A 94 1.81 -39.53 -8.43
CA GLU A 94 1.60 -39.73 -9.87
C GLU A 94 0.24 -39.23 -10.34
N TYR A 95 -0.80 -39.50 -9.56
CA TYR A 95 -2.17 -39.17 -9.95
C TYR A 95 -2.64 -37.74 -9.59
N LYS A 96 -1.83 -37.05 -8.79
CA LYS A 96 -1.99 -35.61 -8.48
C LYS A 96 -3.17 -35.15 -7.61
N VAL A 97 -4.18 -36.00 -7.46
CA VAL A 97 -5.35 -35.66 -6.64
C VAL A 97 -5.74 -36.92 -5.87
N ALA A 98 -6.43 -36.78 -4.76
CA ALA A 98 -6.90 -37.94 -4.05
C ALA A 98 -7.89 -37.47 -3.00
N ILE A 99 -8.75 -38.36 -2.54
CA ILE A 99 -9.70 -38.00 -1.50
C ILE A 99 -9.66 -39.11 -0.47
N LYS A 100 -9.65 -38.72 0.80
CA LYS A 100 -9.50 -39.71 1.86
C LYS A 100 -10.46 -39.52 3.00
N GLY A 101 -10.86 -40.65 3.60
CA GLY A 101 -11.64 -40.63 4.83
C GLY A 101 -10.63 -40.36 5.95
N PRO A 102 -11.11 -40.31 7.18
CA PRO A 102 -10.27 -40.03 8.36
C PRO A 102 -9.34 -41.15 8.73
N LEU A 103 -8.23 -40.82 9.39
CA LEU A 103 -7.29 -41.87 9.83
C LEU A 103 -7.00 -41.71 11.31
N GLU A 104 -6.88 -42.81 12.02
CA GLU A 104 -6.69 -42.78 13.47
C GLU A 104 -5.27 -42.43 13.85
N THR A 105 -5.12 -41.46 14.76
CA THR A 105 -3.83 -41.12 15.37
C THR A 105 -3.93 -41.36 16.90
N PRO A 106 -3.11 -42.26 17.43
CA PRO A 106 -3.17 -42.56 18.86
C PRO A 106 -2.63 -41.42 19.74
N VAL A 107 -3.13 -41.34 20.95
CA VAL A 107 -2.75 -40.34 21.95
C VAL A 107 -1.68 -40.87 22.91
N GLY A 108 -0.65 -40.06 23.15
CA GLY A 108 0.34 -40.36 24.16
C GLY A 108 1.46 -41.26 23.73
N GLY A 109 1.34 -41.84 22.54
CA GLY A 109 2.32 -42.77 22.05
C GLY A 109 1.87 -43.25 20.69
N GLY A 110 2.41 -44.37 20.23
CA GLY A 110 2.03 -44.90 18.93
C GLY A 110 2.55 -44.11 17.73
N ILE A 111 2.08 -44.51 16.55
CA ILE A 111 2.53 -43.90 15.32
C ILE A 111 2.21 -42.42 15.23
N ARG A 112 3.02 -41.71 14.47
CA ARG A 112 2.80 -40.29 14.21
C ARG A 112 1.65 -40.20 13.22
N SER A 113 0.86 -39.16 13.35
CA SER A 113 -0.31 -38.95 12.50
C SER A 113 -0.02 -39.24 11.04
N LEU A 114 -0.80 -40.13 10.46
CA LEU A 114 -0.64 -40.39 9.03
C LEU A 114 -1.18 -39.21 8.21
N ASN A 115 -2.17 -38.53 8.74
CA ASN A 115 -2.77 -37.36 8.09
C ASN A 115 -1.71 -36.29 7.92
N VAL A 116 -1.02 -36.02 9.02
CA VAL A 116 0.06 -35.04 8.98
C VAL A 116 1.21 -35.54 8.14
N ALA A 117 1.48 -36.85 8.23
CA ALA A 117 2.60 -37.37 7.45
C ALA A 117 2.36 -37.18 5.95
N MET A 118 1.12 -37.37 5.50
CA MET A 118 0.82 -37.17 4.08
C MET A 118 1.00 -35.70 3.69
N ARG A 119 0.48 -34.81 4.53
CA ARG A 119 0.63 -33.38 4.26
C ARG A 119 2.12 -32.99 4.17
N GLN A 120 2.95 -33.52 5.07
CA GLN A 120 4.38 -33.19 5.06
C GLN A 120 5.10 -33.75 3.84
N ASP A 121 4.86 -35.04 3.57
CA ASP A 121 5.51 -35.72 2.48
C ASP A 121 5.22 -35.09 1.11
N LEU A 122 3.99 -34.65 0.91
CA LEU A 122 3.62 -34.05 -0.37
C LEU A 122 3.73 -32.53 -0.35
N ASP A 123 4.17 -32.00 0.81
CA ASP A 123 4.29 -30.55 1.00
C ASP A 123 2.98 -29.85 0.69
N LEU A 124 1.88 -30.38 1.21
CA LEU A 124 0.58 -29.77 0.95
C LEU A 124 0.40 -28.67 1.99
N TYR A 125 1.06 -27.55 1.76
CA TYR A 125 1.20 -26.50 2.76
C TYR A 125 -0.03 -25.66 3.09
N VAL A 126 -1.08 -25.80 2.29
CA VAL A 126 -2.34 -25.10 2.55
C VAL A 126 -3.41 -26.10 2.98
N CYS A 127 -3.99 -25.92 4.16
CA CYS A 127 -5.16 -26.68 4.55
C CYS A 127 -6.31 -25.67 4.34
N LEU A 128 -7.16 -25.94 3.35
CA LEU A 128 -8.21 -25.02 2.95
C LEU A 128 -9.55 -25.53 3.45
N ARG A 129 -10.18 -24.80 4.35
CA ARG A 129 -11.47 -25.21 4.92
C ARG A 129 -12.54 -24.13 4.88
N PRO A 130 -13.42 -24.18 3.88
CA PRO A 130 -14.54 -23.24 3.81
C PRO A 130 -15.60 -23.68 4.80
N VAL A 131 -16.11 -22.74 5.58
CA VAL A 131 -17.14 -23.04 6.55
C VAL A 131 -18.33 -22.15 6.26
N ARG A 132 -19.46 -22.73 5.90
CA ARG A 132 -20.60 -21.91 5.59
C ARG A 132 -21.86 -22.58 6.09
N TYR A 133 -22.93 -21.80 6.22
CA TYR A 133 -24.16 -22.36 6.78
C TYR A 133 -25.10 -22.88 5.68
N PHE A 134 -25.50 -24.15 5.79
CA PHE A 134 -26.49 -24.72 4.87
C PHE A 134 -27.90 -24.45 5.45
N GLU A 135 -28.72 -23.78 4.68
CA GLU A 135 -30.00 -23.28 5.19
C GLU A 135 -30.80 -24.38 5.85
N GLY A 136 -31.26 -24.11 7.07
CA GLY A 136 -32.01 -25.08 7.83
C GLY A 136 -31.22 -26.02 8.73
N THR A 137 -29.88 -25.95 8.67
CA THR A 137 -29.09 -26.86 9.50
C THR A 137 -29.33 -26.61 10.98
N PRO A 138 -29.64 -27.66 11.72
CA PRO A 138 -29.74 -27.54 13.18
C PRO A 138 -28.40 -26.99 13.71
N SER A 139 -28.46 -26.02 14.60
CA SER A 139 -27.28 -25.34 15.11
C SER A 139 -27.51 -24.88 16.54
N PRO A 140 -26.45 -24.79 17.31
CA PRO A 140 -26.54 -24.28 18.67
C PRO A 140 -26.59 -22.74 18.71
N MET A 141 -26.36 -22.09 17.57
CA MET A 141 -26.33 -20.62 17.53
C MET A 141 -27.69 -20.01 17.18
N ARG A 142 -27.95 -18.79 17.66
CA ARG A 142 -29.16 -18.06 17.30
C ARG A 142 -29.11 -17.69 15.81
N HIS A 143 -27.92 -17.29 15.35
CA HIS A 143 -27.76 -16.83 13.98
C HIS A 143 -26.60 -17.46 13.24
N PRO A 144 -26.71 -18.75 12.96
CA PRO A 144 -25.62 -19.46 12.27
C PRO A 144 -25.45 -18.96 10.83
N GLU A 145 -26.47 -18.34 10.25
CA GLU A 145 -26.39 -17.90 8.86
C GLU A 145 -25.32 -16.84 8.68
N LYS A 146 -24.87 -16.27 9.81
CA LYS A 146 -23.87 -15.21 9.76
C LYS A 146 -22.46 -15.76 9.60
N VAL A 147 -22.32 -17.09 9.56
CA VAL A 147 -21.02 -17.70 9.34
C VAL A 147 -20.79 -18.02 7.86
N ASP A 148 -19.77 -17.39 7.28
CA ASP A 148 -19.41 -17.63 5.88
C ASP A 148 -17.94 -17.26 5.77
N MET A 149 -17.10 -18.23 6.09
CA MET A 149 -15.67 -17.98 6.15
C MET A 149 -14.85 -19.01 5.40
N VAL A 150 -13.60 -18.63 5.13
CA VAL A 150 -12.67 -19.52 4.46
C VAL A 150 -11.37 -19.50 5.23
N ILE A 151 -10.99 -20.66 5.75
CA ILE A 151 -9.78 -20.78 6.56
C ILE A 151 -8.63 -21.34 5.77
N PHE A 152 -7.53 -20.59 5.78
CA PHE A 152 -6.27 -21.00 5.21
C PHE A 152 -5.38 -21.32 6.41
N ARG A 153 -5.19 -22.60 6.63
CA ARG A 153 -4.43 -23.11 7.76
C ARG A 153 -3.07 -23.61 7.28
N GLU A 154 -1.99 -23.02 7.80
CA GLU A 154 -0.64 -23.44 7.47
C GLU A 154 -0.52 -24.93 7.82
N ASN A 155 0.00 -25.70 6.88
CA ASN A 155 -0.07 -27.15 6.95
C ASN A 155 1.28 -27.87 6.92
N SER A 156 2.40 -27.14 6.98
CA SER A 156 3.70 -27.80 6.85
C SER A 156 4.65 -27.64 8.05
N GLU A 157 4.36 -26.69 8.93
CA GLU A 157 5.22 -26.47 10.10
C GLU A 157 4.40 -26.25 11.39
N ASP A 158 4.96 -25.46 12.32
CA ASP A 158 4.38 -25.24 13.66
C ASP A 158 4.72 -26.46 14.53
N ILE A 159 4.09 -26.60 15.71
CA ILE A 159 4.43 -27.77 16.56
C ILE A 159 3.95 -29.10 16.01
N TYR A 160 3.25 -29.05 14.89
CA TYR A 160 2.76 -30.26 14.23
C TYR A 160 3.86 -31.05 13.59
N ALA A 161 5.03 -30.44 13.50
CA ALA A 161 6.17 -31.10 12.91
C ALA A 161 6.39 -32.46 13.59
N GLY A 162 6.00 -32.54 14.87
CA GLY A 162 6.14 -33.79 15.62
C GLY A 162 7.52 -33.94 16.23
N ILE A 163 8.11 -32.82 16.63
CA ILE A 163 9.45 -32.83 17.20
C ILE A 163 9.30 -32.67 18.71
N GLU A 164 9.53 -33.76 19.44
CA GLU A 164 9.36 -33.78 20.90
C GLU A 164 10.01 -35.02 21.51
N TRP A 165 10.34 -34.94 22.80
CA TRP A 165 10.91 -36.09 23.52
C TRP A 165 10.24 -36.22 24.90
N PRO A 166 10.07 -37.46 25.34
CA PRO A 166 9.35 -37.76 26.57
C PRO A 166 10.08 -37.37 27.85
N ALA A 167 9.31 -37.05 28.89
CA ALA A 167 9.87 -36.70 30.18
C ALA A 167 10.71 -37.83 30.72
N GLY A 168 11.87 -37.48 31.24
CA GLY A 168 12.80 -38.44 31.84
C GLY A 168 13.64 -39.24 30.87
N SER A 169 13.43 -39.04 29.56
CA SER A 169 14.21 -39.77 28.57
C SER A 169 15.60 -39.16 28.42
N PRO A 170 16.55 -39.95 27.99
CA PRO A 170 17.91 -39.44 27.74
C PRO A 170 17.87 -38.25 26.77
N GLU A 171 17.00 -38.36 25.78
CA GLU A 171 16.87 -37.31 24.78
C GLU A 171 16.37 -36.01 25.40
N ALA A 172 15.33 -36.08 26.23
CA ALA A 172 14.81 -34.87 26.87
C ALA A 172 15.90 -34.27 27.76
N GLU A 173 16.59 -35.11 28.51
CA GLU A 173 17.66 -34.60 29.37
C GLU A 173 18.73 -33.90 28.53
N LYS A 174 19.05 -34.49 27.40
CA LYS A 174 20.05 -33.92 26.51
C LYS A 174 19.63 -32.55 25.98
N ILE A 175 18.40 -32.41 25.50
CA ILE A 175 17.98 -31.08 25.00
C ILE A 175 17.80 -30.08 26.14
N ILE A 176 17.29 -30.53 27.28
CA ILE A 176 17.16 -29.65 28.44
C ILE A 176 18.53 -29.16 28.88
N ARG A 177 19.51 -30.04 28.89
CA ARG A 177 20.85 -29.55 29.22
C ARG A 177 21.36 -28.53 28.22
N PHE A 178 21.18 -28.78 26.92
CA PHE A 178 21.61 -27.82 25.92
C PHE A 178 20.90 -26.46 26.11
N LEU A 179 19.59 -26.53 26.37
CA LEU A 179 18.80 -25.31 26.55
C LEU A 179 19.33 -24.50 27.72
N ARG A 180 19.56 -25.17 28.85
CA ARG A 180 20.03 -24.46 30.05
C ARG A 180 21.50 -24.03 30.00
N GLU A 181 22.35 -24.92 29.53
CA GLU A 181 23.80 -24.67 29.53
C GLU A 181 24.35 -23.89 28.34
N GLU A 182 23.76 -24.11 27.16
CA GLU A 182 24.25 -23.45 25.96
C GLU A 182 23.36 -22.31 25.48
N MET A 183 22.05 -22.44 25.67
CA MET A 183 21.14 -21.38 25.21
C MET A 183 20.75 -20.36 26.30
N GLY A 184 21.14 -20.66 27.55
CA GLY A 184 20.90 -19.78 28.68
C GLY A 184 19.45 -19.70 29.14
N VAL A 185 18.69 -20.74 28.86
CA VAL A 185 17.27 -20.79 29.24
C VAL A 185 17.07 -20.91 30.76
N THR A 186 16.28 -20.02 31.34
CA THR A 186 16.03 -20.02 32.78
C THR A 186 14.56 -20.26 33.11
N LYS A 187 13.71 -20.30 32.08
CA LYS A 187 12.25 -20.34 32.33
C LYS A 187 11.57 -21.71 32.35
N ILE A 188 12.35 -22.79 32.32
CA ILE A 188 11.76 -24.12 32.43
C ILE A 188 11.43 -24.34 33.90
N ARG A 189 10.14 -24.47 34.23
CA ARG A 189 9.73 -24.56 35.64
C ARG A 189 10.20 -25.83 36.36
N PHE A 190 10.02 -26.98 35.70
CA PHE A 190 10.38 -28.26 36.30
C PHE A 190 11.26 -29.06 35.35
N PRO A 191 12.52 -28.67 35.23
CA PRO A 191 13.40 -29.32 34.26
C PRO A 191 13.64 -30.80 34.54
N ASP A 192 13.47 -31.27 35.76
CA ASP A 192 13.74 -32.69 36.08
C ASP A 192 12.68 -33.64 35.55
N SER A 193 11.49 -33.12 35.25
CA SER A 193 10.42 -33.98 34.73
C SER A 193 9.73 -33.40 33.48
N SER A 194 10.42 -32.56 32.73
CA SER A 194 9.78 -31.96 31.58
C SER A 194 9.96 -32.77 30.30
N ALA A 195 8.85 -33.00 29.62
CA ALA A 195 8.90 -33.43 28.22
C ALA A 195 9.13 -32.11 27.46
N ILE A 196 9.69 -32.19 26.25
CA ILE A 196 10.03 -30.99 25.50
C ILE A 196 9.55 -31.09 24.06
N GLY A 197 8.82 -30.07 23.62
CA GLY A 197 8.37 -30.00 22.23
C GLY A 197 8.97 -28.79 21.54
N ILE A 198 9.22 -28.87 20.23
CA ILE A 198 9.79 -27.75 19.48
C ILE A 198 8.76 -27.17 18.51
N LYS A 199 8.67 -25.86 18.49
CA LYS A 199 7.72 -25.18 17.60
C LYS A 199 8.44 -24.33 16.53
N PRO A 200 8.74 -24.90 15.37
CA PRO A 200 9.30 -24.12 14.26
C PRO A 200 8.26 -23.38 13.41
N VAL A 201 8.43 -22.06 13.26
CA VAL A 201 7.58 -21.23 12.41
C VAL A 201 8.54 -20.32 11.63
N SER A 202 8.45 -20.36 10.31
CA SER A 202 9.41 -19.66 9.46
C SER A 202 8.85 -18.54 8.61
N THR A 203 9.74 -17.66 8.16
CA THR A 203 9.32 -16.60 7.27
C THR A 203 8.87 -17.23 5.93
N GLU A 204 9.60 -18.24 5.47
CA GLU A 204 9.25 -18.86 4.19
C GLU A 204 7.88 -19.57 4.24
N GLY A 205 7.65 -20.30 5.32
CA GLY A 205 6.42 -21.05 5.47
C GLY A 205 5.23 -20.13 5.66
N SER A 206 5.42 -19.10 6.47
CA SER A 206 4.35 -18.16 6.74
C SER A 206 4.00 -17.40 5.49
N GLU A 207 5.03 -16.94 4.78
CA GLU A 207 4.80 -16.16 3.57
C GLU A 207 4.03 -16.91 2.48
N ARG A 208 4.40 -18.15 2.22
CA ARG A 208 3.72 -18.86 1.14
C ARG A 208 2.24 -19.11 1.45
N LEU A 209 1.93 -19.38 2.72
CA LEU A 209 0.55 -19.61 3.14
C LEU A 209 -0.25 -18.31 3.07
N ILE A 210 0.34 -17.22 3.55
CA ILE A 210 -0.37 -15.94 3.56
C ILE A 210 -0.53 -15.37 2.15
N ARG A 211 0.49 -15.55 1.33
CA ARG A 211 0.36 -15.11 -0.06
C ARG A 211 -0.83 -15.78 -0.74
N ARG A 212 -0.96 -17.09 -0.56
CA ARG A 212 -2.08 -17.81 -1.21
C ARG A 212 -3.40 -17.33 -0.67
N THR A 213 -3.41 -16.99 0.61
CA THR A 213 -4.63 -16.49 1.24
C THR A 213 -5.10 -15.17 0.63
N ILE A 214 -4.16 -14.24 0.47
CA ILE A 214 -4.50 -12.92 -0.08
C ILE A 214 -4.91 -13.05 -1.55
N GLN A 215 -4.21 -13.91 -2.27
CA GLN A 215 -4.51 -14.16 -3.68
C GLN A 215 -5.93 -14.66 -3.81
N TYR A 216 -6.30 -15.58 -2.93
CA TYR A 216 -7.66 -16.12 -2.98
C TYR A 216 -8.67 -15.04 -2.67
N ALA A 217 -8.38 -14.27 -1.62
CA ALA A 217 -9.30 -13.23 -1.20
C ALA A 217 -9.56 -12.21 -2.30
N LEU A 218 -8.51 -11.84 -3.03
CA LEU A 218 -8.61 -10.90 -4.11
C LEU A 218 -9.35 -11.49 -5.28
N GLU A 219 -9.00 -12.72 -5.66
CA GLU A 219 -9.64 -13.33 -6.82
C GLU A 219 -11.14 -13.59 -6.62
N HIS A 220 -11.54 -13.84 -5.37
CA HIS A 220 -12.95 -14.11 -5.07
C HIS A 220 -13.74 -12.91 -4.54
N GLY A 221 -13.13 -11.72 -4.53
CA GLY A 221 -13.84 -10.52 -4.12
C GLY A 221 -14.22 -10.47 -2.65
N LYS A 222 -13.40 -11.11 -1.82
CA LYS A 222 -13.67 -11.18 -0.39
C LYS A 222 -13.26 -9.86 0.27
N PRO A 223 -14.01 -9.46 1.28
CA PRO A 223 -13.77 -8.15 1.92
C PRO A 223 -12.56 -8.08 2.84
N SER A 224 -12.16 -9.19 3.44
CA SER A 224 -11.03 -9.12 4.35
C SER A 224 -10.30 -10.43 4.57
N VAL A 225 -9.04 -10.29 5.04
CA VAL A 225 -8.19 -11.41 5.45
C VAL A 225 -7.80 -11.13 6.90
N SER A 226 -8.04 -12.07 7.80
CA SER A 226 -7.65 -11.90 9.19
C SER A 226 -6.51 -12.84 9.52
N LEU A 227 -5.43 -12.27 10.00
CA LEU A 227 -4.28 -13.06 10.42
C LEU A 227 -4.52 -13.37 11.88
N VAL A 228 -4.60 -14.64 12.25
CA VAL A 228 -4.84 -14.93 13.67
C VAL A 228 -3.65 -15.65 14.26
N HIS A 229 -3.27 -15.19 15.44
CA HIS A 229 -2.00 -15.55 16.03
C HIS A 229 -2.06 -15.27 17.52
N LYS A 230 -1.15 -15.85 18.27
CA LYS A 230 -1.05 -15.53 19.68
C LYS A 230 0.33 -14.90 19.81
N GLY A 231 0.51 -13.82 19.04
CA GLY A 231 1.78 -13.12 18.89
C GLY A 231 2.31 -12.31 20.06
N ASN A 232 1.49 -12.13 21.08
CA ASN A 232 1.96 -11.43 22.28
C ASN A 232 2.78 -12.34 23.19
N ILE A 233 2.42 -13.62 23.25
CA ILE A 233 3.12 -14.61 24.09
C ILE A 233 4.18 -15.37 23.29
N MET A 234 3.83 -15.74 22.06
CA MET A 234 4.77 -16.41 21.16
C MET A 234 5.20 -15.36 20.13
N LYS A 235 6.14 -14.51 20.55
CA LYS A 235 6.49 -13.32 19.79
C LYS A 235 7.17 -13.57 18.45
N PHE A 236 8.03 -14.58 18.41
CA PHE A 236 8.86 -14.75 17.22
C PHE A 236 8.29 -15.74 16.23
N THR A 237 7.44 -16.64 16.72
CA THR A 237 6.80 -17.62 15.86
C THR A 237 5.47 -17.04 15.42
N GLU A 238 4.51 -17.03 16.33
CA GLU A 238 3.19 -16.50 15.97
C GLU A 238 3.22 -15.00 15.66
N GLY A 239 4.02 -14.24 16.40
CA GLY A 239 4.10 -12.81 16.14
C GLY A 239 4.83 -12.57 14.81
N GLY A 240 5.78 -13.45 14.51
CA GLY A 240 6.46 -13.43 13.22
C GLY A 240 5.44 -13.64 12.10
N PHE A 241 4.61 -14.66 12.22
CA PHE A 241 3.55 -14.94 11.23
C PHE A 241 2.77 -13.64 10.91
N ARG A 242 2.35 -12.95 11.95
CA ARG A 242 1.60 -11.71 11.77
C ARG A 242 2.41 -10.63 11.06
N ASP A 243 3.62 -10.38 11.57
CA ASP A 243 4.47 -9.33 11.02
C ASP A 243 4.96 -9.59 9.59
N TRP A 244 5.36 -10.82 9.32
CA TRP A 244 5.78 -11.21 7.97
C TRP A 244 4.60 -11.10 7.03
N GLY A 245 3.41 -11.39 7.57
CA GLY A 245 2.17 -11.33 6.82
C GLY A 245 1.88 -9.92 6.38
N TYR A 246 1.89 -8.98 7.31
CA TYR A 246 1.64 -7.57 6.97
C TYR A 246 2.68 -7.08 5.95
N ALA A 247 3.94 -7.39 6.20
CA ALA A 247 5.03 -6.99 5.33
C ALA A 247 4.83 -7.50 3.91
N LEU A 248 4.49 -8.78 3.79
CA LEU A 248 4.26 -9.37 2.48
C LEU A 248 3.09 -8.69 1.75
N ALA A 249 2.00 -8.49 2.49
CA ALA A 249 0.80 -7.87 1.94
C ALA A 249 1.15 -6.52 1.30
N GLU A 250 1.90 -5.71 2.05
CA GLU A 250 2.26 -4.36 1.62
C GLU A 250 3.37 -4.28 0.58
N ARG A 251 4.11 -5.36 0.35
CA ARG A 251 5.08 -5.24 -0.74
C ARG A 251 4.63 -5.96 -1.98
N GLU A 252 3.98 -7.11 -1.82
CA GLU A 252 3.52 -7.86 -2.99
C GLU A 252 2.16 -7.42 -3.51
N PHE A 253 1.40 -6.69 -2.70
CA PHE A 253 0.06 -6.27 -3.12
C PHE A 253 -0.13 -4.77 -2.83
N ALA A 254 0.97 -4.03 -2.90
CA ALA A 254 0.94 -2.60 -2.58
C ALA A 254 -0.14 -1.92 -3.37
N GLY A 255 -0.91 -1.05 -2.72
CA GLY A 255 -1.98 -0.33 -3.38
C GLY A 255 -3.27 -1.09 -3.65
N ARG A 256 -3.29 -2.38 -3.32
CA ARG A 256 -4.46 -3.22 -3.57
C ARG A 256 -5.07 -3.74 -2.27
N VAL A 257 -4.37 -3.48 -1.18
CA VAL A 257 -4.88 -3.86 0.13
C VAL A 257 -4.76 -2.68 1.07
N PHE A 258 -5.53 -2.70 2.16
CA PHE A 258 -5.33 -1.73 3.23
C PHE A 258 -5.17 -2.58 4.51
N THR A 259 -4.13 -2.32 5.29
CA THR A 259 -3.88 -3.17 6.46
C THR A 259 -3.92 -2.41 7.73
N TRP A 260 -4.09 -3.16 8.82
CA TRP A 260 -4.08 -2.54 10.14
C TRP A 260 -2.69 -2.05 10.55
N ARG A 261 -1.64 -2.57 9.92
CA ARG A 261 -0.30 -2.03 10.13
C ARG A 261 -0.26 -0.60 9.56
N GLN A 262 -0.80 -0.43 8.34
CA GLN A 262 -0.91 0.91 7.76
C GLN A 262 -1.79 1.81 8.62
N LYS A 263 -2.91 1.25 9.08
CA LYS A 263 -3.81 2.02 9.93
C LYS A 263 -3.08 2.52 11.18
N ALA A 264 -2.25 1.69 11.77
CA ALA A 264 -1.51 2.09 12.98
C ALA A 264 -0.53 3.22 12.68
N ALA A 265 0.14 3.14 11.54
CA ALA A 265 1.07 4.18 11.15
C ALA A 265 0.36 5.53 11.01
N ILE A 266 -0.82 5.51 10.40
CA ILE A 266 -1.57 6.73 10.19
C ILE A 266 -2.06 7.29 11.53
N SER A 267 -2.58 6.41 12.37
CA SER A 267 -3.03 6.78 13.71
C SER A 267 -1.93 7.35 14.57
N LYS A 268 -0.75 6.72 14.55
CA LYS A 268 0.36 7.19 15.37
C LYS A 268 0.72 8.63 15.03
N ALA A 269 0.70 8.94 13.74
CA ALA A 269 1.12 10.26 13.26
C ALA A 269 0.00 11.29 13.22
N GLU A 270 -1.22 10.86 12.95
CA GLU A 270 -2.32 11.80 12.76
C GLU A 270 -3.52 11.63 13.69
N GLY A 271 -3.53 10.58 14.49
CA GLY A 271 -4.64 10.34 15.41
C GLY A 271 -5.61 9.27 14.94
N LYS A 272 -6.36 8.73 15.89
CA LYS A 272 -7.32 7.66 15.62
C LYS A 272 -8.26 7.95 14.46
N ALA A 273 -8.87 9.14 14.48
CA ALA A 273 -9.85 9.54 13.48
C ALA A 273 -9.31 9.44 12.05
N ALA A 274 -8.07 9.88 11.85
CA ALA A 274 -7.45 9.81 10.54
C ALA A 274 -7.27 8.34 10.13
N GLY A 275 -6.83 7.52 11.08
CA GLY A 275 -6.63 6.11 10.81
C GLY A 275 -7.94 5.49 10.39
N GLN A 276 -8.99 5.81 11.14
CA GLN A 276 -10.31 5.26 10.85
C GLN A 276 -10.80 5.75 9.48
N LYS A 277 -10.56 7.01 9.18
CA LYS A 277 -11.01 7.57 7.91
C LYS A 277 -10.32 6.86 6.74
N ALA A 278 -9.04 6.57 6.88
CA ALA A 278 -8.31 5.91 5.81
C ALA A 278 -8.85 4.49 5.60
N GLU A 279 -9.28 3.84 6.67
CA GLU A 279 -9.83 2.50 6.56
C GLU A 279 -11.19 2.53 5.85
N GLN A 280 -12.02 3.51 6.24
CA GLN A 280 -13.33 3.69 5.60
C GLN A 280 -13.17 3.99 4.11
N GLN A 281 -12.19 4.80 3.74
CA GLN A 281 -11.94 5.11 2.33
C GLN A 281 -11.51 3.86 1.55
N ALA A 282 -10.66 3.05 2.14
CA ALA A 282 -10.24 1.81 1.49
C ALA A 282 -11.45 0.88 1.21
N ILE A 283 -12.26 0.67 2.24
CA ILE A 283 -13.44 -0.16 2.09
C ILE A 283 -14.31 0.40 0.97
N ALA A 284 -14.46 1.73 0.95
CA ALA A 284 -15.25 2.38 -0.10
C ALA A 284 -14.66 2.08 -1.49
N ASP A 285 -13.34 1.97 -1.56
CA ASP A 285 -12.63 1.67 -2.80
C ASP A 285 -12.70 0.22 -3.25
N GLY A 286 -13.29 -0.68 -2.47
CA GLY A 286 -13.26 -2.10 -2.82
C GLY A 286 -11.87 -2.70 -2.60
N LYS A 287 -11.13 -2.07 -1.70
CA LYS A 287 -9.82 -2.58 -1.35
C LYS A 287 -9.95 -3.69 -0.31
N LEU A 288 -9.16 -4.74 -0.47
CA LEU A 288 -9.13 -5.83 0.48
C LEU A 288 -8.49 -5.33 1.80
N ILE A 289 -9.18 -5.58 2.92
CA ILE A 289 -8.65 -5.24 4.23
C ILE A 289 -7.86 -6.40 4.82
N ILE A 290 -6.65 -6.13 5.31
CA ILE A 290 -5.91 -7.15 6.01
C ILE A 290 -5.83 -6.73 7.49
N LYS A 291 -6.38 -7.54 8.36
CA LYS A 291 -6.39 -7.22 9.79
C LYS A 291 -5.85 -8.42 10.58
N ASP A 292 -5.81 -8.30 11.89
CA ASP A 292 -5.27 -9.39 12.67
C ASP A 292 -5.98 -9.42 14.02
N VAL A 293 -6.08 -10.63 14.58
CA VAL A 293 -6.77 -10.81 15.84
C VAL A 293 -5.97 -11.77 16.71
N ILE A 294 -5.82 -11.46 17.99
CA ILE A 294 -5.14 -12.41 18.86
C ILE A 294 -6.06 -13.64 19.05
N ALA A 295 -5.46 -14.84 19.00
CA ALA A 295 -6.21 -16.09 18.85
C ALA A 295 -7.33 -16.38 19.86
N ASP A 296 -7.08 -16.05 21.13
CA ASP A 296 -8.10 -16.25 22.15
C ASP A 296 -9.30 -15.32 21.90
N ASN A 297 -9.01 -14.03 21.66
CA ASN A 297 -10.06 -13.09 21.35
C ASN A 297 -10.74 -13.48 20.04
N PHE A 298 -9.99 -14.06 19.10
CA PHE A 298 -10.59 -14.53 17.85
C PHE A 298 -11.73 -15.54 18.10
N LEU A 299 -11.45 -16.51 18.96
CA LEU A 299 -12.47 -17.47 19.35
C LEU A 299 -13.71 -16.78 19.90
N GLN A 300 -13.50 -15.73 20.68
CA GLN A 300 -14.63 -14.94 21.17
C GLN A 300 -15.38 -14.23 20.03
N GLN A 301 -14.64 -13.60 19.14
CA GLN A 301 -15.27 -12.82 18.06
C GLN A 301 -16.04 -13.65 17.03
N ILE A 302 -15.56 -14.84 16.70
CA ILE A 302 -16.27 -15.66 15.70
C ILE A 302 -17.58 -16.20 16.25
N LEU A 303 -17.75 -16.09 17.56
CA LEU A 303 -18.98 -16.53 18.19
C LEU A 303 -19.92 -15.35 18.37
N LEU A 304 -19.37 -14.21 18.76
CA LEU A 304 -20.16 -12.99 18.98
C LEU A 304 -20.53 -12.27 17.68
N ARG A 305 -19.58 -12.19 16.76
CA ARG A 305 -19.82 -11.50 15.49
C ARG A 305 -19.06 -12.11 14.32
N PRO A 306 -19.47 -13.31 13.93
CA PRO A 306 -18.81 -13.98 12.81
C PRO A 306 -18.94 -13.19 11.50
N GLU A 307 -20.00 -12.37 11.40
CA GLU A 307 -20.26 -11.58 10.18
C GLU A 307 -19.10 -10.64 9.85
N ASP A 308 -18.29 -10.31 10.85
CA ASP A 308 -17.19 -9.38 10.63
C ASP A 308 -15.95 -10.04 10.02
N TYR A 309 -16.03 -11.35 9.75
CA TYR A 309 -14.90 -12.09 9.22
C TYR A 309 -15.24 -12.79 7.90
N SER A 310 -14.22 -13.00 7.08
CA SER A 310 -14.38 -13.59 5.76
C SER A 310 -13.29 -14.62 5.53
N VAL A 311 -12.10 -14.17 5.15
CA VAL A 311 -11.00 -15.08 4.95
C VAL A 311 -10.05 -14.99 6.14
N VAL A 312 -9.56 -16.15 6.54
CA VAL A 312 -8.67 -16.26 7.70
C VAL A 312 -7.37 -16.94 7.32
N ALA A 313 -6.26 -16.34 7.73
CA ALA A 313 -4.96 -16.96 7.52
C ALA A 313 -4.40 -17.24 8.90
N THR A 314 -4.04 -18.48 9.18
CA THR A 314 -3.47 -18.79 10.48
C THR A 314 -2.51 -19.97 10.45
N LEU A 315 -1.85 -20.19 11.59
CA LEU A 315 -0.88 -21.26 11.77
C LEU A 315 -1.58 -22.61 11.91
N ASN A 316 -0.77 -23.68 11.92
CA ASN A 316 -1.26 -25.05 11.94
C ASN A 316 -2.17 -25.37 13.13
N LEU A 317 -1.64 -25.18 14.34
CA LEU A 317 -2.41 -25.46 15.55
C LEU A 317 -3.65 -24.58 15.66
N ASN A 318 -3.48 -23.27 15.50
CA ASN A 318 -4.62 -22.37 15.58
C ASN A 318 -5.74 -22.73 14.60
N GLY A 319 -5.33 -23.08 13.38
CA GLY A 319 -6.26 -23.46 12.32
C GLY A 319 -7.09 -24.69 12.69
N ASP A 320 -6.43 -25.63 13.34
CA ASP A 320 -7.08 -26.85 13.78
C ASP A 320 -8.18 -26.52 14.78
N TYR A 321 -7.85 -25.66 15.73
CA TYR A 321 -8.80 -25.31 16.77
C TYR A 321 -9.94 -24.44 16.22
N VAL A 322 -9.58 -23.48 15.36
CA VAL A 322 -10.58 -22.59 14.76
C VAL A 322 -11.56 -23.34 13.85
N SER A 323 -11.04 -24.31 13.11
CA SER A 323 -11.87 -25.08 12.20
C SER A 323 -13.02 -25.74 12.97
N ASP A 324 -12.72 -26.28 14.14
CA ASP A 324 -13.73 -27.00 14.93
C ASP A 324 -14.75 -26.08 15.59
N ALA A 325 -14.26 -24.99 16.19
CA ALA A 325 -15.17 -24.01 16.76
C ALA A 325 -16.14 -23.48 15.72
N LEU A 326 -15.60 -23.11 14.57
CA LEU A 326 -16.45 -22.55 13.50
C LEU A 326 -17.42 -23.61 12.97
N ALA A 327 -16.92 -24.82 12.73
CA ALA A 327 -17.79 -25.90 12.22
C ALA A 327 -18.96 -26.12 13.16
N ALA A 328 -18.69 -26.04 14.46
CA ALA A 328 -19.77 -26.25 15.44
C ALA A 328 -20.91 -25.25 15.24
N GLU A 329 -20.59 -24.01 14.87
CA GLU A 329 -21.64 -23.02 14.65
C GLU A 329 -22.62 -23.43 13.55
N VAL A 330 -22.13 -24.20 12.58
CA VAL A 330 -22.97 -24.57 11.46
C VAL A 330 -23.35 -26.05 11.46
N GLY A 331 -23.35 -26.65 12.65
CA GLY A 331 -23.82 -28.03 12.79
C GLY A 331 -22.80 -29.04 13.28
N GLY A 332 -21.52 -28.65 13.31
CA GLY A 332 -20.48 -29.57 13.72
C GLY A 332 -19.58 -29.99 12.55
N ILE A 333 -18.58 -30.80 12.88
CA ILE A 333 -17.57 -31.20 11.90
C ILE A 333 -18.09 -32.22 10.90
N GLY A 334 -19.38 -32.58 11.01
CA GLY A 334 -20.04 -33.38 10.00
C GLY A 334 -20.47 -32.51 8.82
N MET A 335 -20.30 -31.19 8.94
CA MET A 335 -20.65 -30.24 7.87
C MET A 335 -19.43 -29.39 7.55
N ALA A 336 -18.26 -30.04 7.44
CA ALA A 336 -17.02 -29.29 7.41
C ALA A 336 -15.99 -29.90 6.48
N PRO A 337 -15.97 -29.46 5.22
CA PRO A 337 -15.06 -30.01 4.22
C PRO A 337 -13.66 -29.41 4.25
N GLY A 338 -12.74 -30.05 3.53
CA GLY A 338 -11.38 -29.51 3.48
C GLY A 338 -10.56 -30.01 2.32
N ALA A 339 -9.48 -29.29 2.05
CA ALA A 339 -8.54 -29.69 1.02
C ALA A 339 -7.13 -29.40 1.50
N ASN A 340 -6.20 -30.31 1.21
CA ASN A 340 -4.79 -30.11 1.54
C ASN A 340 -4.12 -29.87 0.21
N LEU A 341 -3.59 -28.67 -0.01
CA LEU A 341 -3.04 -28.31 -1.32
C LEU A 341 -1.60 -27.88 -1.30
N SER A 342 -0.84 -28.30 -2.31
CA SER A 342 0.49 -27.74 -2.55
C SER A 342 0.25 -26.87 -3.79
N ASP A 343 1.27 -26.63 -4.60
CA ASP A 343 1.01 -25.88 -5.84
C ASP A 343 0.62 -26.83 -6.98
N THR A 344 0.75 -28.13 -6.76
CA THR A 344 0.50 -29.07 -7.85
C THR A 344 -0.38 -30.26 -7.49
N HIS A 345 -0.43 -30.59 -6.21
CA HIS A 345 -1.16 -31.76 -5.78
C HIS A 345 -2.25 -31.39 -4.78
N ALA A 346 -3.15 -32.34 -4.55
CA ALA A 346 -4.29 -32.11 -3.64
C ALA A 346 -4.82 -33.37 -3.02
N ILE A 347 -5.07 -33.33 -1.70
CA ILE A 347 -5.73 -34.40 -1.01
C ILE A 347 -6.96 -33.77 -0.34
N PHE A 348 -8.14 -34.21 -0.77
CA PHE A 348 -9.42 -33.72 -0.25
C PHE A 348 -9.77 -34.59 0.93
N GLU A 349 -10.27 -33.99 1.98
CA GLU A 349 -10.40 -34.70 3.25
C GLU A 349 -11.26 -33.87 4.19
N ALA A 350 -12.21 -34.52 4.87
CA ALA A 350 -13.07 -33.84 5.85
C ALA A 350 -12.26 -33.37 7.04
N THR A 351 -12.82 -32.41 7.75
CA THR A 351 -12.22 -31.90 8.99
C THR A 351 -12.29 -32.95 10.11
N HIS A 352 -13.29 -33.82 10.05
CA HIS A 352 -13.54 -34.74 11.17
C HIS A 352 -12.63 -35.96 11.22
N GLY A 353 -12.69 -36.63 12.37
CA GLY A 353 -11.92 -37.84 12.59
C GLY A 353 -12.69 -39.13 12.41
N THR A 354 -12.20 -40.19 13.06
CA THR A 354 -12.76 -41.53 12.85
C THR A 354 -14.05 -41.80 13.60
N ALA A 355 -14.45 -40.85 14.46
CA ALA A 355 -15.70 -40.97 15.25
C ALA A 355 -15.92 -42.34 15.88
N PRO A 356 -15.02 -42.74 16.77
CA PRO A 356 -15.08 -44.07 17.39
C PRO A 356 -16.41 -44.34 18.10
N ASP A 357 -17.05 -43.28 18.57
CA ASP A 357 -18.33 -43.46 19.30
C ASP A 357 -19.52 -43.84 18.40
N ILE A 358 -19.42 -43.64 17.08
CA ILE A 358 -20.51 -44.04 16.19
C ILE A 358 -20.03 -45.02 15.11
N ALA A 359 -18.75 -45.35 15.16
CA ALA A 359 -18.17 -46.25 14.17
C ALA A 359 -18.90 -47.58 14.19
N GLY A 360 -19.13 -48.12 13.00
CA GLY A 360 -19.83 -49.38 12.84
C GLY A 360 -21.34 -49.32 12.99
N GLN A 361 -21.88 -48.12 13.20
CA GLN A 361 -23.31 -47.97 13.43
C GLN A 361 -24.10 -47.40 12.24
N GLY A 362 -23.40 -47.04 11.16
CA GLY A 362 -24.07 -46.49 9.99
C GLY A 362 -24.81 -45.19 10.26
N LYS A 363 -24.25 -44.36 11.14
CA LYS A 363 -24.90 -43.11 11.52
C LYS A 363 -24.21 -41.85 11.00
N ALA A 364 -22.91 -41.94 10.75
CA ALA A 364 -22.11 -40.75 10.42
C ALA A 364 -22.64 -39.85 9.32
N ASN A 365 -22.44 -38.54 9.51
CA ASN A 365 -22.79 -37.57 8.48
C ASN A 365 -21.73 -37.60 7.37
N PRO A 366 -22.11 -37.97 6.14
CA PRO A 366 -21.16 -37.97 5.03
C PRO A 366 -21.04 -36.60 4.38
N SER A 367 -21.73 -35.60 4.89
CA SER A 367 -21.71 -34.28 4.22
C SER A 367 -20.30 -33.64 4.13
N SER A 368 -19.53 -33.73 5.20
CA SER A 368 -18.19 -33.12 5.16
C SER A 368 -17.36 -33.72 4.03
N LEU A 369 -17.40 -35.04 3.90
CA LEU A 369 -16.61 -35.67 2.83
C LEU A 369 -17.21 -35.38 1.47
N ILE A 370 -18.53 -35.38 1.39
CA ILE A 370 -19.21 -35.05 0.14
C ILE A 370 -18.86 -33.61 -0.24
N LEU A 371 -18.85 -32.72 0.74
CA LEU A 371 -18.51 -31.34 0.43
C LEU A 371 -17.02 -31.19 0.08
N SER A 372 -16.22 -32.13 0.55
CA SER A 372 -14.81 -32.13 0.16
C SER A 372 -14.69 -32.58 -1.29
N ALA A 373 -15.57 -33.49 -1.68
CA ALA A 373 -15.60 -33.96 -3.07
C ALA A 373 -16.10 -32.83 -3.97
N VAL A 374 -16.93 -31.96 -3.43
CA VAL A 374 -17.34 -30.76 -4.15
C VAL A 374 -16.09 -29.92 -4.44
N MET A 375 -15.27 -29.68 -3.42
CA MET A 375 -14.01 -28.93 -3.66
C MET A 375 -13.16 -29.65 -4.69
N MET A 376 -13.17 -30.97 -4.65
CA MET A 376 -12.37 -31.76 -5.61
C MET A 376 -12.89 -31.54 -7.03
N LEU A 377 -14.21 -31.61 -7.18
CA LEU A 377 -14.78 -31.41 -8.50
C LEU A 377 -14.46 -30.02 -9.02
N GLU A 378 -14.52 -29.03 -8.15
CA GLU A 378 -14.15 -27.67 -8.56
C GLU A 378 -12.67 -27.65 -9.00
N HIS A 379 -11.85 -28.39 -8.28
CA HIS A 379 -10.43 -28.47 -8.59
C HIS A 379 -10.23 -29.12 -9.99
N LEU A 380 -11.08 -30.09 -10.33
CA LEU A 380 -11.03 -30.77 -11.63
C LEU A 380 -11.64 -29.99 -12.79
N GLY A 381 -12.24 -28.84 -12.49
CA GLY A 381 -12.96 -28.04 -13.48
C GLY A 381 -14.32 -28.65 -13.87
N TRP A 382 -14.90 -29.43 -12.96
CA TRP A 382 -16.20 -30.03 -13.23
C TRP A 382 -17.21 -29.27 -12.38
N GLY A 383 -17.28 -27.97 -12.63
CA GLY A 383 -18.12 -27.04 -11.89
C GLY A 383 -19.60 -27.35 -11.83
N GLU A 384 -20.16 -27.82 -12.94
CA GLU A 384 -21.58 -28.13 -12.99
C GLU A 384 -21.93 -29.29 -12.06
N ALA A 385 -21.08 -30.32 -12.01
CA ALA A 385 -21.32 -31.42 -11.08
C ALA A 385 -21.22 -30.92 -9.65
N ALA A 386 -20.24 -30.08 -9.39
CA ALA A 386 -20.04 -29.52 -8.07
C ALA A 386 -21.29 -28.76 -7.62
N GLN A 387 -21.77 -27.88 -8.47
CA GLN A 387 -22.94 -27.08 -8.17
C GLN A 387 -24.19 -27.93 -7.96
N ALA A 388 -24.31 -29.00 -8.73
CA ALA A 388 -25.46 -29.91 -8.57
C ALA A 388 -25.47 -30.53 -7.18
N ILE A 389 -24.31 -30.91 -6.68
CA ILE A 389 -24.24 -31.45 -5.33
C ILE A 389 -24.60 -30.43 -4.28
N VAL A 390 -24.08 -29.22 -4.41
CA VAL A 390 -24.39 -28.16 -3.44
C VAL A 390 -25.90 -27.85 -3.43
N ALA A 391 -26.50 -27.76 -4.62
CA ALA A 391 -27.96 -27.51 -4.67
C ALA A 391 -28.74 -28.62 -3.97
N ALA A 392 -28.38 -29.88 -4.24
CA ALA A 392 -29.06 -31.03 -3.62
C ALA A 392 -28.88 -31.01 -2.11
N MET A 393 -27.65 -30.71 -1.66
CA MET A 393 -27.38 -30.61 -0.24
C MET A 393 -28.22 -29.49 0.39
N ASN A 394 -28.26 -28.32 -0.29
CA ASN A 394 -29.08 -27.21 0.20
C ASN A 394 -30.55 -27.64 0.35
N ALA A 395 -31.06 -28.35 -0.65
CA ALA A 395 -32.49 -28.72 -0.59
C ALA A 395 -32.75 -29.79 0.47
N THR A 396 -31.81 -30.71 0.64
CA THR A 396 -32.01 -31.81 1.57
C THR A 396 -32.04 -31.32 3.01
N ILE A 397 -31.05 -30.52 3.40
CA ILE A 397 -31.00 -30.03 4.76
C ILE A 397 -32.17 -29.10 5.03
N ALA A 398 -32.52 -28.29 4.04
CA ALA A 398 -33.63 -27.34 4.20
C ALA A 398 -34.94 -28.05 4.43
N ALA A 399 -35.06 -29.26 3.88
CA ALA A 399 -36.28 -30.05 4.03
C ALA A 399 -36.29 -30.79 5.34
N GLY A 400 -35.23 -30.66 6.12
CA GLY A 400 -35.16 -31.32 7.40
C GLY A 400 -34.72 -32.79 7.34
N GLU A 401 -34.04 -33.16 6.26
CA GLU A 401 -33.52 -34.51 6.11
C GLU A 401 -32.05 -34.48 6.51
N VAL A 402 -31.76 -34.93 7.74
CA VAL A 402 -30.40 -34.87 8.28
C VAL A 402 -29.99 -36.11 9.09
N THR A 403 -28.68 -36.30 9.23
CA THR A 403 -28.17 -37.39 10.05
C THR A 403 -28.23 -37.05 11.55
N GLY A 404 -27.88 -38.04 12.37
CA GLY A 404 -28.04 -37.94 13.80
C GLY A 404 -27.27 -36.84 14.51
N ASP A 405 -26.11 -36.45 13.99
CA ASP A 405 -25.28 -35.40 14.64
C ASP A 405 -26.02 -34.07 14.59
N LEU A 406 -26.72 -33.86 13.49
CA LEU A 406 -27.53 -32.66 13.34
C LEU A 406 -28.85 -32.76 14.10
N ALA A 407 -29.50 -33.92 13.98
CA ALA A 407 -30.80 -34.10 14.64
C ALA A 407 -30.68 -34.00 16.18
N ALA A 408 -29.52 -34.34 16.72
CA ALA A 408 -29.34 -34.29 18.17
C ALA A 408 -29.37 -32.86 18.69
N LEU A 409 -29.22 -31.89 17.79
CA LEU A 409 -29.19 -30.48 18.20
C LEU A 409 -30.56 -29.84 18.39
N ARG A 410 -31.61 -30.52 17.93
CA ARG A 410 -32.97 -29.98 18.03
C ARG A 410 -34.00 -31.05 18.29
N GLY A 411 -34.94 -30.75 19.19
CA GLY A 411 -35.95 -31.73 19.54
C GLY A 411 -36.97 -31.94 18.44
N ASP A 412 -37.02 -31.05 17.46
CA ASP A 412 -38.03 -31.16 16.42
C ASP A 412 -37.52 -31.73 15.10
N VAL A 413 -36.35 -32.38 15.14
CA VAL A 413 -35.75 -32.94 13.93
C VAL A 413 -35.31 -34.39 14.19
N PRO A 414 -35.85 -35.32 13.43
CA PRO A 414 -35.48 -36.73 13.58
C PRO A 414 -34.22 -37.12 12.79
N ALA A 415 -33.53 -38.19 13.19
CA ALA A 415 -32.33 -38.62 12.48
C ALA A 415 -32.57 -39.65 11.39
N LEU A 416 -31.79 -39.52 10.33
CA LEU A 416 -31.69 -40.46 9.22
C LEU A 416 -30.33 -41.15 9.33
N SER A 417 -30.25 -42.42 8.97
CA SER A 417 -28.98 -43.14 8.93
C SER A 417 -28.11 -42.57 7.78
N THR A 418 -26.84 -42.94 7.75
CA THR A 418 -25.97 -42.48 6.67
C THR A 418 -26.59 -42.84 5.31
N THR A 419 -27.00 -44.10 5.16
CA THR A 419 -27.60 -44.54 3.87
C THR A 419 -28.92 -43.85 3.55
N GLU A 420 -29.75 -43.60 4.55
CA GLU A 420 -30.98 -42.87 4.32
C GLU A 420 -30.70 -41.43 3.85
N PHE A 421 -29.69 -40.79 4.42
CA PHE A 421 -29.36 -39.42 4.05
C PHE A 421 -28.81 -39.39 2.61
N THR A 422 -27.96 -40.36 2.31
CA THR A 422 -27.39 -40.46 0.98
C THR A 422 -28.51 -40.61 -0.06
N ALA A 423 -29.47 -41.48 0.25
CA ALA A 423 -30.62 -41.69 -0.62
C ALA A 423 -31.43 -40.39 -0.77
N ALA A 424 -31.61 -39.65 0.33
CA ALA A 424 -32.38 -38.41 0.31
C ALA A 424 -31.74 -37.36 -0.58
N LEU A 425 -30.42 -37.31 -0.54
CA LEU A 425 -29.65 -36.40 -1.37
C LEU A 425 -29.74 -36.79 -2.84
N ILE A 426 -29.46 -38.04 -3.13
CA ILE A 426 -29.42 -38.52 -4.50
C ILE A 426 -30.79 -38.42 -5.19
N ARG A 427 -31.86 -38.68 -4.46
CA ARG A 427 -33.20 -38.63 -5.07
C ARG A 427 -33.57 -37.23 -5.53
N ARG A 428 -32.77 -36.23 -5.18
CA ARG A 428 -33.04 -34.86 -5.61
C ARG A 428 -32.31 -34.45 -6.87
N PHE A 429 -31.38 -35.27 -7.36
CA PHE A 429 -30.67 -34.90 -8.58
C PHE A 429 -31.63 -34.85 -9.76
N THR B 3 10.72 4.29 46.79
CA THR B 3 9.34 3.71 46.77
C THR B 3 8.25 4.69 46.43
N HIS B 4 7.20 4.12 45.84
CA HIS B 4 6.04 4.90 45.41
C HIS B 4 4.73 4.26 45.90
N ILE B 5 4.82 3.43 46.94
CA ILE B 5 3.62 2.82 47.53
C ILE B 5 3.51 3.15 49.01
N GLN B 6 2.30 3.01 49.55
CA GLN B 6 2.07 3.34 50.96
C GLN B 6 1.18 2.30 51.63
N LYS B 7 1.66 1.77 52.73
CA LYS B 7 0.87 0.86 53.55
C LYS B 7 -0.30 1.66 54.11
N PRO B 8 -1.53 1.17 53.92
CA PRO B 8 -2.70 1.92 54.40
C PRO B 8 -2.55 2.21 55.90
N ALA B 9 -3.18 3.30 56.33
CA ALA B 9 -3.11 3.77 57.71
C ALA B 9 -3.92 2.95 58.70
N THR B 10 -5.08 2.45 58.28
CA THR B 10 -5.97 1.71 59.20
C THR B 10 -6.05 0.21 58.96
N GLY B 11 -5.32 -0.29 57.97
CA GLY B 11 -5.37 -1.72 57.72
C GLY B 11 -4.37 -2.57 58.50
N SER B 12 -4.65 -3.87 58.50
CA SER B 12 -3.79 -4.87 59.07
C SER B 12 -3.63 -5.98 58.02
N PRO B 13 -2.43 -6.54 57.94
CA PRO B 13 -2.13 -7.59 56.96
C PRO B 13 -2.85 -8.88 57.25
N LEU B 14 -3.05 -9.68 56.21
CA LEU B 14 -3.57 -11.01 56.38
C LEU B 14 -2.50 -11.82 57.10
N THR B 15 -2.91 -12.72 57.96
CA THR B 15 -1.94 -13.55 58.66
C THR B 15 -2.34 -14.99 58.54
N LEU B 16 -1.69 -15.81 59.37
CA LEU B 16 -1.95 -17.23 59.40
C LEU B 16 -2.10 -17.72 60.82
N LEU B 17 -2.65 -18.91 60.95
CA LEU B 17 -2.84 -19.53 62.24
C LEU B 17 -3.01 -21.01 61.95
N ASN B 18 -1.94 -21.74 62.19
CA ASN B 18 -1.91 -23.17 61.92
C ASN B 18 -2.08 -23.45 60.45
N GLY B 19 -1.45 -22.59 59.65
CA GLY B 19 -1.44 -22.72 58.20
C GLY B 19 -2.72 -22.30 57.53
N VAL B 20 -3.60 -21.64 58.27
CA VAL B 20 -4.89 -21.19 57.74
C VAL B 20 -5.00 -19.65 57.72
N LEU B 21 -5.53 -19.13 56.62
CA LEU B 21 -5.66 -17.68 56.43
C LEU B 21 -6.47 -16.96 57.52
N GLN B 22 -5.86 -15.95 58.14
CA GLN B 22 -6.52 -15.16 59.16
C GLN B 22 -6.80 -13.79 58.55
N VAL B 23 -8.08 -13.39 58.58
CA VAL B 23 -8.48 -12.15 57.92
C VAL B 23 -9.00 -11.12 58.92
N PRO B 24 -8.23 -10.05 59.14
CA PRO B 24 -8.68 -8.96 60.02
C PRO B 24 -9.95 -8.32 59.43
N ASP B 25 -10.66 -7.58 60.27
CA ASP B 25 -11.88 -6.91 59.84
C ASP B 25 -11.58 -5.75 58.90
N GLN B 26 -10.34 -5.25 58.96
CA GLN B 26 -9.87 -4.22 58.05
C GLN B 26 -8.59 -4.73 57.37
N PRO B 27 -8.76 -5.70 56.47
CA PRO B 27 -7.63 -6.32 55.78
C PRO B 27 -7.00 -5.35 54.76
N ILE B 28 -5.67 -5.44 54.64
CA ILE B 28 -4.93 -4.71 53.62
C ILE B 28 -4.96 -5.58 52.36
N ILE B 29 -5.57 -5.08 51.31
CA ILE B 29 -5.68 -5.82 50.05
C ILE B 29 -5.10 -5.01 48.89
N PRO B 30 -3.92 -5.35 48.42
CA PRO B 30 -3.32 -4.63 47.29
C PRO B 30 -4.14 -4.75 46.01
N PHE B 31 -4.12 -3.69 45.20
CA PHE B 31 -4.79 -3.76 43.91
C PHE B 31 -3.91 -3.05 42.88
N ILE B 32 -4.01 -3.50 41.63
CA ILE B 32 -3.31 -2.86 40.52
C ILE B 32 -4.38 -2.39 39.54
N GLU B 33 -4.35 -1.11 39.17
CA GLU B 33 -5.42 -0.57 38.33
C GLU B 33 -5.54 -1.29 37.00
N GLY B 34 -4.42 -1.40 36.28
CA GLY B 34 -4.41 -2.03 34.97
C GLY B 34 -4.35 -1.00 33.85
N ASP B 35 -3.84 -1.40 32.68
CA ASP B 35 -3.78 -0.52 31.49
C ASP B 35 -5.17 -0.44 30.85
N GLY B 36 -5.35 0.50 29.92
CA GLY B 36 -6.60 0.64 29.18
C GLY B 36 -7.86 0.66 30.03
N ILE B 37 -8.77 -0.27 29.82
CA ILE B 37 -10.03 -0.24 30.57
C ILE B 37 -9.86 -0.54 32.05
N GLY B 38 -8.64 -0.87 32.47
CA GLY B 38 -8.41 -0.99 33.90
C GLY B 38 -8.88 0.28 34.61
N CYS B 39 -8.71 1.43 33.98
CA CYS B 39 -9.12 2.72 34.57
C CYS B 39 -10.65 2.77 34.73
N ASP B 40 -11.38 1.91 34.03
CA ASP B 40 -12.83 1.87 34.19
C ASP B 40 -13.25 0.75 35.15
N VAL B 41 -12.72 -0.45 34.96
CA VAL B 41 -13.19 -1.60 35.72
C VAL B 41 -12.72 -1.68 37.17
N THR B 42 -11.51 -1.22 37.44
CA THR B 42 -10.99 -1.30 38.82
C THR B 42 -11.75 -0.41 39.83
N PRO B 43 -11.95 0.86 39.50
CA PRO B 43 -12.72 1.74 40.38
C PRO B 43 -14.14 1.21 40.55
N ALA B 44 -14.71 0.60 39.49
CA ALA B 44 -16.06 0.05 39.56
C ALA B 44 -16.08 -1.14 40.53
N MET B 45 -15.12 -2.05 40.38
CA MET B 45 -15.01 -3.19 41.30
C MET B 45 -14.88 -2.70 42.77
N ARG B 46 -14.01 -1.73 43.02
CA ARG B 46 -13.80 -1.26 44.39
C ARG B 46 -15.09 -0.67 44.96
N SER B 47 -15.79 0.14 44.17
CA SER B 47 -17.05 0.71 44.63
C SER B 47 -18.06 -0.35 44.98
N VAL B 48 -18.17 -1.35 44.13
CA VAL B 48 -19.19 -2.37 44.35
C VAL B 48 -18.83 -3.20 45.57
N VAL B 49 -17.57 -3.55 45.66
CA VAL B 49 -17.13 -4.37 46.77
C VAL B 49 -17.30 -3.57 48.07
N ASP B 50 -16.88 -2.32 48.07
CA ASP B 50 -17.03 -1.53 49.30
C ASP B 50 -18.51 -1.38 49.70
N ALA B 51 -19.37 -1.23 48.71
CA ALA B 51 -20.79 -1.04 49.00
C ALA B 51 -21.38 -2.30 49.61
N ALA B 52 -20.99 -3.46 49.07
CA ALA B 52 -21.48 -4.73 49.59
C ALA B 52 -20.95 -5.01 51.01
N VAL B 53 -19.67 -4.78 51.22
CA VAL B 53 -19.07 -4.98 52.54
C VAL B 53 -19.71 -4.05 53.57
N ALA B 54 -19.86 -2.78 53.22
CA ALA B 54 -20.46 -1.84 54.18
C ALA B 54 -21.85 -2.35 54.58
N LYS B 55 -22.64 -2.76 53.60
CA LYS B 55 -24.00 -3.24 53.87
C LYS B 55 -24.10 -4.52 54.70
N VAL B 56 -23.47 -5.61 54.24
CA VAL B 56 -23.66 -6.88 54.95
C VAL B 56 -22.99 -6.94 56.34
N TYR B 57 -21.92 -6.18 56.55
CA TYR B 57 -21.24 -6.24 57.86
C TYR B 57 -21.47 -4.97 58.71
N GLY B 58 -22.37 -4.11 58.23
CA GLY B 58 -22.80 -2.92 58.95
C GLY B 58 -21.71 -1.98 59.42
N GLY B 59 -20.60 -1.96 58.69
CA GLY B 59 -19.51 -1.07 59.05
C GLY B 59 -18.44 -1.69 59.95
N GLN B 60 -18.65 -2.92 60.40
CA GLN B 60 -17.67 -3.60 61.26
C GLN B 60 -16.43 -4.03 60.47
N ARG B 61 -16.57 -4.16 59.16
CA ARG B 61 -15.46 -4.57 58.30
C ARG B 61 -15.28 -3.58 57.15
N GLN B 62 -14.06 -3.45 56.65
CA GLN B 62 -13.82 -2.58 55.51
C GLN B 62 -12.46 -2.86 54.92
N ILE B 63 -12.42 -3.12 53.62
CA ILE B 63 -11.15 -3.35 52.95
C ILE B 63 -10.25 -2.12 52.97
N ALA B 64 -8.97 -2.31 53.32
CA ALA B 64 -8.00 -1.23 53.29
C ALA B 64 -7.22 -1.38 52.00
N TRP B 65 -7.77 -0.85 50.89
CA TRP B 65 -7.12 -0.98 49.59
C TRP B 65 -5.72 -0.38 49.58
N MET B 66 -4.78 -1.09 48.97
CA MET B 66 -3.42 -0.58 48.85
C MET B 66 -2.99 -0.62 47.39
N GLU B 67 -2.77 0.54 46.79
CA GLU B 67 -2.44 0.53 45.36
C GLU B 67 -0.99 0.14 45.11
N LEU B 68 -0.81 -0.82 44.22
CA LEU B 68 0.52 -1.20 43.72
C LEU B 68 0.52 -0.86 42.24
N PHE B 69 1.70 -0.79 41.63
CA PHE B 69 1.78 -0.37 40.23
C PHE B 69 2.44 -1.36 39.28
N ALA B 70 1.90 -1.42 38.07
CA ALA B 70 2.44 -2.22 36.99
C ALA B 70 1.94 -1.66 35.65
N GLY B 71 2.66 -1.96 34.56
CA GLY B 71 2.25 -1.45 33.27
C GLY B 71 2.58 0.02 33.09
N GLN B 72 1.76 0.69 32.29
CA GLN B 72 1.99 2.10 31.96
C GLN B 72 2.03 3.00 33.19
N LYS B 73 1.14 2.75 34.14
CA LYS B 73 1.08 3.57 35.33
C LYS B 73 2.39 3.47 36.10
N ALA B 74 3.00 2.28 36.11
CA ALA B 74 4.24 2.06 36.82
C ALA B 74 5.37 2.81 36.13
N VAL B 75 5.37 2.77 34.80
CA VAL B 75 6.40 3.44 34.02
C VAL B 75 6.37 4.95 34.25
N GLN B 76 5.19 5.55 34.29
CA GLN B 76 5.14 7.00 34.41
C GLN B 76 5.59 7.42 35.82
N LEU B 77 5.39 6.52 36.77
CA LEU B 77 5.69 6.78 38.15
C LEU B 77 7.12 6.38 38.55
N TYR B 78 7.58 5.22 38.10
CA TYR B 78 8.90 4.73 38.50
C TYR B 78 10.00 5.00 37.50
N GLY B 79 9.65 5.30 36.25
CA GLY B 79 10.68 5.53 35.25
C GLY B 79 10.61 4.59 34.05
N GLU B 80 11.29 4.98 32.99
CA GLU B 80 11.25 4.18 31.78
C GLU B 80 11.74 2.75 32.05
N GLY B 81 11.10 1.77 31.41
CA GLY B 81 11.45 0.37 31.63
C GLY B 81 10.88 -0.29 32.89
N GLN B 82 10.39 0.52 33.82
CA GLN B 82 9.89 0.02 35.10
C GLN B 82 8.45 -0.50 35.00
N TYR B 83 8.22 -1.50 34.15
CA TYR B 83 6.87 -2.03 33.95
C TYR B 83 6.36 -2.83 35.14
N LEU B 84 7.29 -3.47 35.86
CA LEU B 84 6.91 -4.27 37.02
C LEU B 84 7.95 -4.08 38.13
N PRO B 85 7.79 -3.02 38.90
CA PRO B 85 8.76 -2.70 39.96
C PRO B 85 8.91 -3.87 40.92
N ASP B 86 10.13 -4.11 41.37
CA ASP B 86 10.37 -5.20 42.32
C ASP B 86 9.45 -5.07 43.53
N GLU B 87 9.19 -3.83 43.92
CA GLU B 87 8.40 -3.53 45.11
C GLU B 87 6.96 -4.02 45.01
N THR B 88 6.47 -4.10 43.79
CA THR B 88 5.11 -4.60 43.53
C THR B 88 5.02 -6.07 43.90
N MET B 89 5.94 -6.87 43.39
CA MET B 89 5.89 -8.30 43.69
C MET B 89 6.16 -8.58 45.17
N ALA B 90 7.09 -7.85 45.78
CA ALA B 90 7.36 -8.07 47.20
C ALA B 90 6.12 -7.78 48.06
N ALA B 91 5.37 -6.75 47.67
CA ALA B 91 4.18 -6.37 48.43
C ALA B 91 3.13 -7.48 48.37
N ILE B 92 2.96 -8.05 47.20
CA ILE B 92 1.97 -9.11 47.04
C ILE B 92 2.40 -10.35 47.83
N ARG B 93 3.70 -10.61 47.86
CA ARG B 93 4.21 -11.71 48.67
C ARG B 93 3.89 -11.48 50.13
N GLU B 94 3.98 -10.23 50.53
CA GLU B 94 3.75 -9.85 51.91
C GLU B 94 2.27 -9.86 52.33
N TYR B 95 1.42 -9.42 51.44
CA TYR B 95 0.00 -9.29 51.77
C TYR B 95 -0.86 -10.48 51.33
N LYS B 96 -0.25 -11.41 50.58
CA LYS B 96 -0.87 -12.68 50.21
C LYS B 96 -2.04 -12.69 49.22
N VAL B 97 -2.79 -11.60 49.13
CA VAL B 97 -3.92 -11.57 48.20
C VAL B 97 -4.00 -10.20 47.55
N ALA B 98 -4.23 -10.20 46.24
CA ALA B 98 -4.32 -8.97 45.47
C ALA B 98 -5.30 -9.14 44.30
N ILE B 99 -5.73 -8.03 43.74
CA ILE B 99 -6.61 -8.05 42.58
C ILE B 99 -6.08 -7.06 41.58
N LYS B 100 -6.03 -7.44 40.30
CA LYS B 100 -5.48 -6.57 39.28
C LYS B 100 -6.37 -6.44 38.06
N GLY B 101 -6.25 -5.27 37.43
CA GLY B 101 -6.89 -5.02 36.15
C GLY B 101 -6.01 -5.62 35.06
N PRO B 102 -6.41 -5.49 33.82
CA PRO B 102 -5.62 -6.02 32.69
C PRO B 102 -4.30 -5.29 32.51
N LEU B 103 -3.33 -5.99 31.91
CA LEU B 103 -2.02 -5.37 31.56
C LEU B 103 -1.70 -5.65 30.09
N GLU B 104 -1.14 -4.64 29.43
CA GLU B 104 -0.79 -4.69 28.01
C GLU B 104 0.49 -5.49 27.75
N THR B 105 0.40 -6.43 26.79
CA THR B 105 1.56 -7.21 26.32
C THR B 105 1.68 -6.99 24.81
N PRO B 106 2.79 -6.42 24.35
CA PRO B 106 3.01 -6.13 22.93
C PRO B 106 3.10 -7.40 22.08
N VAL B 107 2.77 -7.28 20.80
CA VAL B 107 2.82 -8.40 19.87
C VAL B 107 4.06 -8.31 18.97
N GLY B 108 4.75 -9.45 18.81
CA GLY B 108 5.89 -9.57 17.92
C GLY B 108 7.20 -9.06 18.45
N GLY B 109 7.17 -8.56 19.67
CA GLY B 109 8.36 -8.02 20.31
C GLY B 109 7.96 -7.33 21.60
N GLY B 110 8.83 -6.43 22.06
CA GLY B 110 8.54 -5.69 23.27
C GLY B 110 8.63 -6.58 24.49
N ILE B 111 8.16 -6.07 25.61
CA ILE B 111 8.30 -6.79 26.88
C ILE B 111 7.55 -8.11 26.93
N ARG B 112 8.09 -9.03 27.73
CA ARG B 112 7.39 -10.27 28.01
C ARG B 112 6.17 -9.92 28.88
N SER B 113 5.09 -10.67 28.70
CA SER B 113 3.85 -10.48 29.42
C SER B 113 4.04 -10.31 30.92
N LEU B 114 3.52 -9.20 31.46
CA LEU B 114 3.60 -8.96 32.89
C LEU B 114 2.66 -9.87 33.63
N ASN B 115 1.57 -10.27 32.96
CA ASN B 115 0.59 -11.15 33.56
C ASN B 115 1.20 -12.50 33.83
N VAL B 116 1.90 -13.00 32.83
CA VAL B 116 2.60 -14.25 32.98
C VAL B 116 3.74 -14.09 33.97
N ALA B 117 4.45 -12.96 33.92
CA ALA B 117 5.57 -12.77 34.83
C ALA B 117 5.13 -12.81 36.29
N MET B 118 3.96 -12.25 36.60
CA MET B 118 3.50 -12.29 38.00
C MET B 118 3.17 -13.72 38.39
N ARG B 119 2.49 -14.41 37.49
CA ARG B 119 2.14 -15.80 37.73
C ARG B 119 3.37 -16.65 38.00
N GLN B 120 4.43 -16.43 37.22
CA GLN B 120 5.65 -17.23 37.34
C GLN B 120 6.37 -16.90 38.65
N ASP B 121 6.52 -15.62 38.92
CA ASP B 121 7.21 -15.13 40.10
C ASP B 121 6.64 -15.67 41.43
N LEU B 122 5.32 -15.71 41.53
CA LEU B 122 4.68 -16.19 42.75
C LEU B 122 4.26 -17.65 42.61
N ASP B 123 4.62 -18.26 41.49
CA ASP B 123 4.28 -19.66 41.21
C ASP B 123 2.79 -19.92 41.39
N LEU B 124 1.96 -19.03 40.85
CA LEU B 124 0.52 -19.19 40.97
C LEU B 124 0.10 -20.17 39.88
N TYR B 125 0.29 -21.45 40.13
CA TYR B 125 0.16 -22.45 39.10
C TYR B 125 -1.26 -22.83 38.68
N VAL B 126 -2.25 -22.40 39.45
CA VAL B 126 -3.64 -22.65 39.06
C VAL B 126 -4.23 -21.35 38.50
N CYS B 127 -4.74 -21.41 37.27
CA CYS B 127 -5.54 -20.30 36.77
C CYS B 127 -6.95 -20.85 36.82
N LEU B 128 -7.77 -20.33 37.71
CA LEU B 128 -9.12 -20.84 37.97
C LEU B 128 -10.17 -19.92 37.38
N ARG B 129 -10.90 -20.40 36.38
CA ARG B 129 -11.92 -19.56 35.72
C ARG B 129 -13.29 -20.24 35.63
N PRO B 130 -14.19 -19.87 36.53
CA PRO B 130 -15.56 -20.40 36.50
C PRO B 130 -16.35 -19.64 35.45
N VAL B 131 -17.07 -20.36 34.60
CA VAL B 131 -17.90 -19.73 33.59
C VAL B 131 -19.31 -20.26 33.73
N ARG B 132 -20.25 -19.36 34.02
CA ARG B 132 -21.65 -19.72 34.11
C ARG B 132 -22.51 -18.63 33.51
N TYR B 133 -23.77 -18.98 33.24
CA TYR B 133 -24.71 -18.06 32.62
C TYR B 133 -25.54 -17.31 33.66
N PHE B 134 -25.55 -15.99 33.57
CA PHE B 134 -26.43 -15.16 34.39
C PHE B 134 -27.75 -15.03 33.64
N GLU B 135 -28.84 -15.47 34.23
CA GLU B 135 -30.12 -15.47 33.51
C GLU B 135 -30.37 -14.09 32.93
N GLY B 136 -30.83 -14.05 31.68
CA GLY B 136 -31.17 -12.80 31.03
C GLY B 136 -30.02 -12.17 30.26
N THR B 137 -28.82 -12.75 30.34
CA THR B 137 -27.71 -12.13 29.61
C THR B 137 -27.85 -12.36 28.11
N PRO B 138 -27.72 -11.32 27.30
CA PRO B 138 -27.74 -11.49 25.84
C PRO B 138 -26.63 -12.46 25.42
N SER B 139 -26.93 -13.41 24.53
CA SER B 139 -25.95 -14.44 24.17
C SER B 139 -26.13 -14.81 22.70
N PRO B 140 -25.06 -15.24 22.04
CA PRO B 140 -25.17 -15.70 20.65
C PRO B 140 -25.69 -17.11 20.60
N MET B 141 -25.79 -17.78 21.76
CA MET B 141 -26.26 -19.16 21.78
C MET B 141 -27.77 -19.22 21.94
N ARG B 142 -28.36 -20.32 21.50
CA ARG B 142 -29.78 -20.55 21.73
C ARG B 142 -30.02 -20.96 23.17
N HIS B 143 -29.07 -21.70 23.76
CA HIS B 143 -29.23 -22.22 25.13
C HIS B 143 -27.98 -22.04 25.98
N PRO B 144 -27.67 -20.79 26.27
CA PRO B 144 -26.48 -20.45 27.05
C PRO B 144 -26.59 -20.94 28.50
N GLU B 145 -27.82 -21.19 28.95
CA GLU B 145 -28.02 -21.63 30.34
C GLU B 145 -27.41 -23.02 30.56
N LYS B 146 -27.05 -23.70 29.49
CA LYS B 146 -26.45 -25.01 29.62
C LYS B 146 -24.94 -24.96 29.91
N VAL B 147 -24.40 -23.76 30.00
CA VAL B 147 -22.98 -23.60 30.30
C VAL B 147 -22.77 -23.35 31.80
N ASP B 148 -22.11 -24.28 32.46
CA ASP B 148 -21.79 -24.10 33.88
C ASP B 148 -20.55 -24.95 34.10
N MET B 149 -19.39 -24.33 33.97
CA MET B 149 -18.12 -25.04 34.04
C MET B 149 -17.11 -24.30 34.87
N VAL B 150 -16.06 -25.02 35.24
CA VAL B 150 -14.98 -24.40 36.00
C VAL B 150 -13.69 -24.85 35.33
N ILE B 151 -12.96 -23.90 34.78
CA ILE B 151 -11.72 -24.20 34.08
C ILE B 151 -10.50 -24.10 34.99
N PHE B 152 -9.74 -25.20 35.09
CA PHE B 152 -8.45 -25.21 35.77
C PHE B 152 -7.39 -25.22 34.67
N ARG B 153 -6.73 -24.09 34.50
CA ARG B 153 -5.74 -23.90 33.45
C ARG B 153 -4.34 -23.88 34.05
N GLU B 154 -3.49 -24.82 33.65
CA GLU B 154 -2.10 -24.86 34.12
C GLU B 154 -1.47 -23.50 33.84
N ASN B 155 -0.85 -22.92 34.87
CA ASN B 155 -0.43 -21.53 34.83
C ASN B 155 1.08 -21.29 35.04
N SER B 156 1.91 -22.33 34.97
CA SER B 156 3.33 -22.14 35.23
C SER B 156 4.29 -22.62 34.13
N GLU B 157 3.80 -23.40 33.17
CA GLU B 157 4.69 -23.90 32.11
C GLU B 157 4.03 -23.85 30.71
N ASP B 158 4.29 -24.87 29.89
CA ASP B 158 3.81 -24.86 28.51
C ASP B 158 4.54 -23.77 27.75
N ILE B 159 4.15 -23.58 26.49
CA ILE B 159 4.81 -22.64 25.60
C ILE B 159 4.74 -21.21 26.10
N TYR B 160 4.08 -21.03 27.24
CA TYR B 160 3.96 -19.74 27.89
C TYR B 160 5.17 -19.36 28.67
N ALA B 161 6.15 -20.26 28.72
CA ALA B 161 7.36 -19.99 29.48
C ALA B 161 8.11 -18.81 28.87
N GLY B 162 7.85 -18.55 27.58
CA GLY B 162 8.48 -17.45 26.87
C GLY B 162 9.87 -17.78 26.37
N ILE B 163 10.08 -19.02 25.96
CA ILE B 163 11.38 -19.48 25.48
C ILE B 163 11.34 -19.60 23.95
N GLU B 164 12.02 -18.69 23.27
CA GLU B 164 11.98 -18.66 21.81
C GLU B 164 13.03 -17.71 21.31
N TRP B 165 13.41 -17.91 20.04
CA TRP B 165 14.42 -17.08 19.38
C TRP B 165 13.96 -16.81 17.96
N PRO B 166 14.20 -15.58 17.50
CA PRO B 166 13.72 -15.10 16.19
C PRO B 166 14.40 -15.70 14.96
N ALA B 167 13.63 -15.75 13.88
CA ALA B 167 14.13 -16.29 12.63
C ALA B 167 15.34 -15.49 12.21
N GLY B 168 16.35 -16.19 11.71
CA GLY B 168 17.56 -15.52 11.24
C GLY B 168 18.58 -15.14 12.30
N SER B 169 18.24 -15.30 13.58
CA SER B 169 19.17 -14.89 14.63
C SER B 169 20.26 -15.95 14.88
N PRO B 170 21.41 -15.52 15.40
CA PRO B 170 22.47 -16.47 15.75
C PRO B 170 21.96 -17.55 16.70
N GLU B 171 21.09 -17.18 17.65
CA GLU B 171 20.54 -18.15 18.59
C GLU B 171 19.65 -19.18 17.91
N ALA B 172 18.73 -18.73 17.07
CA ALA B 172 17.92 -19.68 16.31
C ALA B 172 18.83 -20.60 15.48
N GLU B 173 19.83 -20.02 14.84
CA GLU B 173 20.71 -20.82 14.01
C GLU B 173 21.41 -21.87 14.87
N LYS B 174 21.83 -21.45 16.07
CA LYS B 174 22.49 -22.35 17.04
C LYS B 174 21.62 -23.53 17.50
N ILE B 175 20.38 -23.25 17.93
CA ILE B 175 19.51 -24.34 18.35
C ILE B 175 19.09 -25.24 17.16
N ILE B 176 18.86 -24.64 16.00
CA ILE B 176 18.48 -25.45 14.83
C ILE B 176 19.63 -26.41 14.48
N ARG B 177 20.85 -25.92 14.54
CA ARG B 177 22.00 -26.77 14.26
C ARG B 177 22.12 -27.92 15.28
N PHE B 178 21.91 -27.62 16.56
CA PHE B 178 21.94 -28.66 17.57
C PHE B 178 20.81 -29.69 17.35
N LEU B 179 19.62 -29.20 17.02
CA LEU B 179 18.48 -30.09 16.80
C LEU B 179 18.75 -31.04 15.63
N ARG B 180 19.25 -30.49 14.55
CA ARG B 180 19.48 -31.29 13.35
C ARG B 180 20.70 -32.19 13.42
N GLU B 181 21.81 -31.65 13.92
CA GLU B 181 23.09 -32.40 13.98
C GLU B 181 23.27 -33.31 15.19
N GLU B 182 22.72 -32.93 16.34
CA GLU B 182 22.91 -33.73 17.56
C GLU B 182 21.65 -34.46 18.04
N MET B 183 20.47 -33.97 17.69
CA MET B 183 19.21 -34.59 18.11
C MET B 183 18.59 -35.41 16.99
N GLY B 184 19.16 -35.37 15.79
CA GLY B 184 18.62 -36.09 14.65
C GLY B 184 17.28 -35.61 14.11
N VAL B 185 16.98 -34.33 14.28
CA VAL B 185 15.69 -33.77 13.84
C VAL B 185 15.69 -33.52 12.35
N THR B 186 14.67 -34.03 11.67
CA THR B 186 14.55 -33.92 10.21
C THR B 186 13.26 -33.23 9.78
N LYS B 187 12.38 -32.94 10.73
CA LYS B 187 11.06 -32.41 10.40
C LYS B 187 10.92 -30.91 10.31
N ILE B 188 12.01 -30.17 10.50
CA ILE B 188 11.92 -28.72 10.37
C ILE B 188 11.83 -28.43 8.88
N ARG B 189 10.69 -27.91 8.43
CA ARG B 189 10.50 -27.69 6.99
C ARG B 189 11.41 -26.63 6.36
N PHE B 190 11.55 -25.48 7.03
CA PHE B 190 12.38 -24.40 6.50
C PHE B 190 13.41 -23.99 7.53
N PRO B 191 14.45 -24.80 7.66
CA PRO B 191 15.47 -24.57 8.70
C PRO B 191 16.20 -23.26 8.56
N ASP B 192 16.34 -22.71 7.34
CA ASP B 192 17.06 -21.46 7.13
C ASP B 192 16.30 -20.20 7.56
N SER B 193 15.01 -20.30 7.86
CA SER B 193 14.26 -19.10 8.22
C SER B 193 13.27 -19.35 9.35
N SER B 194 13.51 -20.37 10.15
CA SER B 194 12.58 -20.69 11.23
C SER B 194 12.95 -19.98 12.52
N ALA B 195 11.93 -19.40 13.16
CA ALA B 195 12.02 -19.00 14.54
C ALA B 195 11.72 -20.29 15.31
N ILE B 196 12.18 -20.37 16.56
CA ILE B 196 12.00 -21.61 17.32
C ILE B 196 11.46 -21.29 18.70
N GLY B 197 10.37 -21.96 19.08
CA GLY B 197 9.79 -21.84 20.41
C GLY B 197 9.96 -23.19 21.10
N ILE B 198 10.03 -23.17 22.43
CA ILE B 198 10.22 -24.40 23.20
C ILE B 198 9.01 -24.60 24.09
N LYS B 199 8.45 -25.82 24.08
CA LYS B 199 7.28 -26.16 24.90
C LYS B 199 7.64 -27.16 25.99
N PRO B 200 7.85 -26.71 27.24
CA PRO B 200 8.09 -27.67 28.33
C PRO B 200 6.78 -28.00 29.07
N VAL B 201 6.47 -29.28 29.18
CA VAL B 201 5.32 -29.74 29.96
C VAL B 201 5.84 -30.89 30.79
N SER B 202 5.63 -30.82 32.11
CA SER B 202 6.24 -31.79 33.03
C SER B 202 5.26 -32.63 33.85
N THR B 203 5.77 -33.74 34.37
CA THR B 203 4.98 -34.56 35.27
C THR B 203 4.64 -33.75 36.53
N GLU B 204 5.62 -33.05 37.09
CA GLU B 204 5.36 -32.29 38.32
C GLU B 204 4.37 -31.17 38.12
N GLY B 205 4.53 -30.43 37.02
CA GLY B 205 3.62 -29.36 36.71
C GLY B 205 2.19 -29.83 36.41
N SER B 206 2.05 -30.86 35.56
CA SER B 206 0.74 -31.38 35.22
C SER B 206 0.04 -31.98 36.43
N GLU B 207 0.80 -32.76 37.20
CA GLU B 207 0.29 -33.40 38.40
C GLU B 207 -0.31 -32.44 39.43
N ARG B 208 0.38 -31.37 39.79
CA ARG B 208 -0.17 -30.49 40.85
C ARG B 208 -1.41 -29.72 40.37
N LEU B 209 -1.49 -29.43 39.08
CA LEU B 209 -2.66 -28.73 38.54
C LEU B 209 -3.84 -29.70 38.51
N ILE B 210 -3.59 -30.92 38.06
CA ILE B 210 -4.68 -31.87 38.00
C ILE B 210 -5.16 -32.29 39.40
N ARG B 211 -4.22 -32.46 40.32
CA ARG B 211 -4.60 -32.73 41.72
C ARG B 211 -5.58 -31.65 42.25
N ARG B 212 -5.24 -30.38 42.06
CA ARG B 212 -6.08 -29.25 42.51
C ARG B 212 -7.45 -29.25 41.87
N THR B 213 -7.50 -29.66 40.60
CA THR B 213 -8.77 -29.78 39.87
C THR B 213 -9.66 -30.88 40.47
N ILE B 214 -9.09 -32.04 40.70
CA ILE B 214 -9.88 -33.14 41.24
C ILE B 214 -10.35 -32.83 42.66
N GLN B 215 -9.49 -32.20 43.44
CA GLN B 215 -9.87 -31.86 44.82
C GLN B 215 -11.06 -30.91 44.81
N TYR B 216 -11.02 -29.94 43.90
CA TYR B 216 -12.09 -28.97 43.75
C TYR B 216 -13.38 -29.67 43.36
N ALA B 217 -13.29 -30.51 42.33
CA ALA B 217 -14.47 -31.19 41.81
C ALA B 217 -15.17 -32.02 42.90
N LEU B 218 -14.35 -32.72 43.69
CA LEU B 218 -14.85 -33.54 44.78
C LEU B 218 -15.49 -32.70 45.87
N GLU B 219 -14.79 -31.67 46.31
CA GLU B 219 -15.40 -30.88 47.38
C GLU B 219 -16.62 -30.06 46.97
N HIS B 220 -16.74 -29.73 45.69
CA HIS B 220 -17.91 -29.00 45.21
C HIS B 220 -19.00 -29.89 44.60
N GLY B 221 -18.82 -31.20 44.70
CA GLY B 221 -19.83 -32.14 44.22
C GLY B 221 -20.05 -32.12 42.71
N LYS B 222 -19.00 -31.90 41.94
CA LYS B 222 -19.15 -31.86 40.49
C LYS B 222 -19.19 -33.25 39.87
N PRO B 223 -19.95 -33.42 38.79
CA PRO B 223 -20.10 -34.75 38.15
C PRO B 223 -18.86 -35.28 37.42
N SER B 224 -18.04 -34.38 36.87
CA SER B 224 -16.86 -34.83 36.12
C SER B 224 -15.71 -33.83 36.03
N VAL B 225 -14.54 -34.37 35.71
CA VAL B 225 -13.37 -33.58 35.36
C VAL B 225 -12.94 -34.06 33.97
N SER B 226 -12.81 -33.11 33.05
CA SER B 226 -12.38 -33.41 31.67
C SER B 226 -10.94 -32.93 31.45
N LEU B 227 -10.06 -33.85 31.08
CA LEU B 227 -8.68 -33.51 30.76
C LEU B 227 -8.67 -33.17 29.28
N VAL B 228 -8.41 -31.90 28.95
CA VAL B 228 -8.43 -31.47 27.55
C VAL B 228 -6.97 -31.36 27.08
N HIS B 229 -6.65 -31.90 25.91
CA HIS B 229 -5.26 -32.00 25.43
C HIS B 229 -5.22 -32.25 23.94
N LYS B 230 -4.08 -32.01 23.31
CA LYS B 230 -3.93 -32.36 21.89
C LYS B 230 -2.83 -33.43 21.86
N GLY B 231 -3.08 -34.51 22.60
CA GLY B 231 -2.05 -35.51 22.85
C GLY B 231 -1.82 -36.50 21.75
N ASN B 232 -2.62 -36.44 20.69
CA ASN B 232 -2.36 -37.29 19.53
C ASN B 232 -1.19 -36.72 18.72
N ILE B 233 -1.14 -35.39 18.61
CA ILE B 233 -0.06 -34.71 17.87
C ILE B 233 1.13 -34.30 18.76
N MET B 234 0.84 -33.86 19.98
CA MET B 234 1.86 -33.49 20.95
C MET B 234 1.82 -34.64 21.98
N LYS B 235 2.42 -35.76 21.62
CA LYS B 235 2.24 -36.97 22.40
C LYS B 235 2.83 -36.97 23.81
N PHE B 236 4.01 -36.37 23.96
CA PHE B 236 4.74 -36.42 25.23
C PHE B 236 4.49 -35.23 26.16
N THR B 237 4.02 -34.11 25.61
CA THR B 237 3.66 -32.97 26.44
C THR B 237 2.18 -33.04 26.76
N GLU B 238 1.32 -32.81 25.76
CA GLU B 238 -0.12 -32.84 26.01
C GLU B 238 -0.64 -34.25 26.30
N GLY B 239 -0.09 -35.24 25.62
CA GLY B 239 -0.46 -36.63 25.89
C GLY B 239 0.04 -37.09 27.27
N GLY B 240 1.19 -36.57 27.66
CA GLY B 240 1.73 -36.78 28.99
C GLY B 240 0.76 -36.20 30.01
N PHE B 241 0.36 -34.95 29.83
CA PHE B 241 -0.66 -34.35 30.69
C PHE B 241 -1.86 -35.27 30.93
N ARG B 242 -2.37 -35.86 29.86
CA ARG B 242 -3.51 -36.74 30.00
C ARG B 242 -3.15 -38.00 30.77
N ASP B 243 -2.08 -38.65 30.36
CA ASP B 243 -1.71 -39.94 30.93
C ASP B 243 -1.32 -39.79 32.41
N TRP B 244 -0.54 -38.76 32.71
CA TRP B 244 -0.15 -38.48 34.08
C TRP B 244 -1.36 -38.14 34.92
N GLY B 245 -2.32 -37.45 34.30
CA GLY B 245 -3.56 -37.09 34.96
C GLY B 245 -4.37 -38.30 35.37
N TYR B 246 -4.54 -39.26 34.46
CA TYR B 246 -5.28 -40.48 34.77
C TYR B 246 -4.59 -41.29 35.86
N ALA B 247 -3.27 -41.38 35.76
CA ALA B 247 -2.49 -42.14 36.73
C ALA B 247 -2.63 -41.55 38.15
N LEU B 248 -2.52 -40.24 38.27
CA LEU B 248 -2.64 -39.57 39.58
C LEU B 248 -4.03 -39.73 40.17
N ALA B 249 -5.05 -39.66 39.32
CA ALA B 249 -6.42 -39.76 39.77
C ALA B 249 -6.63 -41.10 40.47
N GLU B 250 -6.18 -42.16 39.80
CA GLU B 250 -6.39 -43.52 40.25
C GLU B 250 -5.59 -43.89 41.48
N ARG B 251 -4.43 -43.25 41.57
CA ARG B 251 -3.46 -43.44 42.62
C ARG B 251 -3.84 -42.66 43.89
N GLU B 252 -4.30 -41.41 43.71
CA GLU B 252 -4.55 -40.52 44.85
C GLU B 252 -6.02 -40.42 45.25
N PHE B 253 -6.93 -40.79 44.37
CA PHE B 253 -8.34 -40.64 44.69
C PHE B 253 -9.09 -41.93 44.40
N ALA B 254 -8.46 -43.06 44.67
CA ALA B 254 -9.09 -44.35 44.46
C ALA B 254 -10.35 -44.48 45.32
N GLY B 255 -11.38 -45.07 44.75
CA GLY B 255 -12.62 -45.26 45.47
C GLY B 255 -13.50 -44.01 45.45
N ARG B 256 -13.01 -42.94 44.84
CA ARG B 256 -13.79 -41.72 44.74
C ARG B 256 -13.99 -41.31 43.27
N VAL B 257 -13.18 -41.88 42.39
CA VAL B 257 -13.28 -41.56 40.98
C VAL B 257 -13.38 -42.82 40.12
N PHE B 258 -13.82 -42.63 38.89
CA PHE B 258 -13.88 -43.69 37.89
C PHE B 258 -13.41 -43.01 36.61
N THR B 259 -12.30 -43.48 36.05
CA THR B 259 -11.67 -42.86 34.89
C THR B 259 -11.99 -43.62 33.61
N TRP B 260 -11.79 -42.93 32.50
CA TRP B 260 -11.98 -43.55 31.20
C TRP B 260 -10.79 -44.47 30.93
N ARG B 261 -9.74 -44.32 31.72
CA ARG B 261 -8.62 -45.24 31.59
C ARG B 261 -9.08 -46.58 32.13
N GLN B 262 -9.77 -46.56 33.26
CA GLN B 262 -10.35 -47.76 33.84
C GLN B 262 -11.42 -48.33 32.90
N LYS B 263 -12.24 -47.43 32.35
CA LYS B 263 -13.29 -47.86 31.45
C LYS B 263 -12.72 -48.61 30.23
N ALA B 264 -11.64 -48.06 29.68
CA ALA B 264 -10.98 -48.64 28.52
C ALA B 264 -10.52 -50.07 28.79
N ALA B 265 -10.00 -50.28 29.99
CA ALA B 265 -9.55 -51.61 30.39
C ALA B 265 -10.71 -52.60 30.43
N ILE B 266 -11.83 -52.19 31.01
CA ILE B 266 -13.02 -53.03 31.10
C ILE B 266 -13.63 -53.28 29.72
N SER B 267 -13.44 -52.32 28.81
CA SER B 267 -13.96 -52.44 27.44
C SER B 267 -13.12 -53.42 26.62
N LYS B 268 -11.85 -53.54 26.97
CA LYS B 268 -10.94 -54.43 26.26
C LYS B 268 -11.19 -55.90 26.62
N ALA B 269 -11.23 -56.17 27.92
CA ALA B 269 -11.39 -57.52 28.45
C ALA B 269 -12.82 -58.05 28.43
N GLU B 270 -13.81 -57.16 28.44
CA GLU B 270 -15.19 -57.61 28.50
C GLU B 270 -16.10 -57.04 27.42
N GLY B 271 -15.61 -56.10 26.62
CA GLY B 271 -16.44 -55.49 25.60
C GLY B 271 -16.98 -54.14 26.05
N LYS B 272 -17.42 -53.33 25.08
CA LYS B 272 -17.89 -51.98 25.37
C LYS B 272 -19.16 -51.92 26.18
N ALA B 273 -19.98 -52.97 26.12
CA ALA B 273 -21.22 -53.00 26.88
C ALA B 273 -20.89 -53.02 28.36
N ALA B 274 -19.87 -53.79 28.70
CA ALA B 274 -19.42 -53.91 30.08
C ALA B 274 -18.79 -52.60 30.55
N GLY B 275 -18.09 -51.92 29.65
CA GLY B 275 -17.45 -50.65 29.95
C GLY B 275 -18.48 -49.57 30.24
N GLN B 276 -19.53 -49.53 29.43
CA GLN B 276 -20.60 -48.55 29.61
C GLN B 276 -21.36 -48.79 30.91
N LYS B 277 -21.57 -50.06 31.24
CA LYS B 277 -22.25 -50.46 32.48
C LYS B 277 -21.48 -50.01 33.72
N ALA B 278 -20.17 -50.24 33.67
CA ALA B 278 -19.27 -49.86 34.76
C ALA B 278 -19.31 -48.35 35.02
N GLU B 279 -19.36 -47.57 33.94
CA GLU B 279 -19.43 -46.12 34.05
C GLU B 279 -20.78 -45.72 34.61
N GLN B 280 -21.83 -46.38 34.14
CA GLN B 280 -23.20 -46.13 34.61
C GLN B 280 -23.28 -46.34 36.10
N GLN B 281 -22.70 -47.44 36.57
CA GLN B 281 -22.72 -47.78 37.99
C GLN B 281 -21.86 -46.84 38.83
N ALA B 282 -20.76 -46.37 38.25
CA ALA B 282 -19.89 -45.44 38.95
C ALA B 282 -20.62 -44.12 39.20
N ILE B 283 -21.37 -43.68 38.21
CA ILE B 283 -22.13 -42.45 38.28
C ILE B 283 -23.24 -42.60 39.30
N ALA B 284 -23.80 -43.80 39.37
CA ALA B 284 -24.87 -44.14 40.30
C ALA B 284 -24.31 -44.18 41.70
N ASP B 285 -23.09 -44.70 41.82
CA ASP B 285 -22.42 -44.82 43.10
C ASP B 285 -21.97 -43.45 43.63
N GLY B 286 -22.09 -42.39 42.84
CA GLY B 286 -21.65 -41.06 43.26
C GLY B 286 -20.16 -40.82 43.05
N LYS B 287 -19.56 -41.53 42.11
CA LYS B 287 -18.14 -41.37 41.86
C LYS B 287 -17.93 -40.23 40.90
N LEU B 288 -16.81 -39.54 41.04
CA LEU B 288 -16.44 -38.48 40.11
C LEU B 288 -15.85 -39.10 38.84
N ILE B 289 -16.40 -38.75 37.68
CA ILE B 289 -15.91 -39.28 36.42
C ILE B 289 -14.72 -38.48 35.93
N ILE B 290 -13.64 -39.16 35.56
CA ILE B 290 -12.50 -38.48 34.96
C ILE B 290 -12.42 -38.91 33.50
N LYS B 291 -12.66 -37.97 32.60
CA LYS B 291 -12.65 -38.26 31.18
C LYS B 291 -11.65 -37.36 30.46
N ASP B 292 -11.56 -37.52 29.14
CA ASP B 292 -10.62 -36.70 28.37
C ASP B 292 -11.16 -36.40 27.00
N VAL B 293 -10.71 -35.30 26.41
CA VAL B 293 -11.22 -34.88 25.13
C VAL B 293 -10.11 -34.18 24.35
N ILE B 294 -9.94 -34.57 23.08
CA ILE B 294 -8.95 -33.93 22.23
C ILE B 294 -9.39 -32.47 22.01
N ALA B 295 -8.42 -31.56 22.14
CA ALA B 295 -8.65 -30.10 22.20
C ALA B 295 -9.54 -29.53 21.13
N ASP B 296 -9.37 -29.96 19.88
CA ASP B 296 -10.19 -29.39 18.81
C ASP B 296 -11.63 -29.86 18.93
N ASN B 297 -11.82 -31.15 19.14
CA ASN B 297 -13.14 -31.69 19.36
C ASN B 297 -13.78 -31.07 20.60
N PHE B 298 -12.99 -30.76 21.62
CA PHE B 298 -13.54 -30.16 22.82
C PHE B 298 -14.18 -28.81 22.49
N LEU B 299 -13.49 -28.04 21.63
CA LEU B 299 -14.07 -26.76 21.23
C LEU B 299 -15.42 -26.98 20.53
N GLN B 300 -15.54 -28.04 19.75
CA GLN B 300 -16.82 -28.34 19.10
C GLN B 300 -17.86 -28.73 20.14
N GLN B 301 -17.46 -29.61 21.06
CA GLN B 301 -18.38 -30.12 22.09
C GLN B 301 -18.90 -29.08 23.08
N ILE B 302 -18.07 -28.12 23.47
CA ILE B 302 -18.56 -27.13 24.42
C ILE B 302 -19.58 -26.20 23.78
N LEU B 303 -19.67 -26.23 22.45
CA LEU B 303 -20.64 -25.45 21.71
C LEU B 303 -21.89 -26.28 21.42
N LEU B 304 -21.69 -27.56 21.09
CA LEU B 304 -22.82 -28.45 20.76
C LEU B 304 -23.54 -28.98 21.99
N ARG B 305 -22.77 -29.38 23.00
CA ARG B 305 -23.37 -29.90 24.24
C ARG B 305 -22.52 -29.58 25.48
N PRO B 306 -22.52 -28.32 25.88
CA PRO B 306 -21.76 -27.89 27.06
C PRO B 306 -22.28 -28.56 28.33
N GLU B 307 -23.56 -28.93 28.29
CA GLU B 307 -24.22 -29.53 29.45
C GLU B 307 -23.56 -30.83 29.87
N ASP B 308 -22.72 -31.40 29.00
CA ASP B 308 -22.05 -32.66 29.32
C ASP B 308 -20.70 -32.44 30.03
N TYR B 309 -20.38 -31.18 30.32
CA TYR B 309 -19.09 -30.86 30.93
C TYR B 309 -19.27 -30.07 32.21
N SER B 310 -18.32 -30.22 33.12
CA SER B 310 -18.38 -29.52 34.40
C SER B 310 -17.05 -28.88 34.73
N VAL B 311 -16.14 -29.67 35.30
CA VAL B 311 -14.81 -29.16 35.61
C VAL B 311 -13.86 -29.59 34.52
N VAL B 312 -12.96 -28.68 34.16
CA VAL B 312 -11.99 -28.96 33.11
C VAL B 312 -10.59 -28.73 33.62
N ALA B 313 -9.70 -29.66 33.31
CA ALA B 313 -8.30 -29.51 33.61
C ALA B 313 -7.53 -29.51 32.28
N THR B 314 -6.76 -28.46 32.03
CA THR B 314 -6.03 -28.39 30.78
C THR B 314 -4.75 -27.58 30.92
N LEU B 315 -3.98 -27.59 29.85
CA LEU B 315 -2.70 -26.91 29.81
C LEU B 315 -2.85 -25.39 29.66
N ASN B 316 -1.72 -24.69 29.71
CA ASN B 316 -1.70 -23.23 29.68
C ASN B 316 -2.36 -22.65 28.42
N LEU B 317 -1.86 -23.03 27.26
CA LEU B 317 -2.36 -22.50 25.99
C LEU B 317 -3.83 -22.90 25.76
N ASN B 318 -4.13 -24.18 25.91
CA ASN B 318 -5.51 -24.65 25.71
C ASN B 318 -6.49 -23.93 26.61
N GLY B 319 -6.07 -23.73 27.87
CA GLY B 319 -6.89 -23.05 28.87
C GLY B 319 -7.25 -21.66 28.43
N ASP B 320 -6.27 -20.97 27.85
CA ASP B 320 -6.46 -19.61 27.35
C ASP B 320 -7.51 -19.61 26.26
N TYR B 321 -7.38 -20.50 25.28
CA TYR B 321 -8.36 -20.55 24.19
C TYR B 321 -9.76 -20.98 24.66
N VAL B 322 -9.83 -21.99 25.52
CA VAL B 322 -11.12 -22.47 26.02
C VAL B 322 -11.90 -21.42 26.81
N SER B 323 -11.17 -20.64 27.60
CA SER B 323 -11.78 -19.61 28.42
C SER B 323 -12.52 -18.59 27.58
N ASP B 324 -11.92 -18.18 26.46
CA ASP B 324 -12.57 -17.17 25.64
C ASP B 324 -13.77 -17.74 24.92
N ALA B 325 -13.67 -18.98 24.45
CA ALA B 325 -14.79 -19.56 23.73
C ALA B 325 -15.98 -19.76 24.66
N LEU B 326 -15.72 -20.27 25.85
CA LEU B 326 -16.77 -20.49 26.82
C LEU B 326 -17.39 -19.16 27.26
N ALA B 327 -16.54 -18.16 27.50
CA ALA B 327 -17.04 -16.85 27.91
C ALA B 327 -18.02 -16.29 26.86
N ALA B 328 -17.68 -16.44 25.59
CA ALA B 328 -18.54 -15.92 24.54
C ALA B 328 -19.95 -16.46 24.63
N GLU B 329 -20.06 -17.73 25.03
CA GLU B 329 -21.38 -18.34 25.14
C GLU B 329 -22.26 -17.64 26.14
N VAL B 330 -21.68 -17.05 27.18
CA VAL B 330 -22.49 -16.42 28.21
C VAL B 330 -22.36 -14.90 28.18
N GLY B 331 -22.05 -14.36 27.00
CA GLY B 331 -22.00 -12.91 26.83
C GLY B 331 -20.64 -12.31 26.53
N GLY B 332 -19.59 -13.10 26.61
CA GLY B 332 -18.27 -12.54 26.30
C GLY B 332 -17.35 -12.41 27.49
N ILE B 333 -16.13 -11.95 27.25
CA ILE B 333 -15.14 -11.91 28.31
C ILE B 333 -15.35 -10.76 29.27
N GLY B 334 -16.45 -10.03 29.08
CA GLY B 334 -16.87 -9.06 30.06
C GLY B 334 -17.66 -9.75 31.19
N MET B 335 -17.92 -11.05 31.08
CA MET B 335 -18.65 -11.81 32.12
C MET B 335 -17.84 -13.03 32.58
N ALA B 336 -16.55 -12.84 32.82
CA ALA B 336 -15.65 -13.97 32.98
C ALA B 336 -14.57 -13.68 34.01
N PRO B 337 -14.82 -14.07 35.24
CA PRO B 337 -13.88 -13.83 36.34
C PRO B 337 -12.75 -14.84 36.36
N GLY B 338 -11.73 -14.56 37.16
CA GLY B 338 -10.63 -15.50 37.31
C GLY B 338 -9.77 -15.28 38.53
N ALA B 339 -9.01 -16.31 38.87
CA ALA B 339 -8.06 -16.21 39.96
C ALA B 339 -6.79 -16.98 39.61
N ASN B 340 -5.65 -16.41 39.96
CA ASN B 340 -4.35 -17.04 39.82
C ASN B 340 -3.96 -17.48 41.25
N LEU B 341 -3.79 -18.78 41.46
CA LEU B 341 -3.57 -19.30 42.81
C LEU B 341 -2.37 -20.22 42.93
N SER B 342 -1.62 -20.03 44.01
CA SER B 342 -0.61 -21.00 44.39
C SER B 342 -1.23 -21.71 45.59
N ASP B 343 -0.41 -22.33 46.43
CA ASP B 343 -0.97 -22.96 47.62
C ASP B 343 -1.09 -21.94 48.76
N THR B 344 -0.48 -20.78 48.59
CA THR B 344 -0.49 -19.76 49.66
C THR B 344 -0.95 -18.37 49.22
N HIS B 345 -0.77 -18.05 47.94
CA HIS B 345 -1.04 -16.68 47.48
C HIS B 345 -2.08 -16.64 46.38
N ALA B 346 -2.65 -15.48 46.13
CA ALA B 346 -3.71 -15.39 45.15
C ALA B 346 -3.74 -14.02 44.50
N ILE B 347 -3.85 -13.98 43.18
CA ILE B 347 -4.06 -12.72 42.46
C ILE B 347 -5.35 -12.86 41.64
N PHE B 348 -6.34 -12.07 41.96
CA PHE B 348 -7.63 -12.16 41.27
C PHE B 348 -7.59 -11.24 40.05
N GLU B 349 -8.17 -11.67 38.94
CA GLU B 349 -7.98 -10.97 37.68
C GLU B 349 -9.00 -11.46 36.67
N ALA B 350 -9.60 -10.53 35.93
CA ALA B 350 -10.55 -10.90 34.88
C ALA B 350 -9.86 -11.66 33.77
N THR B 351 -10.67 -12.40 33.01
CA THR B 351 -10.15 -13.10 31.83
C THR B 351 -9.75 -12.12 30.73
N HIS B 352 -10.38 -10.95 30.68
CA HIS B 352 -10.18 -10.00 29.58
C HIS B 352 -8.92 -9.15 29.61
N GLY B 353 -8.64 -8.52 28.47
CA GLY B 353 -7.50 -7.64 28.32
C GLY B 353 -7.81 -6.17 28.45
N THR B 354 -6.95 -5.34 27.85
CA THR B 354 -7.04 -3.90 28.03
C THR B 354 -8.07 -3.21 27.15
N ALA B 355 -8.63 -3.98 26.21
CA ALA B 355 -9.67 -3.50 25.30
C ALA B 355 -9.43 -2.11 24.71
N PRO B 356 -8.37 -2.00 23.93
CA PRO B 356 -8.01 -0.71 23.32
C PRO B 356 -9.15 -0.13 22.47
N ASP B 357 -10.03 -0.95 21.92
CA ASP B 357 -11.10 -0.39 21.06
C ASP B 357 -12.13 0.42 21.85
N ILE B 358 -12.18 0.25 23.17
CA ILE B 358 -13.13 1.03 23.98
C ILE B 358 -12.45 1.73 25.15
N ALA B 359 -11.13 1.62 25.23
CA ALA B 359 -10.45 2.29 26.33
C ALA B 359 -10.69 3.80 26.21
N GLY B 360 -10.89 4.45 27.34
CA GLY B 360 -11.08 5.87 27.42
C GLY B 360 -12.51 6.32 27.19
N GLN B 361 -13.41 5.36 26.96
CA GLN B 361 -14.78 5.69 26.60
C GLN B 361 -15.81 5.42 27.70
N GLY B 362 -15.36 4.96 28.87
CA GLY B 362 -16.25 4.63 29.97
C GLY B 362 -17.34 3.64 29.59
N LYS B 363 -16.99 2.63 28.78
CA LYS B 363 -17.96 1.64 28.31
C LYS B 363 -17.77 0.23 28.85
N ALA B 364 -16.55 -0.09 29.28
CA ALA B 364 -16.22 -1.45 29.68
C ALA B 364 -17.15 -2.09 30.71
N ASN B 365 -17.46 -3.35 30.49
CA ASN B 365 -18.22 -4.16 31.43
C ASN B 365 -17.31 -4.51 32.63
N PRO B 366 -17.62 -4.02 33.82
CA PRO B 366 -16.79 -4.33 34.97
C PRO B 366 -17.22 -5.64 35.64
N SER B 367 -18.18 -6.36 35.06
CA SER B 367 -18.63 -7.61 35.68
C SER B 367 -17.52 -8.68 35.89
N SER B 368 -16.64 -8.85 34.92
CA SER B 368 -15.57 -9.84 35.08
C SER B 368 -14.72 -9.55 36.32
N LEU B 369 -14.29 -8.31 36.46
CA LEU B 369 -13.43 -7.98 37.61
C LEU B 369 -14.25 -8.04 38.92
N ILE B 370 -15.50 -7.61 38.87
CA ILE B 370 -16.36 -7.68 40.05
C ILE B 370 -16.54 -9.12 40.50
N LEU B 371 -16.75 -10.01 39.54
CA LEU B 371 -16.95 -11.41 39.86
C LEU B 371 -15.65 -12.06 40.30
N SER B 372 -14.52 -11.47 39.86
CA SER B 372 -13.23 -11.92 40.34
C SER B 372 -13.09 -11.52 41.83
N ALA B 373 -13.58 -10.33 42.17
CA ALA B 373 -13.58 -9.87 43.57
C ALA B 373 -14.53 -10.73 44.41
N VAL B 374 -15.59 -11.25 43.78
CA VAL B 374 -16.47 -12.21 44.48
C VAL B 374 -15.65 -13.44 44.88
N MET B 375 -14.82 -13.91 43.95
CA MET B 375 -13.93 -15.03 44.26
C MET B 375 -12.98 -14.62 45.39
N MET B 376 -12.49 -13.38 45.33
CA MET B 376 -11.57 -12.90 46.37
C MET B 376 -12.26 -12.91 47.74
N LEU B 377 -13.47 -12.38 47.81
CA LEU B 377 -14.23 -12.36 49.07
C LEU B 377 -14.46 -13.77 49.58
N GLU B 378 -14.81 -14.72 48.71
CA GLU B 378 -14.94 -16.11 49.17
C GLU B 378 -13.59 -16.61 49.72
N HIS B 379 -12.48 -16.20 49.07
CA HIS B 379 -11.14 -16.61 49.49
C HIS B 379 -10.87 -16.07 50.89
N LEU B 380 -11.37 -14.87 51.15
CA LEU B 380 -11.19 -14.24 52.47
C LEU B 380 -12.19 -14.73 53.52
N GLY B 381 -13.08 -15.63 53.13
CA GLY B 381 -14.11 -16.09 54.06
C GLY B 381 -15.17 -15.04 54.36
N TRP B 382 -15.29 -14.03 53.49
CA TRP B 382 -16.36 -13.08 53.62
C TRP B 382 -17.47 -13.50 52.64
N GLY B 383 -18.04 -14.69 52.88
CA GLY B 383 -19.07 -15.23 51.99
C GLY B 383 -20.35 -14.42 51.83
N GLU B 384 -20.77 -13.76 52.90
CA GLU B 384 -21.99 -12.96 52.87
C GLU B 384 -21.86 -11.80 51.90
N ALA B 385 -20.71 -11.13 51.93
CA ALA B 385 -20.46 -10.03 51.00
C ALA B 385 -20.33 -10.58 49.57
N ALA B 386 -19.69 -11.74 49.42
CA ALA B 386 -19.58 -12.35 48.09
C ALA B 386 -20.97 -12.65 47.55
N GLN B 387 -21.78 -13.35 48.34
CA GLN B 387 -23.14 -13.70 47.93
C GLN B 387 -24.04 -12.48 47.63
N ALA B 388 -23.83 -11.39 48.36
CA ALA B 388 -24.60 -10.18 48.10
C ALA B 388 -24.33 -9.59 46.71
N ILE B 389 -23.06 -9.56 46.32
CA ILE B 389 -22.70 -9.06 45.00
C ILE B 389 -23.27 -9.95 43.90
N VAL B 390 -23.24 -11.26 44.11
CA VAL B 390 -23.79 -12.18 43.11
C VAL B 390 -25.29 -11.92 42.96
N ALA B 391 -25.98 -11.77 44.09
CA ALA B 391 -27.42 -11.48 44.05
C ALA B 391 -27.71 -10.17 43.32
N ALA B 392 -26.88 -9.16 43.56
CA ALA B 392 -27.09 -7.89 42.90
C ALA B 392 -26.83 -8.03 41.40
N MET B 393 -25.82 -8.82 41.06
CA MET B 393 -25.48 -9.06 39.65
C MET B 393 -26.61 -9.81 38.94
N ASN B 394 -27.06 -10.90 39.55
CA ASN B 394 -28.14 -11.68 38.97
C ASN B 394 -29.36 -10.79 38.65
N ALA B 395 -29.73 -9.98 39.64
CA ALA B 395 -30.90 -9.08 39.55
C ALA B 395 -30.73 -7.99 38.50
N THR B 396 -29.56 -7.38 38.46
CA THR B 396 -29.29 -6.30 37.55
C THR B 396 -29.29 -6.77 36.08
N ILE B 397 -28.70 -7.94 35.83
CA ILE B 397 -28.66 -8.49 34.48
C ILE B 397 -30.05 -8.93 34.06
N ALA B 398 -30.77 -9.57 34.96
CA ALA B 398 -32.11 -10.07 34.67
C ALA B 398 -33.06 -8.92 34.40
N ALA B 399 -32.73 -7.77 34.98
CA ALA B 399 -33.53 -6.57 34.79
C ALA B 399 -33.25 -5.95 33.43
N GLY B 400 -32.22 -6.41 32.74
CA GLY B 400 -31.93 -5.89 31.41
C GLY B 400 -31.05 -4.64 31.47
N GLU B 401 -30.39 -4.45 32.61
CA GLU B 401 -29.51 -3.32 32.84
C GLU B 401 -28.08 -3.77 32.59
N VAL B 402 -27.56 -3.49 31.39
CA VAL B 402 -26.25 -4.02 31.01
C VAL B 402 -25.38 -3.03 30.23
N THR B 403 -24.08 -3.33 30.13
CA THR B 403 -23.15 -2.50 29.37
C THR B 403 -23.21 -2.85 27.89
N GLY B 404 -22.53 -2.06 27.07
CA GLY B 404 -22.57 -2.14 25.62
C GLY B 404 -22.18 -3.46 25.01
N ASP B 405 -21.22 -4.15 25.61
CA ASP B 405 -20.77 -5.43 25.09
C ASP B 405 -21.92 -6.43 25.04
N LEU B 406 -22.78 -6.38 26.05
CA LEU B 406 -23.92 -7.28 26.10
C LEU B 406 -25.06 -6.72 25.24
N ALA B 407 -25.29 -5.41 25.34
CA ALA B 407 -26.37 -4.77 24.59
C ALA B 407 -26.23 -5.01 23.08
N ALA B 408 -24.99 -5.17 22.61
CA ALA B 408 -24.71 -5.40 21.19
C ALA B 408 -25.16 -6.79 20.69
N LEU B 409 -25.41 -7.70 21.62
CA LEU B 409 -25.72 -9.08 21.25
C LEU B 409 -27.21 -9.31 21.01
N ARG B 410 -28.02 -8.30 21.28
CA ARG B 410 -29.46 -8.43 21.12
C ARG B 410 -30.11 -7.09 20.85
N GLY B 411 -31.08 -7.07 19.95
CA GLY B 411 -31.77 -5.84 19.62
C GLY B 411 -32.70 -5.38 20.72
N ASP B 412 -32.98 -4.08 20.72
CA ASP B 412 -33.91 -3.51 21.68
C ASP B 412 -33.38 -3.53 23.12
N VAL B 413 -32.06 -3.56 23.29
CA VAL B 413 -31.48 -3.49 24.63
C VAL B 413 -30.50 -2.33 24.72
N PRO B 414 -30.85 -1.33 25.52
CA PRO B 414 -30.03 -0.12 25.66
C PRO B 414 -28.70 -0.43 26.33
N ALA B 415 -27.71 0.44 26.15
CA ALA B 415 -26.40 0.23 26.75
C ALA B 415 -26.14 1.25 27.86
N LEU B 416 -25.76 0.73 29.03
CA LEU B 416 -25.39 1.59 30.15
C LEU B 416 -23.89 1.75 30.11
N SER B 417 -23.42 2.90 30.57
CA SER B 417 -21.98 3.13 30.72
C SER B 417 -21.46 2.32 31.90
N THR B 418 -20.13 2.26 32.07
CA THR B 418 -19.55 1.54 33.20
C THR B 418 -20.13 2.10 34.50
N THR B 419 -20.12 3.43 34.61
CA THR B 419 -20.57 4.14 35.80
C THR B 419 -22.05 3.89 36.08
N GLU B 420 -22.84 3.90 35.02
CA GLU B 420 -24.27 3.66 35.12
C GLU B 420 -24.55 2.24 35.60
N PHE B 421 -23.83 1.28 35.02
CA PHE B 421 -24.00 -0.12 35.42
C PHE B 421 -23.58 -0.32 36.86
N THR B 422 -22.49 0.34 37.26
CA THR B 422 -22.01 0.25 38.64
C THR B 422 -23.08 0.73 39.62
N ALA B 423 -23.67 1.86 39.31
CA ALA B 423 -24.73 2.40 40.15
C ALA B 423 -25.94 1.46 40.21
N ALA B 424 -26.28 0.86 39.07
CA ALA B 424 -27.42 -0.06 39.02
C ALA B 424 -27.21 -1.26 39.92
N LEU B 425 -25.99 -1.79 39.95
CA LEU B 425 -25.68 -2.91 40.80
C LEU B 425 -25.82 -2.50 42.25
N ILE B 426 -25.20 -1.37 42.58
CA ILE B 426 -25.17 -0.89 43.96
C ILE B 426 -26.55 -0.58 44.52
N ARG B 427 -27.50 -0.25 43.64
CA ARG B 427 -28.83 0.04 44.16
C ARG B 427 -29.57 -1.21 44.66
N ARG B 428 -29.01 -2.40 44.40
CA ARG B 428 -29.64 -3.63 44.88
C ARG B 428 -29.26 -3.92 46.33
N PHE B 429 -28.20 -3.29 46.78
CA PHE B 429 -27.73 -3.58 48.12
C PHE B 429 -28.80 -3.09 49.08
N THR C 3 -1.13 57.46 4.07
CA THR C 3 -0.16 56.84 3.11
C THR C 3 1.06 56.29 3.83
N HIS C 4 1.73 55.33 3.22
CA HIS C 4 2.95 54.72 3.82
C HIS C 4 4.16 54.80 2.89
N ILE C 5 4.04 55.57 1.82
CA ILE C 5 5.17 55.77 0.93
C ILE C 5 5.62 57.22 0.98
N GLN C 6 6.90 57.41 0.75
CA GLN C 6 7.50 58.72 0.84
C GLN C 6 8.24 59.10 -0.44
N LYS C 7 7.70 60.10 -1.14
CA LYS C 7 8.36 60.62 -2.33
C LYS C 7 9.70 61.19 -1.88
N PRO C 8 10.80 60.78 -2.49
CA PRO C 8 12.11 61.29 -2.09
C PRO C 8 12.15 62.83 -2.19
N ALA C 9 12.83 63.46 -1.25
CA ALA C 9 12.95 64.92 -1.19
C ALA C 9 13.82 65.46 -2.32
N THR C 10 14.71 64.61 -2.81
CA THR C 10 15.55 64.96 -3.97
C THR C 10 15.19 63.96 -5.04
N GLY C 11 15.02 64.42 -6.27
CA GLY C 11 14.58 63.52 -7.32
C GLY C 11 13.35 64.06 -8.02
N SER C 12 13.21 63.71 -9.29
CA SER C 12 12.07 64.14 -10.08
C SER C 12 11.54 62.93 -10.80
N PRO C 13 10.28 62.94 -11.15
CA PRO C 13 9.67 61.77 -11.80
C PRO C 13 10.03 61.66 -13.27
N LEU C 14 10.09 60.42 -13.74
CA LEU C 14 10.19 60.19 -15.16
C LEU C 14 8.87 60.63 -15.77
N THR C 15 8.92 61.14 -16.99
CA THR C 15 7.70 61.44 -17.71
C THR C 15 7.78 60.87 -19.11
N LEU C 16 6.64 60.89 -19.81
CA LEU C 16 6.55 60.37 -21.16
C LEU C 16 6.14 61.45 -22.14
N LEU C 17 6.90 61.61 -23.22
CA LEU C 17 6.55 62.56 -24.26
C LEU C 17 6.32 61.76 -25.52
N ASN C 18 5.06 61.69 -25.94
CA ASN C 18 4.68 60.88 -27.10
C ASN C 18 5.38 59.53 -27.09
N GLY C 19 5.20 58.80 -26.00
CA GLY C 19 5.77 57.48 -25.84
C GLY C 19 7.27 57.41 -25.55
N VAL C 20 7.96 58.55 -25.59
CA VAL C 20 9.38 58.57 -25.29
C VAL C 20 9.65 58.96 -23.81
N LEU C 21 10.47 58.17 -23.13
CA LEU C 21 10.76 58.40 -21.72
C LEU C 21 11.68 59.60 -21.51
N GLN C 22 11.28 60.50 -20.62
CA GLN C 22 12.09 61.68 -20.27
C GLN C 22 12.71 61.39 -18.90
N VAL C 23 14.03 61.39 -18.84
CA VAL C 23 14.74 60.91 -17.66
C VAL C 23 15.59 61.96 -16.97
N PRO C 24 15.14 62.47 -15.82
CA PRO C 24 15.94 63.42 -15.05
C PRO C 24 17.29 62.82 -14.58
N ASP C 25 18.26 63.67 -14.31
CA ASP C 25 19.55 63.24 -13.76
C ASP C 25 19.40 62.59 -12.40
N GLN C 26 18.32 62.93 -11.69
CA GLN C 26 18.02 62.26 -10.44
C GLN C 26 16.58 61.75 -10.50
N PRO C 27 16.38 60.64 -11.21
CA PRO C 27 15.04 60.13 -11.43
C PRO C 27 14.55 59.33 -10.24
N ILE C 28 13.27 59.44 -9.94
CA ILE C 28 12.65 58.65 -8.90
C ILE C 28 12.35 57.25 -9.46
N ILE C 29 12.87 56.25 -8.80
CA ILE C 29 12.68 54.86 -9.22
C ILE C 29 12.09 54.06 -8.06
N PRO C 30 10.81 53.74 -8.16
CA PRO C 30 10.16 52.91 -7.15
C PRO C 30 10.75 51.50 -7.15
N PHE C 31 10.82 50.91 -5.97
CA PHE C 31 11.28 49.53 -5.90
C PHE C 31 10.47 48.80 -4.88
N ILE C 32 10.26 47.50 -5.10
CA ILE C 32 9.59 46.68 -4.11
C ILE C 32 10.61 45.64 -3.65
N GLU C 33 10.72 45.48 -2.34
CA GLU C 33 11.71 44.56 -1.79
C GLU C 33 11.53 43.09 -2.20
N GLY C 34 10.31 42.58 -2.02
CA GLY C 34 9.99 41.19 -2.32
C GLY C 34 10.03 40.28 -1.08
N ASP C 35 9.35 39.14 -1.14
CA ASP C 35 9.32 38.14 -0.09
C ASP C 35 10.62 37.33 -0.14
N GLY C 36 10.90 36.58 0.91
CA GLY C 36 12.04 35.66 0.92
C GLY C 36 13.39 36.29 0.60
N ILE C 37 14.08 35.76 -0.41
CA ILE C 37 15.38 36.32 -0.76
C ILE C 37 15.31 37.76 -1.31
N GLY C 38 14.10 38.27 -1.50
CA GLY C 38 13.99 39.68 -1.87
C GLY C 38 14.79 40.55 -0.90
N CYS C 39 14.75 40.19 0.38
CA CYS C 39 15.46 40.98 1.39
C CYS C 39 16.98 40.88 1.22
N ASP C 40 17.44 39.92 0.43
CA ASP C 40 18.87 39.80 0.11
C ASP C 40 19.21 40.48 -1.21
N VAL C 41 18.46 40.16 -2.27
CA VAL C 41 18.84 40.63 -3.58
C VAL C 41 18.49 42.11 -3.84
N THR C 42 17.38 42.58 -3.29
CA THR C 42 17.03 43.98 -3.54
C THR C 42 18.06 45.00 -3.02
N PRO C 43 18.43 44.94 -1.75
CA PRO C 43 19.46 45.87 -1.25
C PRO C 43 20.79 45.69 -1.99
N ALA C 44 21.11 44.46 -2.41
CA ALA C 44 22.34 44.20 -3.15
C ALA C 44 22.29 44.92 -4.48
N MET C 45 21.14 44.82 -5.15
CA MET C 45 20.96 45.46 -6.44
C MET C 45 21.08 46.98 -6.26
N ARG C 46 20.49 47.54 -5.21
CA ARG C 46 20.58 48.99 -5.04
C ARG C 46 22.02 49.45 -4.77
N SER C 47 22.75 48.68 -3.96
CA SER C 47 24.13 49.01 -3.66
C SER C 47 25.00 49.02 -4.92
N VAL C 48 24.80 48.02 -5.76
CA VAL C 48 25.55 47.87 -6.98
C VAL C 48 25.22 48.94 -7.99
N VAL C 49 23.93 49.21 -8.18
CA VAL C 49 23.52 50.22 -9.13
C VAL C 49 24.07 51.58 -8.72
N ASP C 50 23.97 51.90 -7.43
CA ASP C 50 24.45 53.20 -6.94
C ASP C 50 25.95 53.36 -7.14
N ALA C 51 26.70 52.29 -6.90
CA ALA C 51 28.14 52.36 -7.09
C ALA C 51 28.51 52.55 -8.55
N ALA C 52 27.81 51.88 -9.45
CA ALA C 52 28.10 52.03 -10.87
C ALA C 52 27.77 53.44 -11.33
N VAL C 53 26.59 53.92 -10.97
CA VAL C 53 26.16 55.27 -11.34
C VAL C 53 27.12 56.32 -10.78
N ALA C 54 27.52 56.14 -9.53
CA ALA C 54 28.46 57.08 -8.91
C ALA C 54 29.79 57.11 -9.66
N LYS C 55 30.29 55.94 -10.04
CA LYS C 55 31.58 55.85 -10.73
C LYS C 55 31.53 56.47 -12.12
N VAL C 56 30.57 56.05 -12.95
CA VAL C 56 30.61 56.51 -14.35
C VAL C 56 30.15 57.96 -14.59
N TYR C 57 29.26 58.49 -13.76
CA TYR C 57 28.77 59.87 -13.98
C TYR C 57 29.31 60.88 -12.95
N GLY C 58 30.18 60.41 -12.05
CA GLY C 58 30.88 61.31 -11.14
C GLY C 58 30.01 62.11 -10.20
N GLY C 59 28.83 61.61 -9.93
CA GLY C 59 27.93 62.27 -8.99
C GLY C 59 26.96 63.21 -9.68
N GLN C 60 27.08 63.34 -11.00
CA GLN C 60 26.16 64.19 -11.78
C GLN C 60 24.76 63.55 -11.89
N ARG C 61 24.68 62.23 -11.71
CA ARG C 61 23.41 61.55 -11.69
C ARG C 61 23.31 60.68 -10.45
N GLN C 62 22.07 60.37 -10.06
CA GLN C 62 21.87 59.56 -8.87
C GLN C 62 20.42 59.10 -8.82
N ILE C 63 20.21 57.77 -8.71
CA ILE C 63 18.85 57.22 -8.58
C ILE C 63 18.24 57.65 -7.25
N ALA C 64 17.02 58.21 -7.29
CA ALA C 64 16.32 58.55 -6.07
C ALA C 64 15.35 57.40 -5.84
N TRP C 65 15.80 56.40 -5.08
CA TRP C 65 14.97 55.21 -4.86
C TRP C 65 13.77 55.53 -3.98
N MET C 66 12.63 54.92 -4.27
CA MET C 66 11.42 55.12 -3.48
C MET C 66 10.77 53.80 -3.21
N GLU C 67 10.68 53.42 -1.94
CA GLU C 67 10.08 52.14 -1.63
C GLU C 67 8.56 52.09 -1.76
N LEU C 68 8.07 51.06 -2.47
CA LEU C 68 6.64 50.75 -2.56
C LEU C 68 6.47 49.36 -1.95
N PHE C 69 5.25 49.01 -1.55
CA PHE C 69 5.05 47.75 -0.87
C PHE C 69 4.11 46.79 -1.55
N ALA C 70 4.44 45.52 -1.45
CA ALA C 70 3.59 44.46 -1.98
C ALA C 70 3.87 43.17 -1.20
N GLY C 71 2.91 42.26 -1.19
CA GLY C 71 3.11 40.98 -0.55
C GLY C 71 3.07 41.08 0.97
N GLN C 72 3.90 40.28 1.64
CA GLN C 72 3.91 40.19 3.11
C GLN C 72 4.20 41.54 3.78
N LYS C 73 5.15 42.28 3.24
CA LYS C 73 5.55 43.56 3.80
C LYS C 73 4.41 44.57 3.72
N ALA C 74 3.65 44.51 2.64
CA ALA C 74 2.49 45.39 2.50
C ALA C 74 1.40 45.01 3.51
N VAL C 75 1.16 43.72 3.70
CA VAL C 75 0.18 43.30 4.69
C VAL C 75 0.56 43.82 6.06
N GLN C 76 1.85 43.73 6.38
CA GLN C 76 2.36 44.15 7.67
C GLN C 76 2.09 45.63 7.92
N LEU C 77 2.34 46.44 6.90
CA LEU C 77 2.18 47.89 7.05
C LEU C 77 0.79 48.44 6.77
N TYR C 78 0.05 47.81 5.85
CA TYR C 78 -1.26 48.35 5.45
C TYR C 78 -2.46 47.69 6.12
N GLY C 79 -2.33 46.41 6.46
CA GLY C 79 -3.44 45.67 7.04
C GLY C 79 -3.73 44.33 6.38
N GLU C 80 -4.54 43.51 7.05
CA GLU C 80 -4.87 42.18 6.53
C GLU C 80 -5.46 42.23 5.14
N GLY C 81 -5.01 41.33 4.28
CA GLY C 81 -5.49 41.29 2.91
C GLY C 81 -4.88 42.34 1.97
N GLN C 82 -4.10 43.29 2.49
CA GLN C 82 -3.59 44.36 1.63
C GLN C 82 -2.27 43.97 0.96
N TYR C 83 -2.33 42.92 0.15
CA TYR C 83 -1.14 42.41 -0.54
C TYR C 83 -0.65 43.33 -1.63
N LEU C 84 -1.58 44.07 -2.21
CA LEU C 84 -1.26 44.97 -3.30
C LEU C 84 -2.02 46.27 -3.14
N PRO C 85 -1.52 47.16 -2.28
CA PRO C 85 -2.20 48.44 -2.00
C PRO C 85 -2.46 49.25 -3.23
N ASP C 86 -3.63 49.90 -3.27
CA ASP C 86 -3.94 50.73 -4.42
C ASP C 86 -2.83 51.74 -4.66
N GLU C 87 -2.29 52.32 -3.61
CA GLU C 87 -1.27 53.37 -3.78
C GLU C 87 0.01 52.81 -4.40
N THR C 88 0.23 51.50 -4.27
CA THR C 88 1.40 50.89 -4.89
C THR C 88 1.22 50.92 -6.40
N MET C 89 0.04 50.51 -6.86
CA MET C 89 -0.24 50.47 -8.30
C MET C 89 -0.32 51.89 -8.89
N ALA C 90 -0.89 52.81 -8.11
CA ALA C 90 -0.99 54.21 -8.53
C ALA C 90 0.39 54.81 -8.75
N ALA C 91 1.31 54.49 -7.85
CA ALA C 91 2.68 55.00 -7.90
C ALA C 91 3.42 54.50 -9.12
N ILE C 92 3.26 53.22 -9.43
CA ILE C 92 3.92 52.66 -10.60
C ILE C 92 3.41 53.29 -11.88
N ARG C 93 2.11 53.57 -11.91
CA ARG C 93 1.49 54.21 -13.06
C ARG C 93 2.02 55.60 -13.25
N GLU C 94 2.21 56.28 -12.13
CA GLU C 94 2.68 57.67 -12.11
C GLU C 94 4.17 57.79 -12.43
N TYR C 95 4.97 56.90 -11.87
CA TYR C 95 6.43 56.97 -11.99
C TYR C 95 7.03 56.17 -13.19
N LYS C 96 6.18 55.44 -13.89
CA LYS C 96 6.50 54.78 -15.17
C LYS C 96 7.41 53.56 -15.14
N VAL C 97 8.24 53.46 -14.11
CA VAL C 97 9.20 52.38 -14.01
C VAL C 97 9.30 51.92 -12.55
N ALA C 98 9.62 50.66 -12.37
CA ALA C 98 9.83 50.11 -11.06
C ALA C 98 10.63 48.83 -11.19
N ILE C 99 11.25 48.44 -10.08
CA ILE C 99 12.00 47.18 -10.03
C ILE C 99 11.57 46.47 -8.76
N LYS C 100 11.25 45.19 -8.90
CA LYS C 100 10.74 44.42 -7.77
C LYS C 100 11.48 43.11 -7.57
N GLY C 101 11.55 42.72 -6.31
CA GLY C 101 12.06 41.41 -5.92
C GLY C 101 10.91 40.42 -6.09
N PRO C 102 11.16 39.14 -5.86
CA PRO C 102 10.11 38.12 -6.02
C PRO C 102 9.01 38.26 -4.98
N LEU C 103 7.82 37.75 -5.33
CA LEU C 103 6.67 37.70 -4.45
C LEU C 103 6.16 36.26 -4.41
N GLU C 104 5.79 35.80 -3.23
CA GLU C 104 5.36 34.41 -3.13
C GLU C 104 3.89 34.19 -3.48
N THR C 105 3.64 33.10 -4.21
CA THR C 105 2.28 32.68 -4.63
C THR C 105 2.01 31.27 -4.11
N PRO C 106 1.02 31.11 -3.23
CA PRO C 106 0.69 29.80 -2.66
C PRO C 106 0.21 28.82 -3.75
N VAL C 107 0.42 27.55 -3.47
CA VAL C 107 0.07 26.45 -4.38
C VAL C 107 -1.23 25.77 -3.93
N GLY C 108 -2.11 25.49 -4.89
CA GLY C 108 -3.34 24.73 -4.68
C GLY C 108 -4.44 25.50 -3.97
N GLY C 109 -4.21 26.79 -3.75
CA GLY C 109 -5.16 27.63 -3.04
C GLY C 109 -4.51 28.96 -2.71
N GLY C 110 -5.19 29.74 -1.86
CA GLY C 110 -4.66 31.04 -1.45
C GLY C 110 -4.75 32.08 -2.54
N ILE C 111 -4.06 33.20 -2.34
CA ILE C 111 -4.19 34.31 -3.26
C ILE C 111 -3.64 33.99 -4.63
N ARG C 112 -4.18 34.66 -5.61
CA ARG C 112 -3.72 34.56 -6.98
C ARG C 112 -2.44 35.35 -7.03
N SER C 113 -1.52 34.90 -7.87
CA SER C 113 -0.21 35.51 -8.04
C SER C 113 -0.25 37.02 -8.14
N LEU C 114 0.50 37.69 -7.26
CA LEU C 114 0.64 39.15 -7.27
C LEU C 114 1.49 39.58 -8.44
N ASN C 115 2.43 38.72 -8.83
CA ASN C 115 3.31 39.00 -9.97
C ASN C 115 2.48 39.09 -11.25
N VAL C 116 1.60 38.10 -11.42
CA VAL C 116 0.74 38.07 -12.58
C VAL C 116 -0.31 39.20 -12.47
N ALA C 117 -0.81 39.44 -11.27
CA ALA C 117 -1.81 40.51 -11.09
C ALA C 117 -1.22 41.86 -11.52
N MET C 118 0.01 42.14 -11.13
CA MET C 118 0.65 43.41 -11.54
C MET C 118 0.82 43.50 -13.04
N ARG C 119 1.20 42.38 -13.66
CA ARG C 119 1.36 42.36 -15.10
C ARG C 119 0.03 42.64 -15.80
N GLN C 120 -1.02 41.99 -15.32
CA GLN C 120 -2.34 42.14 -15.89
C GLN C 120 -2.90 43.55 -15.68
N ASP C 121 -2.81 44.01 -14.45
CA ASP C 121 -3.34 45.34 -14.11
C ASP C 121 -2.74 46.49 -14.91
N LEU C 122 -1.42 46.46 -15.15
CA LEU C 122 -0.73 47.49 -15.90
C LEU C 122 -0.59 47.09 -17.38
N ASP C 123 -1.17 45.95 -17.75
CA ASP C 123 -1.11 45.50 -19.14
C ASP C 123 0.31 45.46 -19.67
N LEU C 124 1.22 44.92 -18.86
CA LEU C 124 2.64 44.81 -19.24
C LEU C 124 2.73 43.51 -20.04
N TYR C 125 2.29 43.57 -21.29
CA TYR C 125 2.04 42.37 -22.09
C TYR C 125 3.30 41.67 -22.61
N VAL C 126 4.45 42.34 -22.48
CA VAL C 126 5.74 41.71 -22.83
C VAL C 126 6.52 41.31 -21.59
N CYS C 127 6.89 40.03 -21.51
CA CYS C 127 7.87 39.62 -20.51
C CYS C 127 9.16 39.38 -21.31
N LEU C 128 10.14 40.25 -21.10
CA LEU C 128 11.37 40.24 -21.86
C LEU C 128 12.49 39.65 -21.04
N ARG C 129 13.01 38.52 -21.47
CA ARG C 129 14.09 37.92 -20.69
C ARG C 129 15.29 37.49 -21.55
N PRO C 130 16.36 38.28 -21.52
CA PRO C 130 17.58 37.90 -22.24
C PRO C 130 18.33 36.86 -21.42
N VAL C 131 18.88 35.86 -22.10
CA VAL C 131 19.69 34.84 -21.45
C VAL C 131 21.00 34.74 -22.21
N ARG C 132 22.11 35.06 -21.54
CA ARG C 132 23.42 34.98 -22.15
C ARG C 132 24.40 34.39 -21.16
N TYR C 133 25.56 33.97 -21.65
CA TYR C 133 26.53 33.34 -20.77
C TYR C 133 27.55 34.34 -20.27
N PHE C 134 27.70 34.45 -18.96
CA PHE C 134 28.78 35.28 -18.43
C PHE C 134 30.08 34.48 -18.31
N GLU C 135 31.15 35.09 -18.80
CA GLU C 135 32.48 34.47 -18.83
C GLU C 135 32.81 33.67 -17.58
N GLY C 136 33.07 32.38 -17.74
CA GLY C 136 33.46 31.52 -16.64
C GLY C 136 32.40 31.09 -15.62
N THR C 137 31.14 31.35 -15.93
CA THR C 137 30.08 30.95 -14.99
C THR C 137 30.00 29.44 -14.91
N PRO C 138 30.00 28.90 -13.70
CA PRO C 138 29.81 27.44 -13.56
C PRO C 138 28.50 27.02 -14.28
N SER C 139 28.55 25.92 -15.01
CA SER C 139 27.37 25.48 -15.77
C SER C 139 27.38 23.96 -15.87
N PRO C 140 26.21 23.34 -16.01
CA PRO C 140 26.13 21.89 -16.24
C PRO C 140 26.35 21.53 -17.73
N MET C 141 26.43 22.53 -18.61
CA MET C 141 26.61 22.26 -20.04
C MET C 141 28.08 22.23 -20.42
N ARG C 142 28.41 21.52 -21.50
CA ARG C 142 29.79 21.54 -22.04
C ARG C 142 30.09 22.87 -22.73
N HIS C 143 29.09 23.48 -23.33
CA HIS C 143 29.28 24.71 -24.11
C HIS C 143 28.20 25.75 -23.83
N PRO C 144 28.17 26.26 -22.61
CA PRO C 144 27.14 27.23 -22.22
C PRO C 144 27.29 28.54 -22.99
N GLU C 145 28.48 28.81 -23.51
CA GLU C 145 28.74 30.05 -24.22
C GLU C 145 27.95 30.15 -25.53
N LYS C 146 27.37 29.03 -25.95
CA LYS C 146 26.57 29.01 -27.18
C LYS C 146 25.17 29.55 -26.96
N VAL C 147 24.84 29.85 -25.70
CA VAL C 147 23.52 30.39 -25.39
C VAL C 147 23.55 31.93 -25.40
N ASP C 148 22.80 32.53 -26.31
CA ASP C 148 22.70 34.00 -26.38
C ASP C 148 21.34 34.26 -27.04
N MET C 149 20.32 34.24 -26.21
CA MET C 149 18.98 34.37 -26.73
C MET C 149 18.19 35.45 -26.04
N VAL C 150 17.08 35.82 -26.66
CA VAL C 150 16.17 36.77 -26.08
C VAL C 150 14.76 36.23 -26.17
N ILE C 151 14.15 36.04 -25.01
CA ILE C 151 12.80 35.52 -24.94
C ILE C 151 11.77 36.63 -24.81
N PHE C 152 10.78 36.55 -25.68
CA PHE C 152 9.63 37.44 -25.62
C PHE C 152 8.45 36.57 -25.25
N ARG C 153 8.08 36.63 -23.98
CA ARG C 153 6.99 35.82 -23.44
C ARG C 153 5.71 36.63 -23.30
N GLU C 154 4.63 36.16 -23.91
CA GLU C 154 3.33 36.82 -23.84
C GLU C 154 2.92 36.84 -22.36
N ASN C 155 2.53 38.01 -21.87
CA ASN C 155 2.37 38.26 -20.44
C ASN C 155 0.98 38.70 -20.00
N SER C 156 -0.04 38.59 -20.86
CA SER C 156 -1.37 39.09 -20.51
C SER C 156 -2.53 38.09 -20.63
N GLU C 157 -2.30 36.95 -21.28
CA GLU C 157 -3.37 35.98 -21.42
C GLU C 157 -2.86 34.54 -21.21
N ASP C 158 -3.38 33.60 -21.97
CA ASP C 158 -3.05 32.20 -21.80
C ASP C 158 -3.67 31.73 -20.49
N ILE C 159 -3.48 30.45 -20.18
CA ILE C 159 -4.08 29.88 -19.00
C ILE C 159 -3.64 30.56 -17.69
N TYR C 160 -2.79 31.59 -17.81
CA TYR C 160 -2.35 32.40 -16.66
C TYR C 160 -3.40 33.37 -16.21
N ALA C 161 -4.42 33.51 -17.03
CA ALA C 161 -5.50 34.43 -16.74
C ALA C 161 -6.03 34.12 -15.34
N GLY C 162 -5.89 32.87 -14.91
CA GLY C 162 -6.33 32.43 -13.59
C GLY C 162 -7.81 32.12 -13.52
N ILE C 163 -8.35 31.57 -14.60
CA ILE C 163 -9.75 31.21 -14.69
C ILE C 163 -9.92 29.72 -14.54
N GLU C 164 -10.42 29.30 -13.38
CA GLU C 164 -10.57 27.87 -13.06
C GLU C 164 -11.49 27.65 -11.86
N TRP C 165 -12.01 26.43 -11.73
CA TRP C 165 -12.89 26.07 -10.64
C TRP C 165 -12.51 24.68 -10.13
N PRO C 166 -12.61 24.48 -8.82
CA PRO C 166 -12.20 23.22 -8.18
C PRO C 166 -13.10 22.03 -8.46
N ALA C 167 -12.50 20.85 -8.45
CA ALA C 167 -13.24 19.63 -8.69
C ALA C 167 -14.35 19.50 -7.65
N GLY C 168 -15.54 19.11 -8.10
CA GLY C 168 -16.65 18.91 -7.20
C GLY C 168 -17.34 20.17 -6.72
N SER C 169 -16.90 21.34 -7.16
CA SER C 169 -17.57 22.58 -6.79
C SER C 169 -18.80 22.83 -7.63
N PRO C 170 -19.75 23.59 -7.09
CA PRO C 170 -20.94 23.97 -7.85
C PRO C 170 -20.54 24.63 -9.15
N GLU C 171 -19.50 25.45 -9.12
CA GLU C 171 -19.03 26.12 -10.34
C GLU C 171 -18.47 25.15 -11.36
N ALA C 172 -17.64 24.20 -10.91
CA ALA C 172 -17.13 23.25 -11.89
C ALA C 172 -18.27 22.44 -12.46
N GLU C 173 -19.24 22.07 -11.64
CA GLU C 173 -20.33 21.25 -12.16
C GLU C 173 -21.11 22.04 -13.19
N LYS C 174 -21.25 23.34 -12.93
CA LYS C 174 -22.00 24.21 -13.82
C LYS C 174 -21.31 24.36 -15.16
N ILE C 175 -19.99 24.55 -15.17
CA ILE C 175 -19.31 24.66 -16.44
C ILE C 175 -19.23 23.32 -17.18
N ILE C 176 -19.07 22.25 -16.44
CA ILE C 176 -19.01 20.93 -17.10
C ILE C 176 -20.35 20.63 -17.76
N ARG C 177 -21.42 20.94 -17.07
CA ARG C 177 -22.74 20.76 -17.66
C ARG C 177 -22.90 21.60 -18.93
N PHE C 178 -22.47 22.86 -18.90
CA PHE C 178 -22.55 23.71 -20.10
C PHE C 178 -21.71 23.11 -21.23
N LEU C 179 -20.49 22.70 -20.93
CA LEU C 179 -19.64 22.14 -21.98
C LEU C 179 -20.27 20.90 -22.60
N ARG C 180 -20.80 20.02 -21.76
CA ARG C 180 -21.34 18.78 -22.29
C ARG C 180 -22.69 18.95 -22.99
N GLU C 181 -23.60 19.69 -22.35
CA GLU C 181 -24.95 19.86 -22.87
C GLU C 181 -25.14 20.93 -23.93
N GLU C 182 -24.38 22.03 -23.85
CA GLU C 182 -24.52 23.10 -24.84
C GLU C 182 -23.39 23.14 -25.86
N MET C 183 -22.18 22.81 -25.45
CA MET C 183 -21.06 22.89 -26.38
C MET C 183 -20.78 21.55 -27.09
N GLY C 184 -21.44 20.49 -26.65
CA GLY C 184 -21.27 19.18 -27.28
C GLY C 184 -19.96 18.48 -26.96
N VAL C 185 -19.32 18.83 -25.85
CA VAL C 185 -18.04 18.23 -25.49
C VAL C 185 -18.21 16.79 -25.03
N THR C 186 -17.40 15.90 -25.59
CA THR C 186 -17.43 14.47 -25.28
C THR C 186 -16.09 13.97 -24.76
N LYS C 187 -15.05 14.81 -24.79
CA LYS C 187 -13.69 14.36 -24.40
C LYS C 187 -13.23 14.52 -22.95
N ILE C 188 -14.12 14.93 -22.05
CA ILE C 188 -13.71 14.97 -20.65
C ILE C 188 -13.75 13.54 -20.13
N ARG C 189 -12.58 13.06 -19.69
CA ARG C 189 -12.47 11.68 -19.26
C ARG C 189 -13.22 11.40 -17.96
N PHE C 190 -13.07 12.25 -16.96
CA PHE C 190 -13.71 12.02 -15.66
C PHE C 190 -14.53 13.22 -15.24
N PRO C 191 -15.65 13.44 -15.90
CA PRO C 191 -16.44 14.66 -15.63
C PRO C 191 -16.93 14.79 -14.20
N ASP C 192 -17.11 13.68 -13.49
CA ASP C 192 -17.64 13.74 -12.13
C ASP C 192 -16.63 14.24 -11.11
N SER C 193 -15.36 14.29 -11.47
CA SER C 193 -14.34 14.76 -10.50
C SER C 193 -13.31 15.68 -11.11
N SER C 194 -13.70 16.37 -12.19
CA SER C 194 -12.75 17.25 -12.87
C SER C 194 -12.81 18.68 -12.39
N ALA C 195 -11.63 19.24 -12.17
CA ALA C 195 -11.45 20.67 -12.01
C ALA C 195 -11.33 21.14 -13.46
N ILE C 196 -11.66 22.40 -13.72
CA ILE C 196 -11.66 22.95 -15.09
C ILE C 196 -10.92 24.28 -15.15
N GLY C 197 -10.00 24.40 -16.09
CA GLY C 197 -9.29 25.63 -16.32
C GLY C 197 -9.58 26.09 -17.73
N ILE C 198 -9.55 27.39 -17.94
CA ILE C 198 -9.87 27.99 -19.23
C ILE C 198 -8.62 28.64 -19.80
N LYS C 199 -8.30 28.31 -21.05
CA LYS C 199 -7.14 28.89 -21.72
C LYS C 199 -7.54 29.83 -22.88
N PRO C 200 -7.54 31.14 -22.64
CA PRO C 200 -7.78 32.12 -23.70
C PRO C 200 -6.51 32.59 -24.42
N VAL C 201 -6.47 32.42 -25.72
CA VAL C 201 -5.35 32.97 -26.49
C VAL C 201 -5.97 33.67 -27.67
N SER C 202 -5.62 34.94 -27.86
CA SER C 202 -6.28 35.79 -28.84
C SER C 202 -5.43 36.25 -30.00
N THR C 203 -6.11 36.67 -31.07
CA THR C 203 -5.42 37.17 -32.22
C THR C 203 -4.74 38.48 -31.81
N GLU C 204 -5.45 39.31 -31.07
CA GLU C 204 -4.92 40.60 -30.64
C GLU C 204 -3.72 40.47 -29.70
N GLY C 205 -3.82 39.59 -28.72
CA GLY C 205 -2.75 39.44 -27.74
C GLY C 205 -1.54 38.81 -28.38
N SER C 206 -1.79 37.81 -29.23
CA SER C 206 -0.69 37.15 -29.90
C SER C 206 0.01 38.12 -30.85
N GLU C 207 -0.78 38.90 -31.58
CA GLU C 207 -0.17 39.81 -32.55
C GLU C 207 0.68 40.87 -31.89
N ARG C 208 0.19 41.48 -30.81
CA ARG C 208 0.99 42.56 -30.21
C ARG C 208 2.34 42.07 -29.65
N LEU C 209 2.34 40.87 -29.10
CA LEU C 209 3.55 40.27 -28.53
C LEU C 209 4.53 39.98 -29.67
N ILE C 210 4.02 39.35 -30.72
CA ILE C 210 4.89 38.98 -31.83
C ILE C 210 5.43 40.20 -32.59
N ARG C 211 4.58 41.22 -32.79
CA ARG C 211 5.05 42.49 -33.38
C ARG C 211 6.22 43.03 -32.58
N ARG C 212 6.08 43.07 -31.26
CA ARG C 212 7.17 43.60 -30.44
C ARG C 212 8.44 42.79 -30.62
N THR C 213 8.28 41.48 -30.78
CA THR C 213 9.43 40.58 -30.94
C THR C 213 10.16 40.86 -32.22
N ILE C 214 9.40 40.96 -33.30
CA ILE C 214 10.01 41.22 -34.61
C ILE C 214 10.66 42.60 -34.60
N GLN C 215 9.99 43.60 -34.05
CA GLN C 215 10.60 44.94 -33.93
C GLN C 215 11.97 44.90 -33.32
N TYR C 216 12.05 44.26 -32.15
CA TYR C 216 13.31 44.13 -31.40
C TYR C 216 14.37 43.42 -32.23
N ALA C 217 13.98 42.32 -32.85
CA ALA C 217 14.92 41.55 -33.63
C ALA C 217 15.54 42.37 -34.74
N LEU C 218 14.72 43.14 -35.44
CA LEU C 218 15.20 43.96 -36.54
C LEU C 218 16.07 45.09 -36.02
N GLU C 219 15.60 45.73 -34.94
CA GLU C 219 16.31 46.84 -34.34
C GLU C 219 17.72 46.42 -33.89
N HIS C 220 17.84 45.21 -33.34
CA HIS C 220 19.13 44.76 -32.81
C HIS C 220 19.92 43.84 -33.73
N GLY C 221 19.49 43.76 -34.98
CA GLY C 221 20.18 42.95 -35.99
C GLY C 221 20.29 41.46 -35.70
N LYS C 222 19.25 40.88 -35.09
CA LYS C 222 19.29 39.45 -34.75
C LYS C 222 18.93 38.61 -35.96
N PRO C 223 19.54 37.43 -36.08
CA PRO C 223 19.32 36.57 -37.26
C PRO C 223 17.94 35.93 -37.42
N SER C 224 17.23 35.69 -36.32
CA SER C 224 15.96 35.00 -36.44
C SER C 224 15.04 35.22 -35.24
N VAL C 225 13.76 35.00 -35.47
CA VAL C 225 12.72 34.92 -34.44
C VAL C 225 12.06 33.56 -34.59
N SER C 226 11.99 32.82 -33.49
CA SER C 226 11.37 31.49 -33.47
C SER C 226 10.06 31.56 -32.69
N LEU C 227 8.98 31.19 -33.37
CA LEU C 227 7.67 31.14 -32.73
C LEU C 227 7.55 29.76 -32.08
N VAL C 228 7.41 29.72 -30.77
CA VAL C 228 7.39 28.45 -30.03
C VAL C 228 5.96 28.16 -29.50
N HIS C 229 5.45 26.99 -29.86
CA HIS C 229 4.05 26.68 -29.64
C HIS C 229 3.81 25.17 -29.55
N LYS C 230 2.66 24.76 -29.02
CA LYS C 230 2.30 23.35 -29.07
C LYS C 230 1.03 23.32 -29.93
N GLY C 231 1.15 23.80 -31.16
CA GLY C 231 -0.03 24.02 -31.98
C GLY C 231 -0.59 22.79 -32.67
N ASN C 232 0.06 21.65 -32.52
CA ASN C 232 -0.50 20.41 -33.09
C ASN C 232 -1.63 19.88 -32.19
N ILE C 233 -1.48 20.04 -30.88
CA ILE C 233 -2.45 19.57 -29.90
C ILE C 233 -3.45 20.67 -29.50
N MET C 234 -2.97 21.91 -29.38
CA MET C 234 -3.79 23.08 -29.02
C MET C 234 -3.80 23.89 -30.32
N LYS C 235 -4.63 23.43 -31.27
CA LYS C 235 -4.60 23.98 -32.62
C LYS C 235 -5.04 25.44 -32.73
N PHE C 236 -6.07 25.79 -31.99
CA PHE C 236 -6.68 27.10 -32.13
C PHE C 236 -6.08 28.20 -31.26
N THR C 237 -5.49 27.82 -30.14
CA THR C 237 -4.83 28.78 -29.26
C THR C 237 -3.35 28.90 -29.63
N GLU C 238 -2.57 27.83 -29.41
CA GLU C 238 -1.15 27.88 -29.74
C GLU C 238 -0.89 27.80 -31.23
N GLY C 239 -1.70 27.03 -31.95
CA GLY C 239 -1.55 26.95 -33.39
C GLY C 239 -1.91 28.30 -33.97
N GLY C 240 -2.90 28.95 -33.34
CA GLY C 240 -3.30 30.30 -33.74
C GLY C 240 -2.12 31.27 -33.61
N PHE C 241 -1.46 31.24 -32.45
CA PHE C 241 -0.27 32.07 -32.18
C PHE C 241 0.74 31.94 -33.31
N ARG C 242 1.02 30.71 -33.69
CA ARG C 242 1.95 30.50 -34.78
C ARG C 242 1.45 31.08 -36.12
N ASP C 243 0.20 30.76 -36.46
CA ASP C 243 -0.37 31.17 -37.75
C ASP C 243 -0.59 32.68 -37.80
N TRP C 244 -1.10 33.26 -36.73
CA TRP C 244 -1.28 34.72 -36.68
C TRP C 244 0.06 35.42 -36.72
N GLY C 245 1.07 34.78 -36.10
CA GLY C 245 2.42 35.33 -36.12
C GLY C 245 3.03 35.43 -37.51
N TYR C 246 2.93 34.35 -38.25
CA TYR C 246 3.49 34.36 -39.60
C TYR C 246 2.75 35.37 -40.47
N ALA C 247 1.43 35.42 -40.35
CA ALA C 247 0.62 36.34 -41.18
C ALA C 247 1.03 37.78 -40.89
N LEU C 248 1.19 38.07 -39.61
CA LEU C 248 1.55 39.42 -39.19
C LEU C 248 2.95 39.79 -39.69
N ALA C 249 3.88 38.87 -39.54
CA ALA C 249 5.24 39.13 -39.98
C ALA C 249 5.29 39.51 -41.45
N GLU C 250 4.60 38.73 -42.29
CA GLU C 250 4.68 38.93 -43.72
C GLU C 250 3.97 40.21 -44.17
N ARG C 251 2.91 40.57 -43.48
CA ARG C 251 2.18 41.75 -43.93
C ARG C 251 2.77 43.04 -43.36
N GLU C 252 3.17 43.03 -42.09
CA GLU C 252 3.70 44.27 -41.49
C GLU C 252 5.18 44.49 -41.77
N PHE C 253 5.91 43.43 -42.05
CA PHE C 253 7.34 43.59 -42.23
C PHE C 253 7.77 43.08 -43.59
N ALA C 254 6.83 43.02 -44.51
CA ALA C 254 7.10 42.58 -45.88
C ALA C 254 8.34 43.27 -46.40
N GLY C 255 9.24 42.47 -46.93
CA GLY C 255 10.47 43.01 -47.47
C GLY C 255 11.64 42.83 -46.52
N ARG C 256 11.37 42.81 -45.22
CA ARG C 256 12.43 42.67 -44.21
C ARG C 256 12.57 41.28 -43.57
N VAL C 257 11.62 40.41 -43.82
CA VAL C 257 11.65 39.08 -43.23
C VAL C 257 11.45 38.00 -44.29
N PHE C 258 11.81 36.78 -43.92
CA PHE C 258 11.54 35.61 -44.75
C PHE C 258 11.06 34.55 -43.78
N THR C 259 9.83 34.09 -43.93
CA THR C 259 9.26 33.14 -42.96
C THR C 259 9.25 31.72 -43.49
N TRP C 260 9.09 30.79 -42.56
CA TRP C 260 8.95 29.39 -42.95
C TRP C 260 7.59 29.12 -43.61
N ARG C 261 6.65 30.04 -43.47
CA ARG C 261 5.38 29.91 -44.19
C ARG C 261 5.67 30.19 -45.66
N GLN C 262 6.48 31.21 -45.94
CA GLN C 262 6.89 31.49 -47.32
C GLN C 262 7.71 30.33 -47.85
N LYS C 263 8.60 29.81 -47.02
CA LYS C 263 9.46 28.69 -47.41
C LYS C 263 8.61 27.47 -47.80
N ALA C 264 7.61 27.17 -46.97
CA ALA C 264 6.72 26.03 -47.23
C ALA C 264 6.04 26.16 -48.60
N ALA C 265 5.68 27.39 -48.97
CA ALA C 265 5.00 27.62 -50.24
C ALA C 265 5.93 27.38 -51.41
N ILE C 266 7.19 27.79 -51.27
CA ILE C 266 8.16 27.58 -52.33
C ILE C 266 8.49 26.10 -52.46
N SER C 267 8.51 25.41 -51.33
CA SER C 267 8.80 23.98 -51.33
C SER C 267 7.68 23.21 -52.03
N LYS C 268 6.46 23.60 -51.73
CA LYS C 268 5.27 22.98 -52.29
C LYS C 268 5.28 23.16 -53.80
N ALA C 269 5.69 24.34 -54.23
CA ALA C 269 5.75 24.65 -55.64
C ALA C 269 6.94 23.99 -56.34
N GLU C 270 8.13 24.36 -55.91
CA GLU C 270 9.35 23.98 -56.59
C GLU C 270 10.16 22.85 -55.97
N GLY C 271 9.69 22.31 -54.84
CA GLY C 271 10.40 21.25 -54.17
C GLY C 271 11.28 21.74 -53.03
N LYS C 272 11.71 20.81 -52.18
CA LYS C 272 12.52 21.10 -51.00
C LYS C 272 13.79 21.90 -51.26
N ALA C 273 14.58 21.47 -52.25
CA ALA C 273 15.83 22.16 -52.57
C ALA C 273 15.60 23.64 -52.86
N ALA C 274 14.53 23.96 -53.58
CA ALA C 274 14.22 25.35 -53.91
C ALA C 274 13.86 26.13 -52.65
N GLY C 275 13.23 25.44 -51.70
CA GLY C 275 12.87 26.07 -50.44
C GLY C 275 14.11 26.46 -49.66
N GLN C 276 15.05 25.52 -49.55
CA GLN C 276 16.29 25.73 -48.83
C GLN C 276 17.13 26.82 -49.50
N LYS C 277 17.11 26.83 -50.83
CA LYS C 277 17.83 27.84 -51.60
C LYS C 277 17.29 29.24 -51.30
N ALA C 278 15.96 29.35 -51.28
CA ALA C 278 15.28 30.62 -51.02
C ALA C 278 15.64 31.16 -49.64
N GLU C 279 15.71 30.26 -48.67
CA GLU C 279 16.03 30.64 -47.31
C GLU C 279 17.46 31.17 -47.21
N GLN C 280 18.38 30.50 -47.89
CA GLN C 280 19.77 30.91 -47.87
C GLN C 280 19.94 32.28 -48.53
N GLN C 281 19.29 32.47 -49.66
CA GLN C 281 19.31 33.74 -50.37
C GLN C 281 18.80 34.85 -49.46
N ALA C 282 17.73 34.55 -48.72
CA ALA C 282 17.14 35.52 -47.80
C ALA C 282 18.13 35.91 -46.71
N ILE C 283 18.82 34.91 -46.17
CA ILE C 283 19.80 35.16 -45.14
C ILE C 283 20.94 35.93 -45.78
N ALA C 284 21.23 35.60 -47.03
CA ALA C 284 22.25 36.29 -47.79
C ALA C 284 21.86 37.75 -47.93
N ASP C 285 20.59 37.99 -48.20
CA ASP C 285 20.08 39.33 -48.40
C ASP C 285 19.87 40.13 -47.10
N GLY C 286 20.24 39.58 -45.94
CA GLY C 286 20.06 40.31 -44.67
C GLY C 286 18.64 40.32 -44.13
N LYS C 287 17.81 39.41 -44.63
CA LYS C 287 16.45 39.31 -44.13
C LYS C 287 16.42 38.56 -42.80
N LEU C 288 15.51 38.97 -41.93
CA LEU C 288 15.30 38.29 -40.65
C LEU C 288 14.47 37.03 -40.89
N ILE C 289 14.94 35.91 -40.40
CA ILE C 289 14.20 34.65 -40.54
C ILE C 289 13.14 34.48 -39.45
N ILE C 290 11.91 34.16 -39.86
CA ILE C 290 10.87 33.87 -38.91
C ILE C 290 10.58 32.38 -39.04
N LYS C 291 10.86 31.62 -37.98
CA LYS C 291 10.63 30.17 -38.02
C LYS C 291 9.79 29.72 -36.84
N ASP C 292 9.52 28.43 -36.70
CA ASP C 292 8.68 28.00 -35.58
C ASP C 292 9.10 26.61 -35.13
N VAL C 293 8.87 26.32 -33.85
CA VAL C 293 9.29 25.03 -33.33
C VAL C 293 8.24 24.58 -32.34
N ILE C 294 7.85 23.30 -32.42
CA ILE C 294 6.88 22.77 -31.46
C ILE C 294 7.55 22.74 -30.09
N ALA C 295 6.81 23.13 -29.05
CA ALA C 295 7.42 23.39 -27.74
C ALA C 295 8.27 22.28 -27.14
N ASP C 296 7.83 21.04 -27.25
CA ASP C 296 8.61 19.95 -26.68
C ASP C 296 9.93 19.79 -27.41
N ASN C 297 9.89 19.73 -28.74
CA ASN C 297 11.13 19.70 -29.52
C ASN C 297 12.00 20.93 -29.23
N PHE C 298 11.39 22.09 -29.06
CA PHE C 298 12.15 23.30 -28.78
C PHE C 298 13.03 23.12 -27.52
N LEU C 299 12.49 22.47 -26.49
CA LEU C 299 13.26 22.25 -25.26
C LEU C 299 14.46 21.36 -25.59
N GLN C 300 14.23 20.36 -26.43
CA GLN C 300 15.31 19.51 -26.87
C GLN C 300 16.38 20.34 -27.63
N GLN C 301 15.94 21.14 -28.60
CA GLN C 301 16.85 21.91 -29.46
C GLN C 301 17.69 22.96 -28.73
N ILE C 302 17.12 23.62 -27.72
CA ILE C 302 17.89 24.65 -27.03
C ILE C 302 18.98 24.05 -26.17
N LEU C 303 18.89 22.74 -25.95
CA LEU C 303 19.92 22.03 -25.19
C LEU C 303 20.95 21.41 -26.16
N LEU C 304 20.46 20.89 -27.27
CA LEU C 304 21.37 20.27 -28.25
C LEU C 304 22.11 21.28 -29.12
N ARG C 305 21.42 22.35 -29.53
CA ARG C 305 22.05 23.36 -30.38
C ARG C 305 21.47 24.75 -30.17
N PRO C 306 21.74 25.33 -29.01
CA PRO C 306 21.21 26.66 -28.69
C PRO C 306 21.74 27.68 -29.68
N GLU C 307 22.91 27.43 -30.24
CA GLU C 307 23.51 28.40 -31.16
C GLU C 307 22.63 28.66 -32.39
N ASP C 308 21.66 27.79 -32.62
CA ASP C 308 20.77 27.94 -33.78
C ASP C 308 19.60 28.89 -33.53
N TYR C 309 19.52 29.45 -32.31
CA TYR C 309 18.39 30.31 -31.95
C TYR C 309 18.85 31.66 -31.44
N SER C 310 17.99 32.67 -31.58
CA SER C 310 18.33 34.03 -31.20
C SER C 310 17.21 34.65 -30.41
N VAL C 311 16.21 35.15 -31.11
CA VAL C 311 15.05 35.75 -30.46
C VAL C 311 13.90 34.76 -30.49
N VAL C 312 13.14 34.73 -29.41
CA VAL C 312 12.04 33.78 -29.30
C VAL C 312 10.77 34.49 -28.92
N ALA C 313 9.68 34.15 -29.60
CA ALA C 313 8.35 34.65 -29.29
C ALA C 313 7.52 33.45 -28.85
N THR C 314 6.97 33.52 -27.66
CA THR C 314 6.16 32.42 -27.21
C THR C 314 5.05 32.86 -26.26
N LEU C 315 4.15 31.93 -25.97
CA LEU C 315 3.02 32.18 -25.08
C LEU C 315 3.44 32.23 -23.62
N ASN C 316 2.48 32.52 -22.75
CA ASN C 316 2.72 32.72 -21.32
C ASN C 316 3.34 31.50 -20.63
N LEU C 317 2.65 30.38 -20.69
CA LEU C 317 3.14 29.15 -20.04
C LEU C 317 4.47 28.68 -20.61
N ASN C 318 4.51 28.51 -21.94
CA ASN C 318 5.72 28.05 -22.60
C ASN C 318 6.93 28.90 -22.23
N GLY C 319 6.72 30.22 -22.26
CA GLY C 319 7.77 31.18 -21.95
C GLY C 319 8.33 30.99 -20.55
N ASP C 320 7.46 30.66 -19.62
CA ASP C 320 7.84 30.39 -18.24
C ASP C 320 8.77 29.17 -18.20
N TYR C 321 8.37 28.08 -18.85
CA TYR C 321 9.20 26.87 -18.85
C TYR C 321 10.52 27.09 -19.56
N VAL C 322 10.44 27.74 -20.72
CA VAL C 322 11.64 27.98 -21.53
C VAL C 322 12.65 28.84 -20.80
N SER C 323 12.15 29.83 -20.09
CA SER C 323 13.02 30.73 -19.35
C SER C 323 13.90 29.97 -18.36
N ASP C 324 13.31 29.06 -17.60
CA ASP C 324 14.06 28.34 -16.58
C ASP C 324 15.02 27.34 -17.19
N ALA C 325 14.61 26.67 -18.27
CA ALA C 325 15.51 25.70 -18.85
C ALA C 325 16.72 26.43 -19.43
N LEU C 326 16.48 27.53 -20.12
CA LEU C 326 17.59 28.26 -20.72
C LEU C 326 18.50 28.80 -19.62
N ALA C 327 17.89 29.37 -18.59
CA ALA C 327 18.69 29.93 -17.49
C ALA C 327 19.62 28.88 -16.93
N ALA C 328 19.12 27.66 -16.78
CA ALA C 328 19.97 26.59 -16.24
C ALA C 328 21.26 26.40 -17.02
N GLU C 329 21.19 26.55 -18.33
CA GLU C 329 22.38 26.40 -19.14
C GLU C 329 23.47 27.40 -18.78
N VAL C 330 23.08 28.57 -18.29
CA VAL C 330 24.06 29.60 -17.95
C VAL C 330 24.25 29.81 -16.46
N GLY C 331 23.93 28.78 -15.67
CA GLY C 331 24.13 28.84 -14.24
C GLY C 331 22.89 28.77 -13.36
N GLY C 332 21.71 28.86 -13.95
CA GLY C 332 20.50 28.80 -13.17
C GLY C 332 19.78 30.15 -13.07
N ILE C 333 18.64 30.17 -12.36
CA ILE C 333 17.85 31.38 -12.36
C ILE C 333 18.41 32.54 -11.52
N GLY C 334 19.59 32.31 -10.96
CA GLY C 334 20.37 33.33 -10.25
C GLY C 334 21.10 34.21 -11.26
N MET C 335 21.06 33.80 -12.52
CA MET C 335 21.72 34.55 -13.61
C MET C 335 20.74 34.86 -14.70
N ALA C 336 19.54 35.26 -14.31
CA ALA C 336 18.46 35.45 -15.31
C ALA C 336 17.57 36.64 -15.04
N PRO C 337 17.85 37.73 -15.75
CA PRO C 337 17.08 38.98 -15.60
C PRO C 337 15.82 39.00 -16.43
N GLY C 338 14.95 39.97 -16.12
CA GLY C 338 13.74 40.13 -16.91
C GLY C 338 13.14 41.51 -16.76
N ALA C 339 12.21 41.79 -17.66
CA ALA C 339 11.45 43.03 -17.65
C ALA C 339 10.02 42.76 -18.13
N ASN C 340 9.05 43.38 -17.47
CA ASN C 340 7.65 43.30 -17.83
C ASN C 340 7.34 44.67 -18.46
N LEU C 341 7.02 44.67 -19.75
CA LEU C 341 6.85 45.91 -20.48
C LEU C 341 5.49 46.07 -21.13
N SER C 342 4.92 47.27 -21.05
CA SER C 342 3.77 47.59 -21.90
C SER C 342 4.41 48.45 -22.96
N ASP C 343 3.65 49.32 -23.63
CA ASP C 343 4.25 50.23 -24.58
C ASP C 343 4.80 51.47 -23.84
N THR C 344 4.38 51.68 -22.60
CA THR C 344 4.79 52.89 -21.89
C THR C 344 5.47 52.67 -20.54
N HIS C 345 5.08 51.60 -19.85
CA HIS C 345 5.52 51.35 -18.48
C HIS C 345 6.40 50.10 -18.37
N ALA C 346 7.13 49.98 -17.27
CA ALA C 346 8.03 48.84 -17.12
C ALA C 346 8.23 48.43 -15.66
N ILE C 347 8.15 47.13 -15.40
CA ILE C 347 8.55 46.65 -14.09
C ILE C 347 9.67 45.64 -14.30
N PHE C 348 10.86 45.98 -13.80
CA PHE C 348 12.02 45.09 -13.93
C PHE C 348 12.00 44.08 -12.83
N GLU C 349 12.38 42.83 -13.13
CA GLU C 349 12.12 41.76 -12.20
C GLU C 349 12.93 40.53 -12.59
N ALA C 350 13.54 39.88 -11.61
CA ALA C 350 14.29 38.65 -11.89
C ALA C 350 13.36 37.54 -12.31
N THR C 351 13.92 36.51 -12.94
CA THR C 351 13.14 35.33 -13.32
C THR C 351 12.76 34.50 -12.09
N HIS C 352 13.63 34.53 -11.08
CA HIS C 352 13.47 33.64 -9.93
C HIS C 352 12.44 34.04 -8.89
N GLY C 353 12.14 33.09 -8.00
CA GLY C 353 11.15 33.26 -6.95
C GLY C 353 11.74 33.62 -5.58
N THR C 354 10.99 33.34 -4.52
CA THR C 354 11.42 33.76 -3.17
C THR C 354 12.46 32.84 -2.51
N ALA C 355 12.74 31.72 -3.18
CA ALA C 355 13.75 30.74 -2.73
C ALA C 355 13.70 30.42 -1.24
N PRO C 356 12.61 29.80 -0.83
CA PRO C 356 12.37 29.46 0.58
C PRO C 356 13.53 28.64 1.17
N ASP C 357 14.17 27.80 0.37
CA ASP C 357 15.21 26.94 0.93
C ASP C 357 16.46 27.68 1.40
N ILE C 358 16.64 28.94 0.99
CA ILE C 358 17.83 29.71 1.41
C ILE C 358 17.46 31.07 1.95
N ALA C 359 16.15 31.35 1.98
CA ALA C 359 15.69 32.62 2.49
C ALA C 359 16.21 32.76 3.92
N GLY C 360 16.65 33.97 4.27
CA GLY C 360 17.16 34.25 5.60
C GLY C 360 18.61 33.85 5.84
N GLN C 361 19.23 33.21 4.85
CA GLN C 361 20.61 32.75 5.02
C GLN C 361 21.67 33.64 4.40
N GLY C 362 21.26 34.74 3.77
CA GLY C 362 22.20 35.63 3.11
C GLY C 362 23.08 34.93 2.08
N LYS C 363 22.47 34.05 1.28
CA LYS C 363 23.19 33.27 0.27
C LYS C 363 22.83 33.57 -1.19
N ALA C 364 21.62 34.07 -1.40
CA ALA C 364 21.05 34.26 -2.73
C ALA C 364 21.93 35.01 -3.69
N ASN C 365 21.91 34.57 -4.94
CA ASN C 365 22.66 35.23 -6.00
C ASN C 365 21.89 36.50 -6.39
N PRO C 366 22.47 37.68 -6.22
CA PRO C 366 21.75 38.88 -6.60
C PRO C 366 21.94 39.24 -8.08
N SER C 367 22.66 38.41 -8.82
CA SER C 367 22.95 38.69 -10.25
C SER C 367 21.68 38.90 -11.08
N SER C 368 20.68 38.07 -10.87
CA SER C 368 19.46 38.20 -11.67
C SER C 368 18.82 39.59 -11.56
N LEU C 369 18.70 40.07 -10.32
CA LEU C 369 18.10 41.38 -10.11
C LEU C 369 19.02 42.52 -10.56
N ILE C 370 20.32 42.34 -10.31
CA ILE C 370 21.30 43.33 -10.75
C ILE C 370 21.23 43.43 -12.27
N LEU C 371 21.15 42.29 -12.94
CA LEU C 371 21.08 42.34 -14.40
C LEU C 371 19.74 42.85 -14.89
N SER C 372 18.71 42.75 -14.06
CA SER C 372 17.42 43.35 -14.41
C SER C 372 17.55 44.87 -14.30
N ALA C 373 18.34 45.34 -13.33
CA ALA C 373 18.60 46.77 -13.17
C ALA C 373 19.45 47.25 -14.35
N VAL C 374 20.28 46.37 -14.89
CA VAL C 374 21.02 46.73 -16.10
C VAL C 374 19.99 47.02 -17.20
N MET C 375 18.99 46.15 -17.36
CA MET C 375 17.96 46.40 -18.37
C MET C 375 17.25 47.73 -18.09
N MET C 376 17.09 48.06 -16.81
CA MET C 376 16.43 49.31 -16.42
C MET C 376 17.28 50.50 -16.80
N LEU C 377 18.59 50.40 -16.56
CA LEU C 377 19.49 51.50 -16.90
C LEU C 377 19.48 51.68 -18.43
N GLU C 378 19.44 50.57 -19.17
CA GLU C 378 19.35 50.66 -20.63
C GLU C 378 18.05 51.39 -21.03
N HIS C 379 16.97 51.05 -20.33
CA HIS C 379 15.64 51.63 -20.58
C HIS C 379 15.64 53.14 -20.29
N LEU C 380 16.44 53.53 -19.28
CA LEU C 380 16.54 54.96 -18.93
C LEU C 380 17.48 55.71 -19.84
N GLY C 381 18.19 54.98 -20.70
CA GLY C 381 19.21 55.56 -21.55
C GLY C 381 20.52 55.82 -20.81
N TRP C 382 20.73 55.16 -19.67
CA TRP C 382 21.99 55.36 -18.95
C TRP C 382 22.95 54.23 -19.33
N GLY C 383 23.35 54.22 -20.60
CA GLY C 383 24.13 53.10 -21.14
C GLY C 383 25.50 52.90 -20.53
N GLU C 384 26.19 53.99 -20.20
CA GLU C 384 27.50 53.84 -19.58
C GLU C 384 27.41 53.09 -18.25
N ALA C 385 26.40 53.39 -17.44
CA ALA C 385 26.22 52.69 -16.17
C ALA C 385 25.86 51.22 -16.39
N ALA C 386 24.94 50.96 -17.31
CA ALA C 386 24.57 49.58 -17.64
C ALA C 386 25.80 48.79 -18.06
N GLN C 387 26.57 49.33 -18.99
CA GLN C 387 27.76 48.64 -19.49
C GLN C 387 28.78 48.41 -18.36
N ALA C 388 28.91 49.39 -17.47
CA ALA C 388 29.84 49.28 -16.35
C ALA C 388 29.49 48.11 -15.44
N ILE C 389 28.21 47.89 -15.20
CA ILE C 389 27.80 46.78 -14.36
C ILE C 389 28.08 45.43 -15.06
N VAL C 390 27.78 45.35 -16.35
CA VAL C 390 28.03 44.13 -17.12
C VAL C 390 29.52 43.77 -17.13
N ALA C 391 30.37 44.78 -17.28
CA ALA C 391 31.80 44.54 -17.28
C ALA C 391 32.26 44.03 -15.92
N ALA C 392 31.76 44.65 -14.86
CA ALA C 392 32.10 44.23 -13.51
C ALA C 392 31.65 42.80 -13.24
N MET C 393 30.43 42.47 -13.67
CA MET C 393 29.88 41.14 -13.51
C MET C 393 30.75 40.14 -14.24
N ASN C 394 31.11 40.45 -15.48
CA ASN C 394 31.93 39.53 -16.23
C ASN C 394 33.28 39.31 -15.56
N ALA C 395 33.88 40.37 -15.05
CA ALA C 395 35.19 40.27 -14.42
C ALA C 395 35.13 39.48 -13.12
N THR C 396 34.07 39.71 -12.37
CA THR C 396 33.90 39.07 -11.08
C THR C 396 33.69 37.57 -11.24
N ILE C 397 32.77 37.20 -12.12
CA ILE C 397 32.51 35.78 -12.35
C ILE C 397 33.75 35.09 -12.93
N ALA C 398 34.39 35.74 -13.89
CA ALA C 398 35.58 35.16 -14.50
C ALA C 398 36.67 34.92 -13.48
N ALA C 399 36.74 35.78 -12.47
CA ALA C 399 37.75 35.65 -11.41
C ALA C 399 37.42 34.53 -10.43
N GLY C 400 36.26 33.93 -10.57
CA GLY C 400 35.87 32.85 -9.68
C GLY C 400 35.18 33.29 -8.40
N GLU C 401 34.60 34.49 -8.43
CA GLU C 401 33.89 35.07 -7.29
C GLU C 401 32.41 34.95 -7.58
N VAL C 402 31.78 33.95 -6.95
CA VAL C 402 30.40 33.62 -7.19
C VAL C 402 29.67 33.20 -5.93
N THR C 403 28.34 33.23 -5.99
CA THR C 403 27.50 32.79 -4.90
C THR C 403 27.34 31.27 -4.95
N GLY C 404 26.75 30.70 -3.89
CA GLY C 404 26.60 29.26 -3.69
C GLY C 404 25.88 28.46 -4.76
N ASP C 405 24.89 29.07 -5.41
CA ASP C 405 24.12 28.40 -6.47
C ASP C 405 25.04 28.03 -7.62
N LEU C 406 26.00 28.90 -7.87
CA LEU C 406 26.98 28.67 -8.93
C LEU C 406 28.10 27.77 -8.43
N ALA C 407 28.58 28.05 -7.23
CA ALA C 407 29.68 27.26 -6.65
C ALA C 407 29.32 25.77 -6.52
N ALA C 408 28.03 25.51 -6.29
CA ALA C 408 27.52 24.15 -6.17
C ALA C 408 27.71 23.34 -7.45
N LEU C 409 27.90 24.02 -8.58
CA LEU C 409 28.00 23.34 -9.87
C LEU C 409 29.39 22.87 -10.22
N ARG C 410 30.36 23.25 -9.38
CA ARG C 410 31.76 22.87 -9.58
C ARG C 410 32.54 22.70 -8.27
N GLY C 411 33.30 21.61 -8.18
CA GLY C 411 34.07 21.36 -6.98
C GLY C 411 35.27 22.27 -6.80
N ASP C 412 35.62 23.01 -7.84
CA ASP C 412 36.81 23.87 -7.78
C ASP C 412 36.47 25.36 -7.58
N VAL C 413 35.24 25.64 -7.18
CA VAL C 413 34.79 27.00 -6.96
C VAL C 413 34.07 27.11 -5.60
N PRO C 414 34.64 27.88 -4.69
CA PRO C 414 34.03 28.14 -3.37
C PRO C 414 32.91 29.17 -3.44
N ALA C 415 32.06 29.21 -2.40
CA ALA C 415 30.91 30.09 -2.36
C ALA C 415 31.14 31.39 -1.58
N LEU C 416 30.65 32.51 -2.13
CA LEU C 416 30.60 33.78 -1.44
C LEU C 416 29.15 34.02 -1.00
N SER C 417 28.97 34.69 0.13
CA SER C 417 27.66 35.06 0.62
C SER C 417 27.16 36.17 -0.29
N THR C 418 25.90 36.54 -0.14
CA THR C 418 25.34 37.59 -0.97
C THR C 418 26.13 38.87 -0.79
N THR C 419 26.40 39.24 0.45
CA THR C 419 27.11 40.51 0.72
C THR C 419 28.55 40.45 0.29
N GLU C 420 29.16 39.28 0.39
CA GLU C 420 30.54 39.12 -0.09
C GLU C 420 30.60 39.31 -1.61
N PHE C 421 29.61 38.77 -2.33
CA PHE C 421 29.60 38.87 -3.80
C PHE C 421 29.34 40.31 -4.24
N THR C 422 28.42 40.97 -3.55
CA THR C 422 28.10 42.35 -3.83
C THR C 422 29.36 43.18 -3.63
N ALA C 423 30.09 42.91 -2.55
CA ALA C 423 31.33 43.66 -2.30
C ALA C 423 32.33 43.38 -3.39
N ALA C 424 32.38 42.11 -3.82
CA ALA C 424 33.29 41.71 -4.88
C ALA C 424 33.02 42.43 -6.19
N LEU C 425 31.75 42.59 -6.53
CA LEU C 425 31.38 43.31 -7.74
C LEU C 425 31.72 44.80 -7.61
N ILE C 426 31.36 45.39 -6.47
CA ILE C 426 31.51 46.84 -6.33
C ILE C 426 32.96 47.30 -6.38
N ARG C 427 33.87 46.50 -5.89
CA ARG C 427 35.24 46.99 -5.94
C ARG C 427 35.90 46.90 -7.31
N ARG C 428 35.14 46.61 -8.35
CA ARG C 428 35.73 46.52 -9.68
C ARG C 428 35.43 47.76 -10.46
N PHE C 429 34.48 48.55 -9.96
CA PHE C 429 34.09 49.78 -10.63
C PHE C 429 35.27 50.76 -10.64
N THR D 3 -11.14 -5.91 -45.04
CA THR D 3 -9.98 -5.87 -44.10
C THR D 3 -8.67 -5.82 -44.87
N HIS D 4 -7.64 -5.27 -44.24
CA HIS D 4 -6.30 -5.24 -44.84
C HIS D 4 -5.33 -5.97 -43.92
N ILE D 5 -5.83 -6.40 -42.77
CA ILE D 5 -5.01 -7.09 -41.78
C ILE D 5 -4.83 -8.55 -42.14
N GLN D 6 -3.61 -9.02 -41.97
CA GLN D 6 -3.30 -10.40 -42.26
C GLN D 6 -2.63 -11.03 -41.06
N LYS D 7 -3.40 -11.88 -40.39
CA LYS D 7 -2.96 -12.59 -39.20
C LYS D 7 -2.00 -13.70 -39.60
N PRO D 8 -0.91 -13.84 -38.86
CA PRO D 8 0.07 -14.90 -39.11
C PRO D 8 -0.56 -16.27 -38.81
N ALA D 9 -0.30 -17.25 -39.67
CA ALA D 9 -0.85 -18.57 -39.49
C ALA D 9 -0.28 -19.35 -38.30
N THR D 10 0.94 -19.04 -37.90
CA THR D 10 1.67 -19.76 -36.86
C THR D 10 1.57 -19.14 -35.48
N GLY D 11 1.19 -17.87 -35.39
CA GLY D 11 1.15 -17.23 -34.08
C GLY D 11 -0.05 -17.55 -33.20
N SER D 12 0.06 -17.24 -31.90
CA SER D 12 -1.05 -17.40 -30.95
C SER D 12 -1.16 -16.09 -30.16
N PRO D 13 -2.38 -15.72 -29.73
CA PRO D 13 -2.56 -14.48 -28.98
C PRO D 13 -2.07 -14.55 -27.53
N LEU D 14 -1.70 -13.40 -27.00
CA LEU D 14 -1.41 -13.29 -25.60
C LEU D 14 -2.72 -13.51 -24.85
N THR D 15 -2.65 -14.09 -23.65
CA THR D 15 -3.83 -14.20 -22.82
C THR D 15 -3.49 -13.67 -21.42
N LEU D 16 -4.49 -13.47 -20.59
CA LEU D 16 -4.32 -12.98 -19.23
C LEU D 16 -5.05 -13.95 -18.32
N LEU D 17 -4.41 -14.32 -17.22
CA LEU D 17 -5.02 -15.21 -16.23
C LEU D 17 -4.71 -14.64 -14.83
N ASN D 18 -5.77 -14.23 -14.12
CA ASN D 18 -5.61 -13.61 -12.79
C ASN D 18 -4.56 -12.53 -12.76
N GLY D 19 -4.56 -11.68 -13.78
CA GLY D 19 -3.64 -10.57 -13.85
C GLY D 19 -2.28 -10.90 -14.44
N VAL D 20 -1.98 -12.17 -14.70
CA VAL D 20 -0.65 -12.55 -15.21
C VAL D 20 -0.67 -12.80 -16.71
N LEU D 21 0.15 -12.07 -17.44
CA LEU D 21 0.16 -12.19 -18.89
C LEU D 21 0.76 -13.53 -19.28
N GLN D 22 0.05 -14.26 -20.15
CA GLN D 22 0.52 -15.55 -20.64
C GLN D 22 1.03 -15.33 -22.07
N VAL D 23 2.31 -15.60 -22.29
CA VAL D 23 2.92 -15.30 -23.57
C VAL D 23 3.35 -16.57 -24.33
N PRO D 24 2.70 -16.86 -25.45
CA PRO D 24 3.10 -18.02 -26.26
C PRO D 24 4.51 -17.80 -26.75
N ASP D 25 5.22 -18.88 -27.05
CA ASP D 25 6.55 -18.80 -27.64
C ASP D 25 6.54 -18.20 -29.05
N GLN D 26 5.37 -18.19 -29.70
CA GLN D 26 5.25 -17.49 -30.97
C GLN D 26 4.05 -16.55 -30.85
N PRO D 27 4.21 -15.45 -30.12
CA PRO D 27 3.09 -14.55 -29.84
C PRO D 27 2.79 -13.60 -31.00
N ILE D 28 1.50 -13.33 -31.21
CA ILE D 28 1.10 -12.38 -32.22
C ILE D 28 1.30 -10.98 -31.64
N ILE D 29 2.11 -10.17 -32.32
CA ILE D 29 2.37 -8.80 -31.88
C ILE D 29 2.10 -7.84 -33.02
N PRO D 30 1.03 -7.07 -32.89
CA PRO D 30 0.73 -6.04 -33.86
C PRO D 30 1.79 -4.93 -33.88
N PHE D 31 2.03 -4.41 -35.06
CA PHE D 31 2.91 -3.26 -35.19
C PHE D 31 2.38 -2.29 -36.24
N ILE D 32 2.72 -1.02 -36.04
CA ILE D 32 2.35 0.04 -36.97
C ILE D 32 3.63 0.74 -37.42
N GLU D 33 3.83 0.80 -38.73
CA GLU D 33 5.06 1.39 -39.26
C GLU D 33 5.30 2.83 -38.82
N GLY D 34 4.30 3.70 -38.98
CA GLY D 34 4.45 5.11 -38.63
C GLY D 34 4.76 5.99 -39.86
N ASP D 35 4.42 7.28 -39.80
CA ASP D 35 4.69 8.26 -40.86
C ASP D 35 6.16 8.66 -40.82
N GLY D 36 6.65 9.32 -41.87
CA GLY D 36 8.03 9.83 -41.89
C GLY D 36 9.09 8.79 -41.53
N ILE D 37 9.93 9.08 -40.54
CA ILE D 37 11.00 8.14 -40.18
C ILE D 37 10.52 6.78 -39.64
N GLY D 38 9.20 6.64 -39.45
CA GLY D 38 8.68 5.33 -39.13
C GLY D 38 9.18 4.32 -40.18
N CYS D 39 9.34 4.74 -41.45
CA CYS D 39 9.79 3.86 -42.52
C CYS D 39 11.26 3.47 -42.31
N ASP D 40 11.97 4.22 -41.47
CA ASP D 40 13.36 3.88 -41.14
C ASP D 40 13.46 3.11 -39.84
N VAL D 41 12.78 3.60 -38.82
CA VAL D 41 12.97 3.00 -37.51
C VAL D 41 12.21 1.72 -37.26
N THR D 42 11.05 1.54 -37.87
CA THR D 42 10.31 0.30 -37.61
C THR D 42 11.00 -0.93 -38.17
N PRO D 43 11.46 -0.90 -39.42
CA PRO D 43 12.23 -2.02 -39.96
C PRO D 43 13.48 -2.26 -39.13
N ALA D 44 14.11 -1.19 -38.66
CA ALA D 44 15.31 -1.37 -37.85
C ALA D 44 14.96 -2.15 -36.57
N MET D 45 13.89 -1.71 -35.91
CA MET D 45 13.46 -2.33 -34.67
C MET D 45 13.08 -3.79 -34.88
N ARG D 46 12.33 -4.08 -35.93
CA ARG D 46 11.93 -5.46 -36.14
C ARG D 46 13.15 -6.33 -36.42
N SER D 47 14.11 -5.82 -37.20
CA SER D 47 15.24 -6.68 -37.49
C SER D 47 16.08 -6.91 -36.25
N VAL D 48 16.24 -5.89 -35.41
CA VAL D 48 16.99 -6.07 -34.18
C VAL D 48 16.31 -7.07 -33.27
N VAL D 49 15.02 -6.91 -33.10
CA VAL D 49 14.28 -7.83 -32.24
C VAL D 49 14.32 -9.28 -32.74
N ASP D 50 14.03 -9.47 -34.02
CA ASP D 50 14.01 -10.81 -34.59
C ASP D 50 15.39 -11.46 -34.53
N ALA D 51 16.44 -10.69 -34.80
CA ALA D 51 17.77 -11.25 -34.71
C ALA D 51 18.15 -11.60 -33.28
N ALA D 52 17.80 -10.73 -32.33
CA ALA D 52 18.10 -11.06 -30.96
C ALA D 52 17.33 -12.30 -30.50
N VAL D 53 16.04 -12.30 -30.77
CA VAL D 53 15.22 -13.43 -30.37
C VAL D 53 15.73 -14.74 -30.99
N ALA D 54 16.09 -14.71 -32.26
CA ALA D 54 16.63 -15.90 -32.93
C ALA D 54 17.91 -16.39 -32.26
N LYS D 55 18.79 -15.46 -31.92
CA LYS D 55 20.06 -15.82 -31.29
C LYS D 55 19.89 -16.36 -29.86
N VAL D 56 19.20 -15.61 -29.02
CA VAL D 56 19.09 -15.97 -27.60
C VAL D 56 18.26 -17.23 -27.32
N TYR D 57 17.20 -17.45 -28.09
CA TYR D 57 16.33 -18.60 -27.81
C TYR D 57 16.48 -19.77 -28.78
N GLY D 58 17.43 -19.64 -29.70
CA GLY D 58 17.78 -20.71 -30.62
C GLY D 58 16.67 -21.32 -31.44
N GLY D 59 15.64 -20.54 -31.74
CA GLY D 59 14.49 -21.01 -32.48
C GLY D 59 13.30 -21.43 -31.63
N GLN D 60 13.45 -21.48 -30.32
CA GLN D 60 12.33 -21.88 -29.51
C GLN D 60 11.22 -20.81 -29.61
N ARG D 61 11.63 -19.57 -29.84
CA ARG D 61 10.68 -18.46 -29.90
C ARG D 61 10.82 -17.63 -31.17
N GLN D 62 9.74 -16.95 -31.56
CA GLN D 62 9.73 -16.08 -32.73
C GLN D 62 8.49 -15.21 -32.68
N ILE D 63 8.69 -13.89 -32.73
CA ILE D 63 7.54 -12.96 -32.73
C ILE D 63 6.76 -13.17 -33.99
N ALA D 64 5.44 -13.34 -33.86
CA ALA D 64 4.60 -13.42 -35.04
C ALA D 64 4.05 -12.02 -35.33
N TRP D 65 4.77 -11.22 -36.11
CA TRP D 65 4.37 -9.83 -36.38
C TRP D 65 3.08 -9.74 -37.18
N MET D 66 2.23 -8.79 -36.82
CA MET D 66 0.98 -8.57 -37.52
C MET D 66 0.87 -7.08 -37.83
N GLU D 67 0.94 -6.71 -39.12
CA GLU D 67 0.94 -5.27 -39.43
C GLU D 67 -0.45 -4.66 -39.34
N LEU D 68 -0.57 -3.53 -38.63
CA LEU D 68 -1.81 -2.73 -38.59
C LEU D 68 -1.45 -1.39 -39.21
N PHE D 69 -2.47 -0.62 -39.58
CA PHE D 69 -2.22 0.61 -40.31
C PHE D 69 -2.79 1.85 -39.65
N ALA D 70 -2.07 2.95 -39.83
CA ALA D 70 -2.51 4.25 -39.35
C ALA D 70 -1.73 5.30 -40.11
N GLY D 71 -2.25 6.52 -40.14
CA GLY D 71 -1.57 7.61 -40.79
C GLY D 71 -1.58 7.50 -42.30
N GLN D 72 -0.53 8.02 -42.94
CA GLN D 72 -0.55 8.08 -44.39
C GLN D 72 -0.67 6.71 -45.07
N LYS D 73 -0.04 5.70 -44.52
CA LYS D 73 -0.15 4.35 -45.08
C LYS D 73 -1.58 3.84 -45.06
N ALA D 74 -2.28 4.06 -43.95
CA ALA D 74 -3.67 3.66 -43.87
C ALA D 74 -4.51 4.38 -44.95
N VAL D 75 -4.25 5.66 -45.17
CA VAL D 75 -4.96 6.38 -46.21
C VAL D 75 -4.69 5.73 -47.57
N GLN D 76 -3.46 5.27 -47.78
CA GLN D 76 -3.10 4.65 -49.05
C GLN D 76 -3.89 3.37 -49.31
N LEU D 77 -4.18 2.64 -48.23
CA LEU D 77 -4.84 1.35 -48.33
C LEU D 77 -6.36 1.38 -48.14
N TYR D 78 -6.83 2.20 -47.22
CA TYR D 78 -8.24 2.19 -46.84
C TYR D 78 -9.04 3.31 -47.51
N GLY D 79 -8.34 4.33 -48.02
CA GLY D 79 -9.03 5.41 -48.72
C GLY D 79 -8.88 6.77 -48.07
N GLU D 80 -9.36 7.79 -48.77
CA GLU D 80 -9.24 9.16 -48.28
C GLU D 80 -9.85 9.33 -46.89
N GLY D 81 -9.12 10.01 -46.01
CA GLY D 81 -9.60 10.32 -44.68
C GLY D 81 -9.53 9.18 -43.70
N GLN D 82 -9.12 8.00 -44.17
CA GLN D 82 -9.04 6.85 -43.26
C GLN D 82 -7.71 6.80 -42.50
N TYR D 83 -7.43 7.84 -41.72
CA TYR D 83 -6.20 7.86 -40.93
C TYR D 83 -6.08 6.80 -39.84
N LEU D 84 -7.20 6.45 -39.20
CA LEU D 84 -7.13 5.42 -38.16
C LEU D 84 -8.33 4.49 -38.29
N PRO D 85 -8.17 3.48 -39.11
CA PRO D 85 -9.25 2.51 -39.38
C PRO D 85 -9.68 1.89 -38.08
N ASP D 86 -10.97 1.69 -37.91
CA ASP D 86 -11.47 1.09 -36.68
C ASP D 86 -10.85 -0.29 -36.43
N GLU D 87 -10.56 -1.03 -37.49
CA GLU D 87 -10.02 -2.38 -37.27
C GLU D 87 -8.63 -2.37 -36.63
N THR D 88 -7.91 -1.27 -36.76
CA THR D 88 -6.61 -1.13 -36.11
C THR D 88 -6.78 -1.15 -34.58
N MET D 89 -7.61 -0.28 -34.04
CA MET D 89 -7.80 -0.26 -32.59
C MET D 89 -8.49 -1.53 -32.11
N ALA D 90 -9.40 -2.09 -32.91
CA ALA D 90 -10.05 -3.34 -32.46
C ALA D 90 -9.02 -4.48 -32.32
N ALA D 91 -8.03 -4.48 -33.21
CA ALA D 91 -7.01 -5.52 -33.17
C ALA D 91 -6.11 -5.33 -31.95
N ILE D 92 -5.76 -4.09 -31.65
CA ILE D 92 -4.88 -3.85 -30.50
C ILE D 92 -5.61 -4.28 -29.22
N ARG D 93 -6.92 -4.05 -29.20
CA ARG D 93 -7.71 -4.44 -28.05
C ARG D 93 -7.67 -5.94 -27.86
N GLU D 94 -7.78 -6.63 -28.99
CA GLU D 94 -7.82 -8.09 -29.00
C GLU D 94 -6.48 -8.72 -28.65
N TYR D 95 -5.40 -8.13 -29.14
CA TYR D 95 -4.07 -8.72 -28.98
C TYR D 95 -3.25 -8.18 -27.79
N LYS D 96 -3.74 -7.12 -27.16
CA LYS D 96 -3.20 -6.60 -25.89
C LYS D 96 -1.89 -5.83 -25.89
N VAL D 97 -1.02 -6.11 -26.84
CA VAL D 97 0.29 -5.48 -26.88
C VAL D 97 0.63 -5.12 -28.30
N ALA D 98 1.13 -3.91 -28.52
CA ALA D 98 1.51 -3.46 -29.85
C ALA D 98 2.66 -2.48 -29.76
N ILE D 99 3.31 -2.24 -30.90
CA ILE D 99 4.40 -1.28 -30.98
C ILE D 99 4.21 -0.45 -32.24
N LYS D 100 4.33 0.88 -32.10
CA LYS D 100 4.10 1.77 -33.24
C LYS D 100 5.21 2.78 -33.44
N GLY D 101 5.39 3.13 -34.71
CA GLY D 101 6.27 4.22 -35.11
C GLY D 101 5.51 5.52 -34.88
N PRO D 102 6.14 6.66 -35.14
CA PRO D 102 5.49 7.96 -34.94
C PRO D 102 4.37 8.21 -35.95
N LEU D 103 3.41 9.07 -35.57
CA LEU D 103 2.33 9.48 -36.45
C LEU D 103 2.27 11.01 -36.49
N GLU D 104 2.00 11.53 -37.70
CA GLU D 104 1.97 12.98 -37.92
C GLU D 104 0.66 13.63 -37.48
N THR D 105 0.78 14.70 -36.70
CA THR D 105 -0.35 15.51 -36.29
C THR D 105 -0.13 16.92 -36.84
N PRO D 106 -1.06 17.43 -37.64
CA PRO D 106 -0.88 18.77 -38.23
C PRO D 106 -1.04 19.88 -37.19
N VAL D 107 -0.41 21.02 -37.44
CA VAL D 107 -0.47 22.19 -36.57
C VAL D 107 -1.50 23.21 -37.04
N GLY D 108 -2.31 23.73 -36.12
CA GLY D 108 -3.24 24.82 -36.41
C GLY D 108 -4.57 24.44 -37.02
N GLY D 109 -4.71 23.17 -37.38
CA GLY D 109 -5.91 22.69 -38.01
C GLY D 109 -5.72 21.21 -38.34
N GLY D 110 -6.55 20.69 -39.23
CA GLY D 110 -6.41 19.29 -39.62
C GLY D 110 -6.84 18.28 -38.56
N ILE D 111 -6.45 17.02 -38.74
CA ILE D 111 -6.90 15.97 -37.84
C ILE D 111 -6.35 16.09 -36.40
N ARG D 112 -7.18 15.67 -35.45
CA ARG D 112 -6.75 15.52 -34.07
C ARG D 112 -5.70 14.40 -34.03
N SER D 113 -4.69 14.59 -33.20
CA SER D 113 -3.61 13.62 -33.05
C SER D 113 -4.08 12.16 -32.95
N LEU D 114 -3.58 11.32 -33.86
CA LEU D 114 -3.89 9.89 -33.84
C LEU D 114 -3.26 9.21 -32.61
N ASN D 115 -2.11 9.76 -32.20
CA ASN D 115 -1.40 9.25 -31.05
C ASN D 115 -2.25 9.38 -29.80
N VAL D 116 -2.82 10.57 -29.60
CA VAL D 116 -3.67 10.82 -28.45
C VAL D 116 -4.96 10.02 -28.61
N ALA D 117 -5.50 9.96 -29.83
CA ALA D 117 -6.75 9.22 -30.04
C ALA D 117 -6.60 7.75 -29.62
N MET D 118 -5.46 7.17 -29.94
CA MET D 118 -5.22 5.78 -29.55
C MET D 118 -5.13 5.65 -28.03
N ARG D 119 -4.46 6.59 -27.40
CA ARG D 119 -4.32 6.58 -25.94
C ARG D 119 -5.70 6.70 -25.29
N GLN D 120 -6.53 7.57 -25.84
CA GLN D 120 -7.88 7.78 -25.30
C GLN D 120 -8.77 6.55 -25.55
N ASP D 121 -8.68 6.00 -26.74
CA ASP D 121 -9.54 4.87 -27.08
C ASP D 121 -9.31 3.65 -26.18
N LEU D 122 -8.05 3.37 -25.87
CA LEU D 122 -7.76 2.21 -25.05
C LEU D 122 -7.54 2.59 -23.59
N ASP D 123 -7.72 3.87 -23.26
CA ASP D 123 -7.56 4.36 -21.89
C ASP D 123 -6.18 3.95 -21.34
N LEU D 124 -5.16 4.24 -22.12
CA LEU D 124 -3.79 3.89 -21.75
C LEU D 124 -3.30 5.07 -20.93
N TYR D 125 -3.73 5.13 -19.67
CA TYR D 125 -3.57 6.34 -18.87
C TYR D 125 -2.16 6.59 -18.37
N VAL D 126 -1.30 5.59 -18.47
CA VAL D 126 0.10 5.83 -18.13
C VAL D 126 0.97 5.99 -19.40
N CYS D 127 1.72 7.08 -19.47
CA CYS D 127 2.76 7.20 -20.49
C CYS D 127 4.05 7.02 -19.68
N LEU D 128 4.75 5.91 -19.92
CA LEU D 128 5.91 5.53 -19.11
C LEU D 128 7.17 5.71 -19.92
N ARG D 129 8.03 6.63 -19.50
CA ARG D 129 9.24 6.96 -20.26
C ARG D 129 10.50 6.97 -19.41
N PRO D 130 11.26 5.89 -19.46
CA PRO D 130 12.51 5.83 -18.72
C PRO D 130 13.57 6.58 -19.51
N VAL D 131 14.39 7.35 -18.81
CA VAL D 131 15.45 8.08 -19.49
C VAL D 131 16.74 7.78 -18.74
N ARG D 132 17.69 7.20 -19.45
CA ARG D 132 18.96 6.89 -18.85
C ARG D 132 20.06 7.04 -19.88
N TYR D 133 21.30 7.10 -19.39
CA TYR D 133 22.45 7.39 -20.23
C TYR D 133 23.17 6.12 -20.66
N PHE D 134 23.38 5.96 -21.96
CA PHE D 134 24.13 4.81 -22.48
C PHE D 134 25.57 5.25 -22.58
N GLU D 135 26.44 4.49 -21.94
CA GLU D 135 27.83 4.93 -21.82
C GLU D 135 28.42 5.31 -23.16
N GLY D 136 29.08 6.46 -23.17
CA GLY D 136 29.70 6.94 -24.39
C GLY D 136 28.79 7.76 -25.29
N THR D 137 27.50 7.87 -24.99
CA THR D 137 26.63 8.67 -25.87
C THR D 137 27.03 10.15 -25.92
N PRO D 138 27.19 10.71 -27.11
CA PRO D 138 27.45 12.15 -27.23
C PRO D 138 26.30 12.93 -26.55
N SER D 139 26.65 13.96 -25.80
CA SER D 139 25.66 14.70 -25.03
C SER D 139 26.15 16.10 -24.85
N PRO D 140 25.23 17.04 -24.72
CA PRO D 140 25.58 18.45 -24.48
C PRO D 140 25.91 18.68 -23.01
N MET D 141 25.73 17.66 -22.15
CA MET D 141 25.98 17.86 -20.73
C MET D 141 27.38 17.44 -20.31
N ARG D 142 27.93 18.12 -19.31
CA ARG D 142 29.19 17.71 -18.73
C ARG D 142 29.02 16.34 -18.05
N HIS D 143 27.87 16.11 -17.42
CA HIS D 143 27.67 14.86 -16.68
C HIS D 143 26.35 14.16 -16.96
N PRO D 144 26.20 13.66 -18.18
CA PRO D 144 24.96 12.97 -18.59
C PRO D 144 24.69 11.70 -17.80
N GLU D 145 25.75 11.08 -17.28
CA GLU D 145 25.62 9.84 -16.52
C GLU D 145 24.80 9.98 -15.24
N LYS D 146 24.56 11.21 -14.80
CA LYS D 146 23.79 11.43 -13.58
C LYS D 146 22.28 11.44 -13.84
N VAL D 147 21.89 11.24 -15.09
CA VAL D 147 20.47 11.20 -15.47
C VAL D 147 20.01 9.75 -15.47
N ASP D 148 19.13 9.39 -14.54
CA ASP D 148 18.58 8.04 -14.48
C ASP D 148 17.21 8.20 -13.87
N MET D 149 16.22 8.40 -14.72
CA MET D 149 14.90 8.74 -14.23
C MET D 149 13.81 7.98 -14.95
N VAL D 150 12.63 7.97 -14.36
CA VAL D 150 11.51 7.31 -14.99
C VAL D 150 10.31 8.25 -14.88
N ILE D 151 9.78 8.63 -16.02
CA ILE D 151 8.67 9.56 -16.08
C ILE D 151 7.34 8.85 -16.22
N PHE D 152 6.42 9.16 -15.30
CA PHE D 152 5.06 8.70 -15.37
C PHE D 152 4.22 9.94 -15.72
N ARG D 153 3.79 9.98 -16.97
CA ARG D 153 3.05 11.14 -17.49
C ARG D 153 1.60 10.76 -17.66
N GLU D 154 0.72 11.50 -17.00
CA GLU D 154 -0.71 11.27 -17.09
C GLU D 154 -1.07 11.34 -18.57
N ASN D 155 -1.81 10.34 -19.03
CA ASN D 155 -2.00 10.15 -20.47
C ASN D 155 -3.46 10.16 -20.95
N SER D 156 -4.40 10.59 -20.12
CA SER D 156 -5.82 10.55 -20.52
C SER D 156 -6.58 11.88 -20.41
N GLU D 157 -6.04 12.87 -19.71
CA GLU D 157 -6.76 14.14 -19.60
C GLU D 157 -5.82 15.35 -19.80
N ASP D 158 -6.10 16.49 -19.14
CA ASP D 158 -5.35 17.74 -19.36
C ASP D 158 -5.76 18.36 -20.70
N ILE D 159 -5.18 19.50 -21.06
CA ILE D 159 -5.57 20.14 -22.33
C ILE D 159 -5.41 19.21 -23.53
N TYR D 160 -4.84 18.03 -23.30
CA TYR D 160 -4.67 17.10 -24.41
C TYR D 160 -5.98 16.51 -24.85
N ALA D 161 -7.03 16.71 -24.07
CA ALA D 161 -8.36 16.19 -24.41
C ALA D 161 -8.75 16.65 -25.82
N GLY D 162 -8.28 17.83 -26.21
CA GLY D 162 -8.57 18.37 -27.54
C GLY D 162 -9.86 19.17 -27.57
N ILE D 163 -10.15 19.86 -26.47
CA ILE D 163 -11.39 20.66 -26.34
C ILE D 163 -11.06 22.13 -26.50
N GLU D 164 -11.48 22.70 -27.63
CA GLU D 164 -11.17 24.08 -27.96
C GLU D 164 -11.94 24.56 -29.17
N TRP D 165 -12.07 25.87 -29.29
CA TRP D 165 -12.78 26.49 -30.41
C TRP D 165 -12.00 27.70 -30.91
N PRO D 166 -12.03 27.92 -32.23
CA PRO D 166 -11.24 28.97 -32.87
C PRO D 166 -11.72 30.39 -32.57
N ALA D 167 -10.77 31.32 -32.57
CA ALA D 167 -11.07 32.72 -32.33
C ALA D 167 -12.08 33.19 -33.37
N GLY D 168 -13.07 33.95 -32.93
CA GLY D 168 -14.04 34.52 -33.85
C GLY D 168 -15.20 33.62 -34.24
N SER D 169 -15.10 32.33 -33.95
CA SER D 169 -16.16 31.41 -34.29
C SER D 169 -17.42 31.60 -33.43
N PRO D 170 -18.58 31.20 -33.92
CA PRO D 170 -19.80 31.23 -33.09
C PRO D 170 -19.63 30.38 -31.81
N GLU D 171 -18.89 29.27 -31.90
CA GLU D 171 -18.65 28.47 -30.71
C GLU D 171 -17.85 29.23 -29.66
N ALA D 172 -16.78 29.89 -30.09
CA ALA D 172 -15.98 30.66 -29.17
C ALA D 172 -16.82 31.78 -28.57
N GLU D 173 -17.60 32.47 -29.40
CA GLU D 173 -18.43 33.54 -28.86
C GLU D 173 -19.42 33.05 -27.81
N LYS D 174 -20.00 31.87 -28.04
CA LYS D 174 -20.97 31.27 -27.15
C LYS D 174 -20.34 30.93 -25.81
N ILE D 175 -19.18 30.28 -25.81
CA ILE D 175 -18.57 29.98 -24.52
C ILE D 175 -18.06 31.20 -23.79
N ILE D 176 -17.52 32.15 -24.52
CA ILE D 176 -17.00 33.37 -23.89
C ILE D 176 -18.16 34.10 -23.24
N ARG D 177 -19.32 34.08 -23.89
CA ARG D 177 -20.44 34.77 -23.31
C ARG D 177 -20.91 34.11 -22.02
N PHE D 178 -20.95 32.79 -22.03
CA PHE D 178 -21.33 32.06 -20.84
C PHE D 178 -20.33 32.31 -19.70
N LEU D 179 -19.04 32.26 -20.03
CA LEU D 179 -18.02 32.52 -19.03
C LEU D 179 -18.22 33.91 -18.40
N ARG D 180 -18.46 34.91 -19.23
CA ARG D 180 -18.58 36.28 -18.75
C ARG D 180 -19.89 36.56 -18.07
N GLU D 181 -20.99 36.16 -18.69
CA GLU D 181 -22.32 36.50 -18.18
C GLU D 181 -22.87 35.55 -17.13
N GLU D 182 -22.50 34.27 -17.18
CA GLU D 182 -23.04 33.31 -16.22
C GLU D 182 -22.04 32.79 -15.19
N MET D 183 -20.75 32.80 -15.53
CA MET D 183 -19.72 32.32 -14.61
C MET D 183 -18.95 33.49 -13.93
N GLY D 184 -19.26 34.73 -14.28
CA GLY D 184 -18.58 35.88 -13.67
C GLY D 184 -17.11 36.07 -14.05
N VAL D 185 -16.68 35.53 -15.17
CA VAL D 185 -15.29 35.65 -15.58
C VAL D 185 -14.95 37.06 -16.09
N THR D 186 -13.93 37.68 -15.49
CA THR D 186 -13.48 39.03 -15.88
C THR D 186 -12.07 39.07 -16.44
N LYS D 187 -11.34 37.97 -16.31
CA LYS D 187 -9.93 37.95 -16.66
C LYS D 187 -9.56 37.73 -18.12
N ILE D 188 -10.54 37.57 -19.00
CA ILE D 188 -10.19 37.37 -20.41
C ILE D 188 -9.81 38.74 -20.97
N ARG D 189 -8.57 38.87 -21.39
CA ARG D 189 -8.06 40.15 -21.84
C ARG D 189 -8.68 40.67 -23.13
N PHE D 190 -8.81 39.80 -24.14
CA PHE D 190 -9.34 40.21 -25.44
C PHE D 190 -10.50 39.29 -25.83
N PRO D 191 -11.65 39.50 -25.21
CA PRO D 191 -12.83 38.63 -25.41
C PRO D 191 -13.28 38.55 -26.85
N ASP D 192 -13.04 39.60 -27.63
CA ASP D 192 -13.54 39.63 -28.99
C ASP D 192 -12.73 38.83 -29.98
N SER D 193 -11.51 38.43 -29.62
CA SER D 193 -10.69 37.66 -30.56
C SER D 193 -10.01 36.45 -29.93
N SER D 194 -10.56 35.95 -28.82
CA SER D 194 -9.91 34.81 -28.17
C SER D 194 -10.43 33.47 -28.65
N ALA D 195 -9.50 32.56 -28.89
CA ALA D 195 -9.79 31.15 -29.05
C ALA D 195 -9.83 30.66 -27.59
N ILE D 196 -10.53 29.55 -27.36
CA ILE D 196 -10.69 29.08 -26.01
C ILE D 196 -10.39 27.62 -25.97
N GLY D 197 -9.53 27.20 -25.05
CA GLY D 197 -9.23 25.79 -24.83
C GLY D 197 -9.68 25.42 -23.43
N ILE D 198 -10.00 24.16 -23.20
CA ILE D 198 -10.44 23.70 -21.88
C ILE D 198 -9.46 22.70 -21.29
N LYS D 199 -9.09 22.91 -20.04
CA LYS D 199 -8.17 21.99 -19.33
C LYS D 199 -8.87 21.23 -18.19
N PRO D 200 -9.28 19.98 -18.42
CA PRO D 200 -9.89 19.17 -17.37
C PRO D 200 -8.81 18.33 -16.66
N VAL D 201 -8.76 18.42 -15.33
CA VAL D 201 -7.84 17.58 -14.56
C VAL D 201 -8.66 17.11 -13.38
N SER D 202 -8.70 15.80 -13.16
CA SER D 202 -9.60 15.20 -12.18
C SER D 202 -8.93 14.48 -11.04
N THR D 203 -9.67 14.30 -9.96
CA THR D 203 -9.13 13.54 -8.85
C THR D 203 -8.95 12.11 -9.33
N GLU D 204 -9.91 11.60 -10.07
CA GLU D 204 -9.85 10.21 -10.53
C GLU D 204 -8.66 9.96 -11.44
N GLY D 205 -8.46 10.84 -12.40
CA GLY D 205 -7.36 10.68 -13.36
C GLY D 205 -6.02 10.85 -12.68
N SER D 206 -5.91 11.90 -11.88
CA SER D 206 -4.67 12.12 -11.16
C SER D 206 -4.34 10.96 -10.22
N GLU D 207 -5.31 10.47 -9.44
CA GLU D 207 -5.03 9.41 -8.47
C GLU D 207 -4.55 8.10 -9.06
N ARG D 208 -5.16 7.68 -10.17
CA ARG D 208 -4.76 6.42 -10.77
C ARG D 208 -3.33 6.43 -11.32
N LEU D 209 -2.92 7.58 -11.87
CA LEU D 209 -1.59 7.74 -12.45
C LEU D 209 -0.57 7.77 -11.33
N ILE D 210 -0.86 8.53 -10.29
CA ILE D 210 0.06 8.63 -9.15
C ILE D 210 0.19 7.30 -8.40
N ARG D 211 -0.92 6.58 -8.28
CA ARG D 211 -0.89 5.27 -7.64
C ARG D 211 0.06 4.34 -8.38
N ARG D 212 -0.08 4.32 -9.70
CA ARG D 212 0.79 3.50 -10.53
C ARG D 212 2.25 3.89 -10.36
N THR D 213 2.50 5.20 -10.28
CA THR D 213 3.85 5.71 -10.10
C THR D 213 4.45 5.23 -8.78
N ILE D 214 3.67 5.32 -7.70
CA ILE D 214 4.19 4.92 -6.40
C ILE D 214 4.39 3.39 -6.37
N GLN D 215 3.46 2.64 -6.94
CA GLN D 215 3.63 1.19 -7.00
C GLN D 215 4.94 0.85 -7.69
N TYR D 216 5.22 1.53 -8.80
CA TYR D 216 6.44 1.26 -9.56
C TYR D 216 7.68 1.61 -8.73
N ALA D 217 7.72 2.80 -8.16
CA ALA D 217 8.86 3.21 -7.36
C ALA D 217 9.16 2.22 -6.23
N LEU D 218 8.10 1.73 -5.55
CA LEU D 218 8.27 0.80 -4.45
C LEU D 218 8.76 -0.55 -4.95
N GLU D 219 8.17 -1.00 -6.04
CA GLU D 219 8.56 -2.31 -6.57
C GLU D 219 10.01 -2.31 -7.04
N HIS D 220 10.47 -1.19 -7.58
CA HIS D 220 11.82 -1.12 -8.09
C HIS D 220 12.86 -0.50 -7.14
N GLY D 221 12.47 -0.25 -5.91
CA GLY D 221 13.40 0.24 -4.90
C GLY D 221 13.96 1.62 -5.22
N LYS D 222 13.14 2.45 -5.87
CA LYS D 222 13.56 3.80 -6.21
C LYS D 222 13.52 4.70 -4.97
N PRO D 223 14.41 5.67 -4.91
CA PRO D 223 14.53 6.56 -3.74
C PRO D 223 13.41 7.60 -3.56
N SER D 224 12.85 8.11 -4.64
CA SER D 224 11.82 9.13 -4.53
C SER D 224 10.88 9.19 -5.71
N VAL D 225 9.71 9.79 -5.47
CA VAL D 225 8.78 10.15 -6.52
C VAL D 225 8.59 11.67 -6.39
N SER D 226 8.67 12.39 -7.50
CA SER D 226 8.52 13.84 -7.54
C SER D 226 7.26 14.17 -8.31
N LEU D 227 6.34 14.86 -7.64
CA LEU D 227 5.10 15.32 -8.25
C LEU D 227 5.39 16.65 -8.90
N VAL D 228 5.35 16.72 -10.21
CA VAL D 228 5.69 17.94 -10.93
C VAL D 228 4.44 18.68 -11.38
N HIS D 229 4.32 19.98 -11.06
CA HIS D 229 3.05 20.67 -11.28
C HIS D 229 3.27 22.18 -11.34
N LYS D 230 2.34 22.92 -11.92
CA LYS D 230 2.42 24.38 -11.87
C LYS D 230 1.21 24.84 -11.02
N GLY D 231 1.16 24.36 -9.78
CA GLY D 231 -0.01 24.49 -8.93
C GLY D 231 -0.19 25.83 -8.22
N ASN D 232 0.77 26.73 -8.40
CA ASN D 232 0.63 28.08 -7.86
C ASN D 232 -0.20 28.95 -8.82
N ILE D 233 -0.07 28.71 -10.12
CA ILE D 233 -0.86 29.45 -11.13
C ILE D 233 -2.15 28.70 -11.52
N MET D 234 -2.05 27.38 -11.69
CA MET D 234 -3.21 26.53 -12.00
C MET D 234 -3.52 25.76 -10.73
N LYS D 235 -4.20 26.43 -9.81
CA LYS D 235 -4.33 25.89 -8.45
C LYS D 235 -5.22 24.66 -8.31
N PHE D 236 -6.27 24.59 -9.12
CA PHE D 236 -7.28 23.55 -8.93
C PHE D 236 -7.05 22.33 -9.80
N THR D 237 -6.34 22.52 -10.93
CA THR D 237 -6.01 21.40 -11.80
C THR D 237 -4.64 20.86 -11.41
N GLU D 238 -3.59 21.62 -11.64
CA GLU D 238 -2.23 21.14 -11.35
C GLU D 238 -1.94 21.12 -9.83
N GLY D 239 -2.47 22.12 -9.13
CA GLY D 239 -2.35 22.16 -7.68
C GLY D 239 -3.14 20.98 -7.10
N GLY D 240 -4.27 20.65 -7.72
CA GLY D 240 -5.05 19.48 -7.30
C GLY D 240 -4.21 18.21 -7.47
N PHE D 241 -3.56 18.06 -8.63
CA PHE D 241 -2.69 16.93 -8.91
C PHE D 241 -1.72 16.74 -7.73
N ARG D 242 -1.07 17.82 -7.30
CA ARG D 242 -0.14 17.69 -6.20
C ARG D 242 -0.82 17.27 -4.88
N ASP D 243 -1.90 17.96 -4.52
CA ASP D 243 -2.53 17.70 -3.25
C ASP D 243 -3.20 16.31 -3.17
N TRP D 244 -3.86 15.92 -4.26
CA TRP D 244 -4.50 14.61 -4.34
C TRP D 244 -3.41 13.54 -4.28
N GLY D 245 -2.27 13.84 -4.88
CA GLY D 245 -1.13 12.94 -4.87
C GLY D 245 -0.59 12.65 -3.47
N TYR D 246 -0.40 13.71 -2.70
CA TYR D 246 0.12 13.53 -1.35
C TYR D 246 -0.90 12.78 -0.49
N ALA D 247 -2.18 13.13 -0.66
CA ALA D 247 -3.23 12.49 0.13
C ALA D 247 -3.31 11.01 -0.19
N LEU D 248 -3.25 10.68 -1.47
CA LEU D 248 -3.31 9.29 -1.87
C LEU D 248 -2.11 8.51 -1.36
N ALA D 249 -0.92 9.09 -1.50
CA ALA D 249 0.27 8.38 -1.06
C ALA D 249 0.16 8.00 0.41
N GLU D 250 -0.29 8.96 1.22
CA GLU D 250 -0.36 8.76 2.67
C GLU D 250 -1.43 7.76 3.14
N ARG D 251 -2.60 7.76 2.50
CA ARG D 251 -3.65 6.85 2.95
C ARG D 251 -3.55 5.46 2.33
N GLU D 252 -2.85 5.32 1.20
CA GLU D 252 -2.78 4.04 0.49
C GLU D 252 -1.46 3.28 0.67
N PHE D 253 -0.38 3.99 1.03
CA PHE D 253 0.93 3.38 1.19
C PHE D 253 1.58 3.79 2.51
N ALA D 254 0.75 3.92 3.53
CA ALA D 254 1.22 4.37 4.85
C ALA D 254 2.34 3.52 5.38
N GLY D 255 3.32 4.16 6.00
CA GLY D 255 4.44 3.41 6.56
C GLY D 255 5.56 3.14 5.57
N ARG D 256 5.24 3.07 4.28
CA ARG D 256 6.28 2.86 3.29
C ARG D 256 6.68 4.15 2.57
N VAL D 257 5.95 5.22 2.82
CA VAL D 257 6.31 6.49 2.23
C VAL D 257 6.46 7.57 3.28
N PHE D 258 7.15 8.64 2.89
CA PHE D 258 7.29 9.84 3.72
C PHE D 258 7.18 11.00 2.73
N THR D 259 6.25 11.90 2.98
CA THR D 259 6.02 12.98 2.05
C THR D 259 6.42 14.35 2.59
N TRP D 260 6.59 15.27 1.67
CA TRP D 260 6.90 16.64 2.03
C TRP D 260 5.68 17.32 2.65
N ARG D 261 4.48 16.78 2.43
CA ARG D 261 3.32 17.29 3.13
C ARG D 261 3.47 16.92 4.61
N GLN D 262 3.88 15.68 4.86
CA GLN D 262 4.17 15.27 6.24
C GLN D 262 5.32 16.09 6.82
N LYS D 263 6.34 16.31 6.01
CA LYS D 263 7.51 17.07 6.45
C LYS D 263 7.12 18.50 6.83
N ALA D 264 6.23 19.10 6.05
CA ALA D 264 5.77 20.46 6.31
C ALA D 264 5.00 20.55 7.63
N ALA D 265 4.13 19.57 7.88
CA ALA D 265 3.34 19.57 9.12
C ALA D 265 4.25 19.45 10.33
N ILE D 266 5.32 18.69 10.18
CA ILE D 266 6.27 18.51 11.27
C ILE D 266 7.05 19.80 11.49
N SER D 267 7.45 20.44 10.40
CA SER D 267 8.19 21.68 10.47
C SER D 267 7.38 22.76 11.18
N LYS D 268 6.08 22.80 10.88
CA LYS D 268 5.15 23.77 11.44
C LYS D 268 5.09 23.64 12.95
N ALA D 269 4.91 22.42 13.42
CA ALA D 269 4.75 22.19 14.85
C ALA D 269 6.04 22.12 15.66
N GLU D 270 7.16 21.78 15.03
CA GLU D 270 8.38 21.58 15.80
C GLU D 270 9.66 22.22 15.27
N GLY D 271 9.56 22.97 14.18
CA GLY D 271 10.75 23.62 13.64
C GLY D 271 11.33 22.95 12.40
N LYS D 272 11.95 23.77 11.54
CA LYS D 272 12.54 23.30 10.29
C LYS D 272 13.60 22.23 10.56
N ALA D 273 14.23 22.33 11.71
CA ALA D 273 15.25 21.40 12.12
C ALA D 273 14.64 20.00 12.30
N ALA D 274 13.48 19.97 12.93
CA ALA D 274 12.79 18.72 13.17
C ALA D 274 12.33 18.07 11.85
N GLY D 275 11.79 18.88 10.94
CA GLY D 275 11.34 18.40 9.64
C GLY D 275 12.47 17.74 8.86
N GLN D 276 13.63 18.40 8.86
CA GLN D 276 14.79 17.86 8.16
C GLN D 276 15.21 16.52 8.76
N LYS D 277 15.17 16.43 10.09
CA LYS D 277 15.52 15.20 10.80
C LYS D 277 14.56 14.06 10.47
N ALA D 278 13.28 14.38 10.44
CA ALA D 278 12.27 13.38 10.10
C ALA D 278 12.52 12.82 8.70
N GLU D 279 12.86 13.71 7.77
CA GLU D 279 13.13 13.28 6.41
C GLU D 279 14.34 12.36 6.41
N GLN D 280 15.35 12.75 7.18
CA GLN D 280 16.57 11.97 7.38
C GLN D 280 16.28 10.56 7.92
N GLN D 281 15.46 10.49 8.97
CA GLN D 281 15.11 9.20 9.59
C GLN D 281 14.31 8.34 8.59
N ALA D 282 13.39 8.97 7.86
CA ALA D 282 12.59 8.25 6.87
C ALA D 282 13.48 7.59 5.81
N ILE D 283 14.43 8.35 5.28
CA ILE D 283 15.32 7.83 4.26
C ILE D 283 16.14 6.68 4.85
N ALA D 284 16.59 6.85 6.08
CA ALA D 284 17.35 5.83 6.78
C ALA D 284 16.49 4.58 6.92
N ASP D 285 15.20 4.79 7.19
CA ASP D 285 14.22 3.73 7.40
C ASP D 285 13.81 2.98 6.14
N GLY D 286 14.33 3.40 4.99
CA GLY D 286 13.96 2.74 3.74
C GLY D 286 12.63 3.18 3.16
N LYS D 287 12.14 4.33 3.61
CA LYS D 287 10.88 4.85 3.07
C LYS D 287 11.11 5.58 1.74
N LEU D 288 10.12 5.46 0.87
CA LEU D 288 10.11 6.20 -0.39
C LEU D 288 9.74 7.65 -0.12
N ILE D 289 10.55 8.58 -0.60
CA ILE D 289 10.24 9.99 -0.43
C ILE D 289 9.27 10.47 -1.52
N ILE D 290 8.21 11.15 -1.13
CA ILE D 290 7.35 11.74 -2.14
C ILE D 290 7.50 13.25 -1.96
N LYS D 291 7.96 13.93 -3.00
CA LYS D 291 8.18 15.37 -2.92
C LYS D 291 7.50 16.03 -4.11
N ASP D 292 7.63 17.35 -4.24
CA ASP D 292 6.99 18.02 -5.37
C ASP D 292 7.84 19.21 -5.77
N VAL D 293 7.75 19.58 -7.04
CA VAL D 293 8.53 20.67 -7.58
C VAL D 293 7.66 21.44 -8.56
N ILE D 294 7.67 22.76 -8.46
CA ILE D 294 6.95 23.58 -9.41
C ILE D 294 7.65 23.43 -10.77
N ALA D 295 6.84 23.29 -11.80
CA ALA D 295 7.29 22.90 -13.13
C ALA D 295 8.43 23.66 -13.74
N ASP D 296 8.39 24.99 -13.67
CA ASP D 296 9.49 25.73 -14.22
C ASP D 296 10.80 25.43 -13.47
N ASN D 297 10.76 25.48 -12.14
CA ASN D 297 11.93 25.16 -11.33
C ASN D 297 12.37 23.72 -11.62
N PHE D 298 11.42 22.84 -11.85
CA PHE D 298 11.78 21.45 -12.13
C PHE D 298 12.69 21.35 -13.35
N LEU D 299 12.33 22.08 -14.40
CA LEU D 299 13.16 22.12 -15.60
C LEU D 299 14.57 22.62 -15.28
N GLN D 300 14.69 23.57 -14.37
CA GLN D 300 16.01 24.04 -13.95
C GLN D 300 16.75 22.94 -13.21
N GLN D 301 16.06 22.31 -12.25
CA GLN D 301 16.69 21.30 -11.40
C GLN D 301 17.15 20.03 -12.13
N ILE D 302 16.40 19.60 -13.15
CA ILE D 302 16.82 18.39 -13.86
C ILE D 302 18.07 18.61 -14.69
N LEU D 303 18.39 19.88 -14.91
CA LEU D 303 19.61 20.26 -15.64
C LEU D 303 20.77 20.54 -14.69
N LEU D 304 20.47 21.19 -13.56
CA LEU D 304 21.50 21.52 -12.57
C LEU D 304 21.90 20.32 -11.71
N ARG D 305 20.91 19.53 -11.33
CA ARG D 305 21.18 18.35 -10.49
C ARG D 305 20.21 17.21 -10.75
N PRO D 306 20.32 16.56 -11.89
CA PRO D 306 19.42 15.44 -12.20
C PRO D 306 19.59 14.29 -11.20
N GLU D 307 20.78 14.21 -10.58
CA GLU D 307 21.09 13.13 -9.63
C GLU D 307 20.11 13.08 -8.46
N ASP D 308 19.43 14.19 -8.23
CA ASP D 308 18.51 14.31 -7.10
C ASP D 308 17.11 13.80 -7.38
N TYR D 309 16.89 13.28 -8.59
CA TYR D 309 15.59 12.82 -9.02
C TYR D 309 15.61 11.41 -9.60
N SER D 310 14.53 10.69 -9.35
CA SER D 310 14.39 9.30 -9.78
C SER D 310 13.10 9.15 -10.57
N VAL D 311 12.01 8.90 -9.86
CA VAL D 311 10.72 8.70 -10.50
C VAL D 311 9.94 10.01 -10.43
N VAL D 312 9.30 10.34 -11.53
CA VAL D 312 8.51 11.56 -11.63
C VAL D 312 7.10 11.22 -11.98
N ALA D 313 6.15 11.89 -11.32
CA ALA D 313 4.74 11.78 -11.67
C ALA D 313 4.29 13.17 -12.07
N THR D 314 3.75 13.30 -13.27
CA THR D 314 3.28 14.61 -13.71
C THR D 314 2.09 14.50 -14.66
N LEU D 315 1.53 15.66 -15.02
CA LEU D 315 0.38 15.74 -15.88
C LEU D 315 0.77 15.55 -17.36
N ASN D 316 -0.23 15.52 -18.22
CA ASN D 316 -0.04 15.25 -19.64
C ASN D 316 0.93 16.23 -20.33
N LEU D 317 0.60 17.51 -20.29
CA LEU D 317 1.44 18.51 -20.96
C LEU D 317 2.82 18.58 -20.35
N ASN D 318 2.88 18.71 -19.03
CA ASN D 318 4.17 18.78 -18.32
C ASN D 318 5.07 17.59 -18.67
N GLY D 319 4.48 16.41 -18.66
CA GLY D 319 5.19 15.19 -18.97
C GLY D 319 5.79 15.25 -20.37
N ASP D 320 5.04 15.83 -21.29
CA ASP D 320 5.53 15.97 -22.67
C ASP D 320 6.79 16.84 -22.67
N TYR D 321 6.75 18.01 -22.04
CA TYR D 321 7.92 18.88 -22.09
C TYR D 321 9.12 18.27 -21.35
N VAL D 322 8.88 17.74 -20.16
CA VAL D 322 9.95 17.14 -19.35
C VAL D 322 10.66 15.96 -20.08
N SER D 323 9.88 15.19 -20.84
CA SER D 323 10.40 14.06 -21.60
C SER D 323 11.48 14.51 -22.59
N ASP D 324 11.19 15.57 -23.33
CA ASP D 324 12.14 16.06 -24.34
C ASP D 324 13.37 16.71 -23.73
N ALA D 325 13.21 17.42 -22.62
CA ALA D 325 14.38 18.05 -21.96
C ALA D 325 15.33 17.00 -21.40
N LEU D 326 14.77 16.01 -20.70
CA LEU D 326 15.59 14.95 -20.14
C LEU D 326 16.27 14.15 -21.24
N ALA D 327 15.51 13.81 -22.28
CA ALA D 327 16.09 13.06 -23.39
C ALA D 327 17.32 13.78 -23.98
N ALA D 328 17.23 15.11 -24.12
CA ALA D 328 18.34 15.88 -24.69
C ALA D 328 19.62 15.69 -23.89
N GLU D 329 19.49 15.54 -22.58
CA GLU D 329 20.66 15.34 -21.75
C GLU D 329 21.40 14.05 -22.09
N VAL D 330 20.69 13.06 -22.60
CA VAL D 330 21.30 11.79 -22.91
C VAL D 330 21.40 11.52 -24.41
N GLY D 331 21.41 12.58 -25.21
CA GLY D 331 21.61 12.41 -26.64
C GLY D 331 20.48 12.87 -27.51
N GLY D 332 19.32 13.11 -26.92
CA GLY D 332 18.16 13.54 -27.67
C GLY D 332 17.07 12.48 -27.75
N ILE D 333 15.98 12.83 -28.46
CA ILE D 333 14.82 11.94 -28.49
C ILE D 333 15.01 10.72 -29.40
N GLY D 334 16.21 10.57 -29.94
CA GLY D 334 16.56 9.36 -30.65
C GLY D 334 17.06 8.29 -29.69
N MET D 335 17.22 8.64 -28.42
CA MET D 335 17.63 7.72 -27.36
C MET D 335 16.56 7.74 -26.25
N ALA D 336 15.27 7.68 -26.64
CA ALA D 336 14.22 7.88 -25.65
C ALA D 336 12.99 7.01 -25.91
N PRO D 337 12.92 5.85 -25.26
CA PRO D 337 11.82 4.91 -25.44
C PRO D 337 10.60 5.25 -24.59
N GLY D 338 9.48 4.58 -24.84
CA GLY D 338 8.29 4.81 -24.05
C GLY D 338 7.24 3.74 -24.20
N ALA D 339 6.25 3.76 -23.31
CA ALA D 339 5.16 2.81 -23.41
C ALA D 339 3.91 3.53 -22.97
N ASN D 340 2.79 3.23 -23.63
CA ASN D 340 1.46 3.72 -23.23
C ASN D 340 0.74 2.53 -22.59
N LEU D 341 0.38 2.65 -21.32
CA LEU D 341 -0.14 1.48 -20.61
C LEU D 341 -1.47 1.77 -19.94
N SER D 342 -2.33 0.77 -19.94
CA SER D 342 -3.52 0.78 -19.11
C SER D 342 -3.22 -0.29 -18.05
N ASP D 343 -4.24 -0.84 -17.41
CA ASP D 343 -4.02 -1.92 -16.47
C ASP D 343 -3.93 -3.28 -17.19
N THR D 344 -4.28 -3.30 -18.48
CA THR D 344 -4.29 -4.56 -19.26
C THR D 344 -3.61 -4.48 -20.61
N HIS D 345 -3.55 -3.28 -21.20
CA HIS D 345 -3.04 -3.14 -22.58
C HIS D 345 -1.79 -2.29 -22.63
N ALA D 346 -1.07 -2.37 -23.74
CA ALA D 346 0.17 -1.66 -23.84
C ALA D 346 0.49 -1.36 -25.29
N ILE D 347 0.82 -0.11 -25.56
CA ILE D 347 1.34 0.26 -26.89
C ILE D 347 2.69 0.92 -26.70
N PHE D 348 3.73 0.22 -27.15
CA PHE D 348 5.09 0.73 -27.04
C PHE D 348 5.39 1.68 -28.20
N GLU D 349 6.12 2.76 -27.89
CA GLU D 349 6.32 3.82 -28.85
C GLU D 349 7.42 4.77 -28.41
N ALA D 350 8.20 5.26 -29.37
CA ALA D 350 9.28 6.19 -29.07
C ALA D 350 8.73 7.55 -28.67
N THR D 351 9.55 8.33 -27.97
CA THR D 351 9.16 9.67 -27.61
C THR D 351 9.09 10.58 -28.84
N HIS D 352 9.93 10.33 -29.83
CA HIS D 352 10.05 11.21 -30.99
C HIS D 352 8.90 11.18 -32.00
N GLY D 353 8.90 12.19 -32.86
CA GLY D 353 7.91 12.31 -33.91
C GLY D 353 8.37 11.77 -35.24
N THR D 354 7.80 12.30 -36.30
CA THR D 354 8.03 11.75 -37.64
C THR D 354 9.26 12.34 -38.30
N ALA D 355 9.85 13.35 -37.66
CA ALA D 355 11.09 13.95 -38.14
C ALA D 355 11.14 14.29 -39.62
N PRO D 356 10.25 15.17 -40.09
CA PRO D 356 10.16 15.48 -41.52
C PRO D 356 11.47 15.99 -42.10
N ASP D 357 12.33 16.59 -41.29
CA ASP D 357 13.59 17.08 -41.83
C ASP D 357 14.55 15.97 -42.31
N ILE D 358 14.36 14.74 -41.85
CA ILE D 358 15.25 13.62 -42.26
C ILE D 358 14.48 12.40 -42.77
N ALA D 359 13.16 12.50 -42.81
CA ALA D 359 12.32 11.40 -43.20
C ALA D 359 12.66 10.97 -44.64
N GLY D 360 12.79 9.67 -44.87
CA GLY D 360 13.09 9.16 -46.19
C GLY D 360 14.55 9.29 -46.60
N GLN D 361 15.42 9.68 -45.67
CA GLN D 361 16.84 9.83 -45.99
C GLN D 361 17.70 8.74 -45.32
N GLY D 362 17.07 7.81 -44.61
CA GLY D 362 17.82 6.73 -43.97
C GLY D 362 18.85 7.23 -42.94
N LYS D 363 18.49 8.29 -42.23
CA LYS D 363 19.37 8.87 -41.22
C LYS D 363 18.92 8.64 -39.79
N ALA D 364 17.62 8.50 -39.58
CA ALA D 364 17.05 8.40 -38.22
C ALA D 364 17.71 7.42 -37.29
N ASN D 365 17.78 7.80 -36.00
CA ASN D 365 18.28 6.93 -34.97
C ASN D 365 17.17 5.97 -34.57
N PRO D 366 17.34 4.67 -34.79
CA PRO D 366 16.28 3.73 -34.41
C PRO D 366 16.38 3.35 -32.94
N SER D 367 17.33 3.91 -32.19
CA SER D 367 17.52 3.49 -30.80
C SER D 367 16.25 3.67 -29.94
N SER D 368 15.56 4.81 -30.07
CA SER D 368 14.34 4.99 -29.27
C SER D 368 13.35 3.86 -29.48
N LEU D 369 13.07 3.54 -30.74
CA LEU D 369 12.09 2.51 -31.01
C LEU D 369 12.62 1.15 -30.59
N ILE D 370 13.93 0.93 -30.78
CA ILE D 370 14.51 -0.35 -30.36
C ILE D 370 14.40 -0.49 -28.86
N LEU D 371 14.63 0.60 -28.14
CA LEU D 371 14.56 0.53 -26.69
C LEU D 371 13.12 0.40 -26.20
N SER D 372 12.17 0.89 -26.99
CA SER D 372 10.77 0.69 -26.64
C SER D 372 10.42 -0.79 -26.82
N ALA D 373 11.04 -1.42 -27.82
CA ALA D 373 10.87 -2.87 -28.02
C ALA D 373 11.55 -3.68 -26.91
N VAL D 374 12.63 -3.16 -26.34
CA VAL D 374 13.22 -3.77 -25.14
C VAL D 374 12.18 -3.71 -24.00
N MET D 375 11.53 -2.56 -23.83
CA MET D 375 10.45 -2.45 -22.81
C MET D 375 9.35 -3.48 -23.12
N MET D 376 9.03 -3.67 -24.40
CA MET D 376 8.01 -4.65 -24.79
C MET D 376 8.46 -6.09 -24.48
N LEU D 377 9.72 -6.41 -24.76
CA LEU D 377 10.23 -7.74 -24.44
C LEU D 377 10.19 -7.97 -22.94
N GLU D 378 10.52 -6.94 -22.16
CA GLU D 378 10.42 -7.06 -20.69
C GLU D 378 9.00 -7.31 -20.27
N HIS D 379 8.06 -6.60 -20.90
CA HIS D 379 6.61 -6.76 -20.65
C HIS D 379 6.19 -8.21 -20.94
N LEU D 380 6.76 -8.79 -21.98
CA LEU D 380 6.45 -10.19 -22.36
C LEU D 380 7.22 -11.22 -21.53
N GLY D 381 8.13 -10.77 -20.66
CA GLY D 381 8.93 -11.70 -19.87
C GLY D 381 10.10 -12.32 -20.61
N TRP D 382 10.43 -11.75 -21.78
CA TRP D 382 11.55 -12.24 -22.56
C TRP D 382 12.79 -11.44 -22.20
N GLY D 383 13.24 -11.61 -20.95
CA GLY D 383 14.33 -10.83 -20.40
C GLY D 383 15.68 -11.07 -21.02
N GLU D 384 15.98 -12.31 -21.37
CA GLU D 384 17.26 -12.60 -21.99
C GLU D 384 17.39 -11.87 -23.34
N ALA D 385 16.32 -11.84 -24.12
CA ALA D 385 16.37 -11.14 -25.41
C ALA D 385 16.48 -9.63 -25.14
N ALA D 386 15.74 -9.13 -24.16
CA ALA D 386 15.85 -7.71 -23.81
C ALA D 386 17.28 -7.37 -23.40
N GLN D 387 17.88 -8.20 -22.55
CA GLN D 387 19.24 -7.87 -22.08
C GLN D 387 20.27 -7.89 -23.17
N ALA D 388 20.08 -8.80 -24.12
CA ALA D 388 21.00 -8.94 -25.22
C ALA D 388 20.98 -7.69 -26.09
N ILE D 389 19.79 -7.13 -26.30
CA ILE D 389 19.68 -5.90 -27.10
C ILE D 389 20.32 -4.74 -26.36
N VAL D 390 20.07 -4.64 -25.06
CA VAL D 390 20.67 -3.55 -24.28
C VAL D 390 22.19 -3.66 -24.27
N ALA D 391 22.68 -4.87 -24.15
CA ALA D 391 24.12 -5.06 -24.12
C ALA D 391 24.76 -4.66 -25.45
N ALA D 392 24.12 -5.06 -26.54
CA ALA D 392 24.62 -4.70 -27.87
C ALA D 392 24.57 -3.19 -28.06
N MET D 393 23.49 -2.57 -27.60
CA MET D 393 23.32 -1.11 -27.66
C MET D 393 24.46 -0.44 -26.89
N ASN D 394 24.73 -0.88 -25.67
CA ASN D 394 25.82 -0.28 -24.90
C ASN D 394 27.16 -0.36 -25.67
N ALA D 395 27.45 -1.53 -26.22
CA ALA D 395 28.73 -1.75 -26.89
C ALA D 395 28.88 -1.00 -28.23
N THR D 396 27.75 -0.79 -28.90
CA THR D 396 27.77 -0.12 -30.19
C THR D 396 28.04 1.36 -29.96
N ILE D 397 27.27 1.94 -29.06
CA ILE D 397 27.46 3.35 -28.72
C ILE D 397 28.85 3.53 -28.08
N ALA D 398 29.26 2.58 -27.26
CA ALA D 398 30.59 2.72 -26.61
C ALA D 398 31.71 2.68 -27.63
N ALA D 399 31.47 2.02 -28.76
CA ALA D 399 32.47 1.93 -29.82
C ALA D 399 32.47 3.15 -30.75
N GLY D 400 31.57 4.10 -30.53
CA GLY D 400 31.52 5.29 -31.38
C GLY D 400 30.75 5.06 -32.68
N GLU D 401 29.98 3.97 -32.72
CA GLU D 401 29.15 3.63 -33.86
C GLU D 401 27.73 4.17 -33.56
N VAL D 402 27.42 5.33 -34.17
CA VAL D 402 26.18 6.05 -33.90
C VAL D 402 25.65 6.74 -35.15
N THR D 403 24.36 7.09 -35.12
CA THR D 403 23.69 7.82 -36.19
C THR D 403 23.99 9.31 -36.10
N GLY D 404 23.56 10.04 -37.13
CA GLY D 404 23.87 11.47 -37.30
C GLY D 404 23.44 12.40 -36.18
N ASP D 405 22.34 12.06 -35.53
CA ASP D 405 21.87 12.90 -34.42
C ASP D 405 22.88 12.93 -33.29
N LEU D 406 23.54 11.80 -33.05
CA LEU D 406 24.51 11.71 -32.01
C LEU D 406 25.85 12.21 -32.50
N ALA D 407 26.19 11.83 -33.74
CA ALA D 407 27.46 12.28 -34.28
C ALA D 407 27.59 13.80 -34.29
N ALA D 408 26.46 14.48 -34.52
CA ALA D 408 26.45 15.94 -34.59
C ALA D 408 26.82 16.64 -33.26
N LEU D 409 26.70 15.93 -32.16
CA LEU D 409 26.92 16.51 -30.84
C LEU D 409 28.38 16.58 -30.42
N ARG D 410 29.23 15.88 -31.17
CA ARG D 410 30.64 15.74 -30.83
C ARG D 410 31.50 15.96 -32.06
N GLY D 411 32.76 16.35 -31.85
CA GLY D 411 33.65 16.57 -32.98
C GLY D 411 34.34 15.29 -33.40
N ASP D 412 34.44 15.08 -34.71
CA ASP D 412 35.13 13.93 -35.28
C ASP D 412 34.51 12.56 -34.97
N VAL D 413 33.20 12.50 -35.09
CA VAL D 413 32.50 11.25 -34.92
C VAL D 413 31.75 11.05 -36.23
N PRO D 414 32.01 9.93 -36.88
CA PRO D 414 31.34 9.58 -38.15
C PRO D 414 29.83 9.27 -37.94
N ALA D 415 28.99 9.58 -38.93
CA ALA D 415 27.55 9.30 -38.84
C ALA D 415 27.17 8.09 -39.68
N LEU D 416 26.65 7.08 -39.00
CA LEU D 416 26.14 5.89 -39.67
C LEU D 416 24.68 6.11 -40.06
N SER D 417 24.28 5.50 -41.17
CA SER D 417 22.89 5.54 -41.59
C SER D 417 22.09 4.66 -40.67
N THR D 418 20.77 4.74 -40.75
CA THR D 418 19.97 3.89 -39.92
C THR D 418 20.35 2.42 -40.12
N THR D 419 20.51 2.01 -41.37
CA THR D 419 20.79 0.59 -41.61
C THR D 419 22.19 0.16 -41.17
N GLU D 420 23.17 1.04 -41.33
CA GLU D 420 24.53 0.72 -40.92
C GLU D 420 24.59 0.59 -39.40
N PHE D 421 23.86 1.46 -38.73
CA PHE D 421 23.77 1.38 -37.27
C PHE D 421 23.13 0.08 -36.83
N THR D 422 22.00 -0.27 -37.44
CA THR D 422 21.31 -1.50 -37.13
C THR D 422 22.21 -2.73 -37.31
N ALA D 423 22.92 -2.78 -38.44
CA ALA D 423 23.82 -3.91 -38.68
C ALA D 423 24.93 -4.00 -37.64
N ALA D 424 25.45 -2.85 -37.22
CA ALA D 424 26.53 -2.79 -36.25
C ALA D 424 26.06 -3.32 -34.92
N LEU D 425 24.83 -2.98 -34.59
CA LEU D 425 24.26 -3.47 -33.36
C LEU D 425 24.11 -4.98 -33.44
N ILE D 426 23.50 -5.45 -34.52
CA ILE D 426 23.23 -6.88 -34.67
C ILE D 426 24.49 -7.70 -34.67
N ARG D 427 25.56 -7.20 -35.28
CA ARG D 427 26.77 -7.99 -35.31
C ARG D 427 27.31 -8.23 -33.88
N ARG D 428 26.81 -7.49 -32.91
CA ARG D 428 27.22 -7.71 -31.53
C ARG D 428 26.45 -8.83 -30.78
N PHE D 429 25.38 -9.37 -31.37
CA PHE D 429 24.70 -10.48 -30.70
C PHE D 429 25.61 -11.72 -30.65
#